data_5ZQ6
#
_entry.id   5ZQ6
#
_cell.length_a   92.322
_cell.length_b   128.003
_cell.length_c   191.065
_cell.angle_alpha   90.00
_cell.angle_beta   90.00
_cell.angle_gamma   90.00
#
_symmetry.space_group_name_H-M   'P 21 21 21'
#
loop_
_entity.id
_entity.type
_entity.pdbx_description
1 polymer SidE
2 polymer Ubiquitin
3 non-polymer "ADENOSINE-5'-DIPHOSPHATE"
#
loop_
_entity_poly.entity_id
_entity_poly.type
_entity_poly.pdbx_seq_one_letter_code
_entity_poly.pdbx_strand_id
1 'polypeptide(L)'
;(MSE)SVPTWNGFSLYTDETVRNAARYAYDNYLGKPYTGTVEATPVNFGGQ(MSE)VYRQHHGLAHTLRT(MSE)AYAEI
IVEEARKAKLRGESLKTFADGRTLADVTPEELRKI(MSE)IAQAFFVTGRDDEESSKNYEKYHEQSRDAFLKYVEENKST
LIPDVFKDEKDVKFYADVIEDKDHKWADSPAHVLVNQGH(MSE)VDLVRVKQPPESYLEYYFSQLQPWIGSTATEAVFAT
QRQFFHATYEAVAGFDSENKEPHLVVDGLGRYVIGQDGNPIREESDDEDEEESGELKFFSQKKKLEENQRY(MSE)RVDE
YLKLDEVQKRFPGAGKKLDGGLPGLKEYQYLQRLNSINRARCENDVDFCLGQLQTAHHQTKITPIKRAFQSSSEKARRQP
N(MSE)DEIAAARIVQQI(MSE)ANPDCIHDDHVFLNGQKLEEKFFRDLLAKCD(MSE)AIVGSLLNDTDIRNIDTL
(MSE)QHERNTEFHSTDAKAKPVKLGETWEKTIRSGGGVTQIKHDLIFL(MSE)QNDAWYHTRVNAIAQNRDKDSTFKEV
LITAL(MSE)TPLTNKSL(MSE)DTSRSPAPKTLFRGLDLSEEFKNKLINQAETIIANTTEHLFTDLSTEAFKQIKLNDF
SQVSARTCASTSTNIEVPRTIFGSNTIFEILDPDGLLHPKQVGTHVSGSESEYSIYLPEDVALVPIKVSFDGKTGKGKDR
HIFTLVAVKSPDFTPRHESGYAVGPLLK(MSE)QTPKLEEIQRLVEQAREEPDLERVFNLQSRVARQAKFSTESGYKTFL
NEKVAPVLEQSLNGLLDNNVTILGKVLSAFPSDGQWSAFNSVEARQ(MSE)KIQ(MSE)DAIKQ(MSE)VEKKAVLEGQI
LPALAQCQNALEKQNIAGALQALRNIPSLEHHHHHH
;
A,C
2 'polypeptide(L)' GGSMQIFVKTLTGKTITLEVEPSDTIENVKAKIQDKEGIPPDQQALIFAGKQLEDGRTLSDYNIQKESTLHLVLRLRGG B,D
#
loop_
_chem_comp.id
_chem_comp.type
_chem_comp.name
_chem_comp.formula
ADP non-polymer ADENOSINE-5'-DIPHOSPHATE 'C10 H15 N5 O10 P2'
#
# COMPACT_ATOMS: atom_id res chain seq x y z
N SER A 2 11.30 67.29 21.72
CA SER A 2 11.60 68.62 22.24
C SER A 2 11.54 68.65 23.77
N VAL A 3 11.44 67.47 24.39
CA VAL A 3 11.35 67.31 25.83
C VAL A 3 12.59 66.56 26.30
N PRO A 4 13.39 67.11 27.22
CA PRO A 4 14.64 66.46 27.58
C PRO A 4 14.41 65.21 28.43
N THR A 5 15.32 64.25 28.27
CA THR A 5 15.25 63.02 29.06
C THR A 5 15.68 63.28 30.49
N TRP A 6 14.94 62.70 31.44
CA TRP A 6 15.29 62.84 32.84
C TRP A 6 16.58 62.10 33.17
N ASN A 7 17.18 62.47 34.30
CA ASN A 7 18.44 61.88 34.74
C ASN A 7 18.29 60.98 35.97
N GLY A 8 17.06 60.70 36.40
CA GLY A 8 16.85 59.89 37.58
C GLY A 8 16.82 60.65 38.89
N PHE A 9 16.73 61.98 38.85
CA PHE A 9 16.59 62.76 40.08
C PHE A 9 15.27 62.43 40.74
N SER A 10 15.33 61.91 41.96
CA SER A 10 14.12 61.57 42.70
C SER A 10 14.19 62.20 44.08
N LEU A 11 13.02 62.63 44.56
CA LEU A 11 12.93 63.06 45.94
C LEU A 11 13.39 61.97 46.89
N TYR A 12 13.27 60.70 46.46
CA TYR A 12 13.47 59.56 47.33
C TYR A 12 14.88 58.99 47.26
N THR A 13 15.72 59.48 46.36
CA THR A 13 17.09 59.04 46.26
C THR A 13 18.08 60.16 46.43
N ASP A 14 17.69 61.39 46.12
CA ASP A 14 18.60 62.53 46.25
C ASP A 14 18.94 62.75 47.71
N GLU A 15 20.24 62.86 47.98
CA GLU A 15 20.68 63.03 49.35
C GLU A 15 20.43 64.45 49.85
N THR A 16 20.70 65.45 49.02
CA THR A 16 20.64 66.84 49.45
C THR A 16 19.26 67.19 50.00
N VAL A 17 18.21 66.82 49.28
CA VAL A 17 16.85 67.16 49.69
C VAL A 17 16.51 66.48 51.01
N ARG A 18 16.90 65.22 51.15
CA ARG A 18 16.68 64.48 52.38
C ARG A 18 17.39 65.18 53.54
N ASN A 19 18.62 65.62 53.30
CA ASN A 19 19.35 66.33 54.34
C ASN A 19 18.60 67.59 54.74
N ALA A 20 18.03 68.29 53.76
CA ALA A 20 17.28 69.51 54.06
C ALA A 20 16.03 69.19 54.87
N ALA A 21 15.37 68.07 54.58
CA ALA A 21 14.20 67.68 55.38
C ALA A 21 14.58 67.27 56.81
N ARG A 22 15.69 66.51 56.96
CA ARG A 22 16.22 66.23 58.30
C ARG A 22 16.50 67.52 59.06
N TYR A 23 17.15 68.48 58.41
CA TYR A 23 17.43 69.75 59.07
C TYR A 23 16.14 70.44 59.51
N ALA A 24 15.16 70.49 58.61
CA ALA A 24 13.92 71.17 58.95
C ALA A 24 13.22 70.50 60.12
N TYR A 25 13.23 69.16 60.16
CA TYR A 25 12.60 68.45 61.27
C TYR A 25 13.39 68.64 62.56
N ASP A 26 14.69 68.34 62.52
CA ASP A 26 15.55 68.46 63.70
C ASP A 26 15.62 69.89 64.25
N ASN A 27 15.30 70.87 63.43
CA ASN A 27 15.44 72.26 63.82
C ASN A 27 14.12 72.94 64.18
N TYR A 28 13.08 72.67 63.40
CA TYR A 28 11.79 73.33 63.60
C TYR A 28 10.62 72.37 63.69
N LEU A 29 10.51 71.47 62.71
CA LEU A 29 9.36 70.58 62.63
C LEU A 29 9.14 69.75 63.90
N GLY A 30 10.21 69.13 64.39
CA GLY A 30 10.11 68.24 65.52
C GLY A 30 10.02 68.96 66.85
N LYS A 31 10.20 70.26 66.83
CA LYS A 31 10.16 71.05 68.04
C LYS A 31 8.73 71.54 68.28
N PRO A 32 8.35 71.73 69.54
CA PRO A 32 6.95 72.07 69.83
C PRO A 32 6.61 73.50 69.43
N TYR A 33 5.34 73.71 69.17
CA TYR A 33 4.84 75.04 68.86
C TYR A 33 5.02 75.94 70.08
N THR A 34 5.79 77.02 69.90
CA THR A 34 5.97 78.00 70.96
C THR A 34 4.83 79.00 71.04
N GLY A 35 3.77 78.80 70.25
CA GLY A 35 2.63 79.70 70.22
C GLY A 35 1.43 79.16 70.98
N THR A 36 0.25 79.65 70.59
CA THR A 36 -0.98 79.37 71.32
C THR A 36 -1.90 78.43 70.57
N VAL A 37 -2.37 78.83 69.37
CA VAL A 37 -3.41 78.09 68.67
C VAL A 37 -2.93 76.68 68.34
N GLU A 38 -3.59 75.68 68.94
CA GLU A 38 -3.33 74.25 68.69
C GLU A 38 -1.87 73.85 68.97
N ALA A 39 -1.16 74.61 69.81
CA ALA A 39 0.19 74.23 70.21
C ALA A 39 0.23 72.94 71.02
N THR A 40 -0.92 72.51 71.55
CA THR A 40 -0.98 71.31 72.37
C THR A 40 -0.56 70.08 71.56
N PRO A 41 0.53 69.40 71.92
CA PRO A 41 1.00 68.26 71.13
C PRO A 41 -0.01 67.11 71.19
N VAL A 42 0.16 66.16 70.26
CA VAL A 42 -0.72 65.01 70.18
C VAL A 42 0.13 63.75 70.18
N ASN A 43 -0.46 62.63 70.60
CA ASN A 43 0.26 61.37 70.69
C ASN A 43 -0.43 60.34 69.81
N PHE A 44 0.37 59.61 69.04
CA PHE A 44 -0.09 58.56 68.14
C PHE A 44 0.63 57.27 68.54
N GLY A 45 -0.14 56.29 69.03
CA GLY A 45 0.43 55.04 69.48
C GLY A 45 1.58 55.20 70.47
N GLY A 46 1.52 56.24 71.29
CA GLY A 46 2.52 56.46 72.31
C GLY A 46 3.58 57.49 71.95
N GLN A 47 3.75 57.82 70.66
CA GLN A 47 4.77 58.77 70.24
C GLN A 47 4.22 60.18 70.12
N MSE A 48 5.02 61.16 70.51
CA MSE A 48 4.61 62.56 70.42
C MSE A 48 4.80 63.10 69.01
O MSE A 48 5.84 62.86 68.38
CB MSE A 48 5.37 63.44 71.43
CG MSE A 48 5.34 62.92 72.84
SE MSE A 48 6.57 63.90 73.95
CE MSE A 48 5.40 65.31 74.59
N VAL A 49 3.78 63.79 68.54
CA VAL A 49 3.82 64.63 67.35
C VAL A 49 3.46 66.04 67.79
N TYR A 50 4.42 66.96 67.65
CA TYR A 50 4.21 68.33 68.11
C TYR A 50 3.45 69.16 67.07
N ARG A 51 3.92 69.09 65.83
CA ARG A 51 3.25 69.73 64.72
C ARG A 51 2.55 68.60 63.99
N GLN A 52 1.23 68.72 63.86
CA GLN A 52 0.44 67.64 63.28
C GLN A 52 -0.15 68.00 61.93
N HIS A 53 -0.61 69.23 61.76
CA HIS A 53 -1.18 69.66 60.48
C HIS A 53 -0.12 70.22 59.56
N HIS A 54 0.96 70.77 60.11
CA HIS A 54 2.00 71.43 59.35
C HIS A 54 3.37 70.99 59.87
N GLY A 55 3.61 69.69 59.80
CA GLY A 55 4.85 69.15 60.29
C GLY A 55 5.67 68.48 59.21
N LEU A 56 6.38 67.41 59.57
CA LEU A 56 7.29 66.79 58.62
C LEU A 56 6.53 66.13 57.48
N ALA A 57 5.53 65.31 57.80
CA ALA A 57 4.82 64.59 56.75
C ALA A 57 4.24 65.56 55.74
N HIS A 58 3.63 66.66 56.22
CA HIS A 58 3.06 67.64 55.30
C HIS A 58 4.12 68.18 54.35
N THR A 59 5.29 68.53 54.89
CA THR A 59 6.36 69.10 54.07
C THR A 59 6.84 68.10 53.02
N LEU A 60 7.14 66.87 53.46
CA LEU A 60 7.54 65.84 52.52
C LEU A 60 6.47 65.58 51.45
N ARG A 61 5.19 65.60 51.84
CA ARG A 61 4.12 65.45 50.86
C ARG A 61 4.13 66.58 49.84
N THR A 62 4.37 67.83 50.28
CA THR A 62 4.45 68.94 49.32
C THR A 62 5.59 68.71 48.33
N MSE A 63 6.72 68.19 48.82
CA MSE A 63 7.85 67.89 47.94
C MSE A 63 7.45 66.81 46.91
O MSE A 63 7.76 66.92 45.70
CB MSE A 63 9.03 67.44 48.78
CG MSE A 63 9.14 68.29 50.04
SE MSE A 63 10.86 68.21 50.93
CE MSE A 63 10.43 68.71 52.73
N ALA A 64 6.76 65.78 47.39
CA ALA A 64 6.28 64.72 46.49
C ALA A 64 5.30 65.28 45.47
N TYR A 65 4.44 66.22 45.90
CA TYR A 65 3.54 66.89 44.97
C TYR A 65 4.33 67.57 43.89
N ALA A 66 5.37 68.34 44.26
CA ALA A 66 6.15 69.06 43.26
C ALA A 66 6.79 68.08 42.27
N GLU A 67 7.32 66.96 42.77
CA GLU A 67 7.92 65.97 41.88
C GLU A 67 6.90 65.48 40.86
N ILE A 68 5.74 65.01 41.34
CA ILE A 68 4.79 64.42 40.40
C ILE A 68 4.16 65.48 39.52
N ILE A 69 4.12 66.74 39.96
CA ILE A 69 3.59 67.80 39.10
C ILE A 69 4.52 68.01 37.92
N VAL A 70 5.83 68.08 38.20
CA VAL A 70 6.78 68.22 37.10
C VAL A 70 6.69 67.01 36.19
N GLU A 71 6.62 65.79 36.78
CA GLU A 71 6.52 64.57 35.97
C GLU A 71 5.34 64.64 35.03
N GLU A 72 4.16 64.91 35.59
CA GLU A 72 2.95 64.90 34.81
C GLU A 72 2.94 66.02 33.79
N ALA A 73 3.63 67.13 34.09
CA ALA A 73 3.81 68.19 33.10
C ALA A 73 4.64 67.71 31.93
N ARG A 74 5.74 67.02 32.23
CA ARG A 74 6.57 66.47 31.17
C ARG A 74 5.76 65.51 30.30
N LYS A 75 5.01 64.59 30.91
CA LYS A 75 4.19 63.65 30.13
C LYS A 75 3.16 64.37 29.27
N ALA A 76 2.48 65.39 29.84
CA ALA A 76 1.45 66.10 29.11
C ALA A 76 2.02 66.85 27.92
N LYS A 77 3.18 67.49 28.11
CA LYS A 77 3.86 68.11 26.97
C LYS A 77 4.23 67.07 25.92
N LEU A 78 4.65 65.87 26.35
CA LEU A 78 4.99 64.83 25.39
C LEU A 78 3.77 64.33 24.63
N ARG A 79 2.59 64.40 25.25
CA ARG A 79 1.34 64.03 24.58
C ARG A 79 0.87 65.12 23.64
N GLY A 80 1.57 66.24 23.57
CA GLY A 80 1.22 67.33 22.68
C GLY A 80 0.36 68.40 23.30
N GLU A 81 0.19 68.38 24.62
CA GLU A 81 -0.68 69.34 25.29
C GLU A 81 0.01 70.69 25.39
N SER A 82 -0.78 71.75 25.19
CA SER A 82 -0.27 73.11 25.33
C SER A 82 -0.46 73.53 26.79
N LEU A 83 0.65 73.89 27.42
CA LEU A 83 0.68 74.20 28.84
C LEU A 83 0.89 75.70 29.04
N LYS A 84 0.37 76.21 30.17
CA LYS A 84 0.48 77.64 30.45
C LYS A 84 1.94 78.01 30.66
N THR A 85 2.36 79.06 29.99
CA THR A 85 3.73 79.51 30.01
C THR A 85 3.91 80.62 31.03
N PHE A 86 5.11 80.66 31.61
CA PHE A 86 5.54 81.80 32.41
C PHE A 86 6.06 82.90 31.48
N ALA A 87 6.50 84.03 32.07
CA ALA A 87 6.92 85.18 31.26
C ALA A 87 8.06 84.83 30.30
N ASP A 88 9.00 83.99 30.75
CA ASP A 88 10.13 83.57 29.92
C ASP A 88 9.75 82.48 28.90
N GLY A 89 8.47 82.16 28.74
CA GLY A 89 8.02 81.19 27.76
C GLY A 89 8.08 79.76 28.23
N ARG A 90 8.60 79.52 29.44
CA ARG A 90 8.77 78.17 29.94
C ARG A 90 7.48 77.66 30.59
N THR A 91 7.25 76.36 30.46
CA THR A 91 6.16 75.70 31.16
C THR A 91 6.76 74.83 32.25
N LEU A 92 5.89 74.31 33.12
CA LEU A 92 6.38 73.46 34.20
C LEU A 92 7.16 72.27 33.66
N ALA A 93 6.87 71.86 32.40
CA ALA A 93 7.60 70.76 31.77
C ALA A 93 9.10 71.05 31.65
N ASP A 94 9.48 72.32 31.53
CA ASP A 94 10.85 72.76 31.31
C ASP A 94 11.67 72.81 32.60
N VAL A 95 11.11 72.33 33.71
CA VAL A 95 11.83 72.37 34.99
C VAL A 95 12.94 71.33 34.95
N THR A 96 14.19 71.79 35.20
CA THR A 96 15.33 70.89 35.26
C THR A 96 15.39 70.16 36.60
N PRO A 97 16.06 69.01 36.64
CA PRO A 97 16.24 68.34 37.93
C PRO A 97 17.00 69.17 38.96
N GLU A 98 17.98 69.97 38.51
CA GLU A 98 18.67 70.88 39.41
C GLU A 98 17.70 71.89 40.00
N GLU A 99 16.88 72.49 39.12
CA GLU A 99 15.88 73.45 39.57
C GLU A 99 14.91 72.81 40.55
N LEU A 100 14.46 71.58 40.25
CA LEU A 100 13.54 70.87 41.14
C LEU A 100 14.19 70.58 42.49
N ARG A 101 15.49 70.26 42.50
CA ARG A 101 16.18 70.09 43.77
C ARG A 101 16.15 71.38 44.59
N LYS A 102 16.49 72.52 43.95
CA LYS A 102 16.41 73.80 44.66
C LYS A 102 15.00 74.05 45.17
N ILE A 103 13.99 73.80 44.33
CA ILE A 103 12.61 74.07 44.71
C ILE A 103 12.20 73.21 45.90
N MSE A 104 12.62 71.95 45.92
CA MSE A 104 12.24 71.05 47.00
C MSE A 104 12.94 71.46 48.31
O MSE A 104 12.34 71.45 49.39
CB MSE A 104 12.58 69.62 46.61
CG MSE A 104 11.59 69.03 45.63
SE MSE A 104 12.16 67.22 45.25
CE MSE A 104 10.63 66.66 44.26
N ILE A 105 14.21 71.84 48.18
CA ILE A 105 14.92 72.35 49.35
C ILE A 105 14.17 73.54 49.95
N ALA A 106 13.71 74.45 49.09
CA ALA A 106 12.88 75.55 49.57
C ALA A 106 11.60 75.02 50.21
N GLN A 107 10.93 74.08 49.54
CA GLN A 107 9.70 73.51 50.07
C GLN A 107 9.87 72.97 51.48
N ALA A 108 11.09 72.51 51.80
CA ALA A 108 11.38 71.99 53.15
C ALA A 108 11.15 73.03 54.23
N PHE A 109 11.48 74.29 53.95
CA PHE A 109 11.45 75.34 54.95
C PHE A 109 10.20 76.20 54.88
N PHE A 110 9.26 75.86 54.00
CA PHE A 110 8.12 76.75 53.75
C PHE A 110 7.24 76.95 54.98
N VAL A 111 7.30 76.04 55.95
CA VAL A 111 6.44 76.07 57.12
C VAL A 111 7.24 76.09 58.40
N THR A 112 8.57 76.01 58.31
CA THR A 112 9.41 76.01 59.49
C THR A 112 9.15 77.21 60.39
N GLY A 113 8.84 78.36 59.79
CA GLY A 113 8.65 79.59 60.52
C GLY A 113 7.32 79.72 61.21
N ARG A 114 6.57 78.62 61.31
CA ARG A 114 5.29 78.60 62.00
C ARG A 114 5.51 78.42 63.49
N ASP A 115 4.85 79.25 64.29
CA ASP A 115 4.92 79.11 65.74
C ASP A 115 3.69 78.47 66.33
N ASP A 116 2.65 78.35 65.53
CA ASP A 116 1.42 77.68 65.88
C ASP A 116 0.63 77.55 64.61
N GLU A 117 -0.62 77.12 64.75
CA GLU A 117 -1.44 76.82 63.57
C GLU A 117 -2.13 78.07 63.05
N GLU A 118 -1.90 79.18 63.76
CA GLU A 118 -2.66 80.36 63.57
C GLU A 118 -2.61 80.62 62.12
N SER A 119 -3.67 81.24 61.60
CA SER A 119 -3.86 81.38 60.16
C SER A 119 -3.53 82.76 59.56
N SER A 120 -4.56 83.50 59.16
CA SER A 120 -4.38 84.73 58.38
C SER A 120 -3.61 85.82 59.13
N LYS A 121 -3.91 86.00 60.41
CA LYS A 121 -3.16 86.91 61.22
C LYS A 121 -1.82 86.29 61.27
N ASN A 122 -0.76 87.05 61.29
CA ASN A 122 0.57 86.48 61.47
C ASN A 122 1.22 85.76 60.33
N TYR A 123 0.64 85.82 59.17
CA TYR A 123 1.15 85.14 58.02
C TYR A 123 2.48 85.60 57.55
N GLU A 124 2.74 86.88 57.58
CA GLU A 124 4.03 87.39 57.19
C GLU A 124 5.11 86.93 58.08
N LYS A 125 4.86 86.88 59.35
CA LYS A 125 5.88 86.59 60.29
C LYS A 125 6.31 85.22 60.03
N TYR A 126 5.35 84.37 59.90
CA TYR A 126 5.59 82.98 59.81
C TYR A 126 6.36 82.70 58.58
N HIS A 127 6.11 83.41 57.52
CA HIS A 127 6.91 83.17 56.34
C HIS A 127 8.29 83.80 56.47
N GLU A 128 8.36 84.98 57.08
CA GLU A 128 9.64 85.62 57.35
C GLU A 128 10.53 84.68 58.13
N GLN A 129 10.03 84.13 59.23
CA GLN A 129 10.85 83.21 60.01
C GLN A 129 11.21 81.99 59.18
N SER A 130 10.27 81.48 58.39
CA SER A 130 10.59 80.37 57.48
C SER A 130 11.75 80.74 56.58
N ARG A 131 11.68 81.93 55.97
CA ARG A 131 12.77 82.41 55.14
C ARG A 131 14.10 82.36 55.90
N ASP A 132 14.11 82.92 57.12
CA ASP A 132 15.33 82.91 57.92
C ASP A 132 15.83 81.49 58.11
N ALA A 133 14.91 80.57 58.47
CA ALA A 133 15.27 79.17 58.66
C ALA A 133 15.96 78.61 57.43
N PHE A 134 15.41 78.91 56.25
CA PHE A 134 16.03 78.48 55.01
C PHE A 134 17.42 79.07 54.89
N LEU A 135 17.53 80.40 55.01
CA LEU A 135 18.80 81.10 54.84
C LEU A 135 19.87 80.54 55.78
N LYS A 136 19.54 80.47 57.07
CA LYS A 136 20.42 79.87 58.06
C LYS A 136 20.94 78.52 57.58
N TYR A 137 20.03 77.63 57.17
CA TYR A 137 20.45 76.33 56.67
C TYR A 137 21.48 76.47 55.57
N VAL A 138 21.15 77.26 54.54
CA VAL A 138 22.08 77.42 53.42
C VAL A 138 23.43 77.89 53.94
N GLU A 139 23.43 78.89 54.83
CA GLU A 139 24.69 79.41 55.35
C GLU A 139 25.46 78.32 56.08
N GLU A 140 24.78 77.59 56.96
CA GLU A 140 25.44 76.52 57.72
C GLU A 140 26.02 75.47 56.79
N ASN A 141 25.39 75.27 55.63
CA ASN A 141 25.90 74.31 54.65
C ASN A 141 26.38 74.97 53.38
N LYS A 142 26.77 76.26 53.46
CA LYS A 142 27.31 76.97 52.30
C LYS A 142 28.40 76.16 51.59
N SER A 143 29.15 75.39 52.35
CA SER A 143 30.24 74.65 51.82
C SER A 143 29.77 73.71 50.83
N THR A 144 28.58 73.15 51.07
CA THR A 144 28.07 72.10 50.22
C THR A 144 27.05 72.51 49.20
N LEU A 145 26.13 73.37 49.63
CA LEU A 145 25.06 73.84 48.77
C LEU A 145 25.61 74.63 47.58
N ILE A 146 26.63 75.44 47.84
CA ILE A 146 27.10 76.41 46.87
C ILE A 146 28.50 76.07 46.33
N PRO A 147 28.61 76.10 45.01
CA PRO A 147 27.48 76.43 44.15
C PRO A 147 26.78 75.16 43.71
N ASP A 148 27.22 74.04 44.25
CA ASP A 148 26.94 72.74 43.66
C ASP A 148 25.45 72.71 43.46
N VAL A 149 24.71 73.31 44.39
CA VAL A 149 23.28 73.31 44.27
C VAL A 149 22.73 74.66 43.90
N PHE A 150 23.12 75.64 44.66
CA PHE A 150 22.58 76.95 44.52
C PHE A 150 23.37 77.98 43.72
N LYS A 151 24.56 77.68 43.25
CA LYS A 151 25.19 78.53 42.25
C LYS A 151 25.67 79.82 42.80
N ASP A 152 24.77 80.66 43.30
CA ASP A 152 25.17 81.98 43.76
C ASP A 152 24.18 82.49 44.78
N GLU A 153 24.62 83.46 45.57
CA GLU A 153 23.72 84.08 46.50
C GLU A 153 22.48 84.73 45.95
N LYS A 154 22.51 85.12 44.70
CA LYS A 154 21.32 85.57 44.00
C LYS A 154 20.28 84.47 43.92
N ASP A 155 20.71 83.25 43.62
CA ASP A 155 19.80 82.12 43.58
C ASP A 155 19.18 81.88 44.96
N VAL A 156 20.03 81.87 45.99
CA VAL A 156 19.54 81.61 47.34
C VAL A 156 18.49 82.65 47.71
N LYS A 157 18.76 83.91 47.40
CA LYS A 157 17.76 84.93 47.70
C LYS A 157 16.52 84.74 46.84
N PHE A 158 16.66 84.17 45.63
CA PHE A 158 15.49 83.90 44.83
C PHE A 158 14.55 82.93 45.54
N TYR A 159 15.08 81.77 45.94
CA TYR A 159 14.24 80.79 46.61
C TYR A 159 13.80 81.26 48.00
N ALA A 160 14.65 81.98 48.72
CA ALA A 160 14.22 82.57 49.97
C ALA A 160 13.07 83.55 49.74
N ASP A 161 13.11 84.26 48.62
CA ASP A 161 12.05 85.20 48.29
C ASP A 161 10.76 84.46 47.97
N VAL A 162 10.88 83.26 47.39
CA VAL A 162 9.70 82.41 47.21
C VAL A 162 9.13 82.03 48.57
N ILE A 163 9.98 81.63 49.50
CA ILE A 163 9.52 81.24 50.83
C ILE A 163 8.82 82.41 51.53
N GLU A 164 9.39 83.61 51.42
CA GLU A 164 8.82 84.76 52.12
C GLU A 164 7.42 85.08 51.60
N ASP A 165 7.23 84.95 50.30
CA ASP A 165 5.93 85.21 49.66
C ASP A 165 5.38 86.62 49.93
N LYS A 166 6.25 87.62 49.80
CA LYS A 166 5.93 88.98 50.22
C LYS A 166 4.73 89.54 49.47
N ASP A 167 4.62 89.27 48.17
CA ASP A 167 3.65 89.93 47.30
C ASP A 167 2.66 88.95 46.68
N HIS A 168 2.50 87.78 47.28
CA HIS A 168 1.58 86.73 46.84
C HIS A 168 1.60 86.51 45.33
N LYS A 169 2.78 86.57 44.72
CA LYS A 169 2.94 86.32 43.28
C LYS A 169 3.21 84.83 43.10
N TRP A 170 2.14 84.06 43.25
CA TRP A 170 2.17 82.61 43.30
C TRP A 170 2.33 81.98 41.93
N ALA A 171 2.57 82.79 40.90
CA ALA A 171 2.72 82.28 39.55
C ALA A 171 3.79 83.01 38.76
N ASP A 172 4.82 83.54 39.46
CA ASP A 172 5.88 84.27 38.78
C ASP A 172 6.83 83.32 38.06
N SER A 173 7.10 82.17 38.65
CA SER A 173 8.09 81.25 38.12
C SER A 173 7.58 79.83 38.38
N PRO A 174 8.23 78.82 37.80
CA PRO A 174 8.01 77.44 38.25
C PRO A 174 8.19 77.26 39.74
N ALA A 175 9.21 77.90 40.34
CA ALA A 175 9.41 77.76 41.79
C ALA A 175 8.19 78.25 42.56
N HIS A 176 7.60 79.38 42.14
CA HIS A 176 6.44 79.91 42.85
C HIS A 176 5.25 78.96 42.74
N VAL A 177 4.96 78.49 41.52
CA VAL A 177 3.84 77.58 41.32
C VAL A 177 4.05 76.30 42.10
N LEU A 178 5.28 75.79 42.11
CA LEU A 178 5.51 74.52 42.76
C LEU A 178 5.44 74.65 44.28
N VAL A 179 6.08 75.67 44.84
CA VAL A 179 6.06 75.80 46.29
C VAL A 179 4.66 76.11 46.78
N ASN A 180 4.01 77.08 46.14
CA ASN A 180 2.74 77.57 46.63
C ASN A 180 1.64 76.55 46.35
N GLN A 181 1.57 76.05 45.11
CA GLN A 181 0.55 75.07 44.77
C GLN A 181 0.83 73.72 45.42
N GLY A 182 2.10 73.39 45.64
CA GLY A 182 2.41 72.18 46.41
C GLY A 182 1.89 72.29 47.83
N HIS A 183 2.02 73.48 48.44
CA HIS A 183 1.43 73.72 49.75
C HIS A 183 -0.08 73.66 49.70
N MSE A 184 -0.65 74.26 48.66
CA MSE A 184 -2.10 74.28 48.49
C MSE A 184 -2.59 72.88 48.29
O MSE A 184 -3.66 72.51 48.83
CB MSE A 184 -2.46 75.13 47.29
CG MSE A 184 -3.74 75.92 47.53
SE MSE A 184 -4.67 76.21 45.82
CE MSE A 184 -4.02 74.60 44.88
N VAL A 185 -1.85 72.08 47.52
CA VAL A 185 -2.24 70.70 47.26
C VAL A 185 -2.26 69.81 48.50
N ASP A 186 -2.05 70.39 49.63
CA ASP A 186 -2.06 69.57 50.78
C ASP A 186 -3.21 69.88 51.62
N LEU A 187 -4.02 70.85 51.21
CA LEU A 187 -5.09 71.39 52.06
C LEU A 187 -6.46 70.75 51.87
N VAL A 188 -6.54 69.77 50.99
CA VAL A 188 -7.81 69.13 50.66
C VAL A 188 -8.44 68.45 51.87
N ARG A 189 -7.62 67.82 52.69
CA ARG A 189 -8.10 66.99 53.80
C ARG A 189 -8.90 67.72 54.88
N VAL A 190 -8.48 68.93 55.25
CA VAL A 190 -9.09 69.59 56.37
C VAL A 190 -10.17 70.56 55.96
N LYS A 191 -10.58 70.49 54.72
CA LYS A 191 -11.40 71.54 54.15
C LYS A 191 -12.82 71.30 53.61
N GLN A 192 -13.70 70.70 54.38
CA GLN A 192 -15.10 70.64 54.03
C GLN A 192 -15.63 71.95 53.49
N PRO A 193 -16.59 71.91 52.58
CA PRO A 193 -16.98 70.69 51.87
C PRO A 193 -15.87 70.32 50.91
N PRO A 194 -15.67 69.02 50.71
CA PRO A 194 -14.58 68.52 49.86
C PRO A 194 -14.71 68.91 48.40
N GLU A 195 -15.91 68.86 47.86
CA GLU A 195 -16.13 69.06 46.43
C GLU A 195 -15.78 70.47 46.00
N SER A 196 -16.15 71.48 46.81
CA SER A 196 -15.83 72.87 46.45
C SER A 196 -14.34 73.09 46.44
N TYR A 197 -13.64 72.55 47.44
CA TYR A 197 -12.20 72.73 47.54
C TYR A 197 -11.48 72.00 46.42
N LEU A 198 -11.82 70.72 46.23
CA LEU A 198 -11.24 69.94 45.14
C LEU A 198 -11.40 70.64 43.81
N GLU A 199 -12.61 71.17 43.54
CA GLU A 199 -12.79 71.89 42.30
C GLU A 199 -11.90 73.11 42.25
N TYR A 200 -11.75 73.82 43.39
CA TYR A 200 -10.93 75.02 43.38
C TYR A 200 -9.48 74.71 43.06
N TYR A 201 -8.86 73.85 43.87
CA TYR A 201 -7.46 73.53 43.67
C TYR A 201 -7.23 72.91 42.30
N PHE A 202 -8.14 72.05 41.87
CA PHE A 202 -8.07 71.53 40.52
C PHE A 202 -8.03 72.66 39.50
N SER A 203 -8.84 73.69 39.72
CA SER A 203 -8.88 74.81 38.77
C SER A 203 -7.61 75.63 38.83
N GLN A 204 -6.92 75.61 39.99
CA GLN A 204 -5.70 76.37 40.13
C GLN A 204 -4.50 75.64 39.52
N LEU A 205 -4.50 74.31 39.57
CA LEU A 205 -3.39 73.57 38.99
C LEU A 205 -3.57 73.35 37.50
N GLN A 206 -4.80 72.99 37.10
CA GLN A 206 -5.11 72.55 35.74
C GLN A 206 -4.47 73.41 34.64
N PRO A 207 -4.49 74.75 34.69
CA PRO A 207 -3.91 75.51 33.58
C PRO A 207 -2.43 75.23 33.37
N TRP A 208 -1.72 74.89 34.43
CA TRP A 208 -0.26 74.80 34.35
C TRP A 208 0.21 73.49 33.75
N ILE A 209 -0.49 72.39 34.06
CA ILE A 209 -0.05 71.06 33.65
C ILE A 209 -1.10 70.32 32.83
N GLY A 210 -2.35 70.70 32.89
CA GLY A 210 -3.40 70.06 32.12
C GLY A 210 -4.32 69.24 33.01
N SER A 211 -5.50 68.94 32.46
CA SER A 211 -6.52 68.23 33.22
C SER A 211 -6.10 66.80 33.51
N THR A 212 -5.61 66.08 32.50
CA THR A 212 -5.10 64.72 32.70
C THR A 212 -4.01 64.70 33.77
N ALA A 213 -3.02 65.58 33.62
CA ALA A 213 -1.97 65.68 34.62
C ALA A 213 -2.53 65.98 36.01
N THR A 214 -3.52 66.88 36.09
CA THR A 214 -4.04 67.31 37.38
C THR A 214 -4.82 66.20 38.06
N GLU A 215 -5.62 65.46 37.29
CA GLU A 215 -6.23 64.26 37.84
C GLU A 215 -5.16 63.34 38.42
N ALA A 216 -4.09 63.10 37.64
CA ALA A 216 -3.00 62.29 38.15
C ALA A 216 -2.48 62.83 39.47
N VAL A 217 -2.29 64.14 39.54
CA VAL A 217 -1.74 64.72 40.75
C VAL A 217 -2.64 64.42 41.94
N PHE A 218 -3.96 64.68 41.82
CA PHE A 218 -4.79 64.58 43.01
C PHE A 218 -5.09 63.15 43.39
N ALA A 219 -5.12 62.25 42.40
CA ALA A 219 -5.21 60.83 42.72
C ALA A 219 -3.98 60.39 43.49
N THR A 220 -2.79 60.64 42.93
CA THR A 220 -1.55 60.34 43.64
C THR A 220 -1.53 60.96 45.02
N GLN A 221 -2.15 62.12 45.18
CA GLN A 221 -2.19 62.78 46.47
C GLN A 221 -2.99 61.96 47.47
N ARG A 222 -4.18 61.49 47.09
CA ARG A 222 -4.91 60.63 48.00
C ARG A 222 -4.08 59.40 48.35
N GLN A 223 -3.29 58.90 47.39
CA GLN A 223 -2.46 57.75 47.70
C GLN A 223 -1.33 58.11 48.67
N PHE A 224 -0.85 59.36 48.61
CA PHE A 224 0.13 59.82 49.57
C PHE A 224 -0.50 59.99 50.95
N PHE A 225 -1.70 60.55 51.01
CA PHE A 225 -2.42 60.62 52.27
C PHE A 225 -2.53 59.25 52.90
N HIS A 226 -3.00 58.27 52.11
CA HIS A 226 -3.04 56.90 52.59
C HIS A 226 -1.68 56.43 53.05
N ALA A 227 -0.61 56.78 52.30
CA ALA A 227 0.74 56.36 52.66
C ALA A 227 1.23 56.99 53.94
N THR A 228 0.72 58.18 54.27
CA THR A 228 1.17 58.93 55.44
C THR A 228 0.10 59.00 56.52
N TYR A 229 -0.85 58.07 56.50
CA TYR A 229 -1.83 57.91 57.58
C TYR A 229 -2.63 59.18 57.82
N GLU A 230 -2.90 59.92 56.74
CA GLU A 230 -3.79 61.07 56.77
C GLU A 230 -5.13 60.70 56.19
N ALA A 231 -6.19 61.27 56.75
CA ALA A 231 -7.54 60.93 56.35
C ALA A 231 -7.81 61.37 54.91
N VAL A 232 -8.58 60.57 54.20
CA VAL A 232 -8.97 60.83 52.82
C VAL A 232 -10.48 60.95 52.78
N ALA A 233 -10.98 62.10 52.35
CA ALA A 233 -12.42 62.31 52.30
C ALA A 233 -13.00 61.66 51.05
N GLY A 234 -14.31 61.54 51.04
CA GLY A 234 -15.01 61.17 49.83
C GLY A 234 -15.24 62.37 48.92
N PHE A 235 -16.16 62.19 47.98
CA PHE A 235 -16.46 63.25 47.03
C PHE A 235 -17.81 62.90 46.42
N ASP A 236 -18.83 63.71 46.69
CA ASP A 236 -20.19 63.47 46.19
C ASP A 236 -20.61 64.68 45.37
N SER A 237 -20.72 64.49 44.05
CA SER A 237 -21.20 65.54 43.17
C SER A 237 -22.66 65.90 43.42
N GLU A 238 -23.36 65.12 44.24
CA GLU A 238 -24.74 65.42 44.61
C GLU A 238 -24.83 65.89 46.06
N ASN A 239 -23.72 66.41 46.60
CA ASN A 239 -23.75 66.96 47.94
C ASN A 239 -24.63 68.20 47.99
N LYS A 240 -25.51 68.27 48.98
CA LYS A 240 -26.44 69.37 49.11
C LYS A 240 -25.95 70.48 50.03
N GLU A 241 -24.88 70.22 50.80
CA GLU A 241 -24.27 71.22 51.67
C GLU A 241 -23.95 72.44 50.80
N PRO A 242 -24.03 73.65 51.36
CA PRO A 242 -23.82 74.85 50.53
C PRO A 242 -22.40 74.92 49.99
N HIS A 243 -22.28 75.20 48.69
CA HIS A 243 -20.97 75.40 48.08
C HIS A 243 -20.28 76.57 48.74
N LEU A 244 -18.96 76.44 48.94
CA LEU A 244 -18.15 77.50 49.50
C LEU A 244 -17.23 78.06 48.41
N VAL A 245 -17.35 79.35 48.14
CA VAL A 245 -16.47 80.02 47.19
C VAL A 245 -15.15 80.24 47.90
N VAL A 246 -14.12 79.49 47.50
CA VAL A 246 -12.90 79.41 48.30
C VAL A 246 -12.13 80.73 48.27
N ASP A 247 -12.13 81.42 47.13
CA ASP A 247 -11.46 82.72 47.06
C ASP A 247 -12.39 83.71 47.76
N GLY A 248 -12.15 83.91 49.05
CA GLY A 248 -12.92 84.82 49.86
C GLY A 248 -13.88 84.14 50.83
N LEU A 249 -13.88 82.81 50.89
CA LEU A 249 -14.73 82.02 51.80
C LEU A 249 -16.15 82.56 51.86
N GLY A 250 -16.74 82.74 50.67
CA GLY A 250 -18.06 83.24 50.52
C GLY A 250 -19.03 82.23 49.96
N ARG A 251 -20.13 82.74 49.39
CA ARG A 251 -21.21 81.91 48.90
C ARG A 251 -21.76 82.51 47.62
N TYR A 252 -22.44 81.66 46.84
CA TYR A 252 -23.28 82.08 45.74
C TYR A 252 -24.72 81.84 46.15
N VAL A 253 -25.62 82.68 45.65
CA VAL A 253 -26.99 82.68 46.13
C VAL A 253 -27.95 82.38 45.00
N ILE A 254 -29.04 81.72 45.36
CA ILE A 254 -30.15 81.42 44.47
C ILE A 254 -31.36 82.07 45.09
N GLY A 255 -32.08 82.85 44.28
CA GLY A 255 -33.05 83.83 44.78
C GLY A 255 -34.47 83.27 44.83
N GLN A 256 -35.46 84.14 44.74
CA GLN A 256 -36.85 83.73 44.86
C GLN A 256 -37.16 82.76 43.75
N ASP A 257 -36.64 83.03 42.56
CA ASP A 257 -36.78 82.11 41.42
C ASP A 257 -35.66 81.07 41.46
N GLY A 258 -35.61 80.23 40.44
CA GLY A 258 -34.59 79.19 40.37
C GLY A 258 -33.26 79.71 39.85
N ASN A 259 -33.03 81.06 39.92
CA ASN A 259 -31.83 81.58 39.27
C ASN A 259 -30.72 81.89 40.26
N PRO A 260 -29.50 81.44 39.97
CA PRO A 260 -28.35 81.87 40.76
C PRO A 260 -28.04 83.32 40.46
N ILE A 261 -27.84 84.11 41.52
CA ILE A 261 -27.64 85.55 41.36
C ILE A 261 -26.30 85.77 40.68
N ARG A 262 -26.34 86.28 39.46
CA ARG A 262 -25.17 86.57 38.65
C ARG A 262 -25.08 88.07 38.42
N GLU A 263 -23.96 88.48 37.84
CA GLU A 263 -23.68 89.89 37.60
C GLU A 263 -23.72 90.21 36.11
N GLU A 264 -23.44 91.48 35.80
CA GLU A 264 -23.64 92.05 34.47
C GLU A 264 -22.51 91.71 33.52
N GLY A 274 -22.14 86.18 31.77
CA GLY A 274 -22.34 86.77 33.09
C GLY A 274 -21.14 86.62 34.01
N GLU A 275 -21.43 86.55 35.32
CA GLU A 275 -20.42 86.33 36.36
C GLU A 275 -21.13 86.20 37.70
N LEU A 276 -20.81 85.16 38.46
CA LEU A 276 -21.56 84.86 39.68
C LEU A 276 -21.30 85.91 40.76
N LYS A 277 -22.38 86.37 41.39
CA LYS A 277 -22.28 87.42 42.39
C LYS A 277 -21.71 86.82 43.67
N PHE A 278 -20.60 87.39 44.15
CA PHE A 278 -20.02 86.96 45.40
C PHE A 278 -20.88 87.42 46.58
N PHE A 279 -20.90 86.61 47.64
CA PHE A 279 -21.67 86.89 48.85
C PHE A 279 -20.85 86.49 50.07
N SER A 280 -20.82 87.36 51.08
CA SER A 280 -20.24 86.98 52.36
C SER A 280 -21.13 85.98 53.10
N GLN A 281 -20.49 85.16 53.95
CA GLN A 281 -21.25 84.16 54.73
C GLN A 281 -22.17 84.82 55.75
N LYS A 282 -21.68 85.84 56.45
CA LYS A 282 -22.40 86.45 57.55
C LYS A 282 -23.47 87.42 57.08
N LYS A 283 -23.53 87.71 55.78
CA LYS A 283 -24.56 88.58 55.22
C LYS A 283 -25.92 87.89 55.24
N LYS A 284 -26.72 88.14 56.28
CA LYS A 284 -28.08 87.63 56.32
C LYS A 284 -28.90 88.38 55.29
N LEU A 285 -29.63 87.65 54.46
CA LEU A 285 -30.37 88.27 53.36
C LEU A 285 -31.80 87.72 53.32
N GLU A 286 -32.42 87.80 52.15
CA GLU A 286 -33.87 87.89 52.04
C GLU A 286 -34.53 86.54 52.33
N GLU A 287 -35.84 86.62 52.62
CA GLU A 287 -36.68 85.44 52.72
C GLU A 287 -36.74 84.77 51.35
N ASN A 288 -36.75 83.43 51.37
CA ASN A 288 -36.81 82.63 50.14
C ASN A 288 -35.63 82.91 49.22
N GLN A 289 -34.50 83.25 49.81
CA GLN A 289 -33.24 83.42 49.10
C GLN A 289 -32.30 82.41 49.71
N ARG A 290 -31.54 81.71 48.89
CA ARG A 290 -30.86 80.53 49.37
C ARG A 290 -29.49 80.41 48.75
N TYR A 291 -28.57 79.85 49.52
CA TYR A 291 -27.23 79.62 49.03
C TYR A 291 -27.26 78.56 47.94
N MSE A 292 -26.32 78.66 47.00
CA MSE A 292 -26.22 77.68 45.94
C MSE A 292 -25.51 76.43 46.48
O MSE A 292 -24.48 76.53 47.18
CB MSE A 292 -25.50 78.26 44.73
CG MSE A 292 -25.20 77.22 43.68
SE MSE A 292 -23.88 77.87 42.44
CE MSE A 292 -24.94 78.69 41.08
N ARG A 293 -26.10 75.27 46.21
CA ARG A 293 -25.61 74.01 46.74
C ARG A 293 -24.37 73.55 45.97
N VAL A 294 -23.67 72.59 46.57
CA VAL A 294 -22.48 72.03 45.91
C VAL A 294 -22.84 71.39 44.57
N ASP A 295 -23.92 70.58 44.54
CA ASP A 295 -24.31 69.90 43.31
C ASP A 295 -24.71 70.90 42.23
N GLU A 296 -25.40 71.98 42.63
CA GLU A 296 -25.77 73.00 41.66
C GLU A 296 -24.52 73.67 41.08
N TYR A 297 -23.50 73.91 41.91
CA TYR A 297 -22.26 74.48 41.41
C TYR A 297 -21.58 73.54 40.43
N LEU A 298 -21.51 72.25 40.78
CA LEU A 298 -20.81 71.27 39.95
C LEU A 298 -21.54 70.99 38.65
N LYS A 299 -22.83 71.31 38.55
CA LYS A 299 -23.54 71.12 37.29
C LYS A 299 -23.49 72.34 36.38
N LEU A 300 -22.92 73.46 36.82
CA LEU A 300 -22.85 74.63 35.95
C LEU A 300 -21.97 74.34 34.75
N ASP A 301 -22.41 74.83 33.58
CA ASP A 301 -21.68 74.59 32.34
C ASP A 301 -20.22 75.03 32.47
N GLU A 302 -20.01 76.24 33.01
CA GLU A 302 -18.66 76.78 33.17
C GLU A 302 -17.78 75.88 34.05
N VAL A 303 -18.39 75.19 35.01
CA VAL A 303 -17.63 74.31 35.90
C VAL A 303 -17.34 72.98 35.22
N GLN A 304 -18.32 72.41 34.52
CA GLN A 304 -18.10 71.15 33.81
C GLN A 304 -17.03 71.29 32.74
N LYS A 305 -17.01 72.42 32.02
CA LYS A 305 -15.99 72.61 31.00
C LYS A 305 -14.58 72.58 31.57
N ARG A 306 -14.43 72.77 32.89
CA ARG A 306 -13.12 72.83 33.51
C ARG A 306 -12.92 71.84 34.66
N PHE A 307 -13.95 71.09 35.05
CA PHE A 307 -13.81 70.15 36.16
C PHE A 307 -14.49 68.84 35.83
N PRO A 308 -13.73 67.75 35.68
CA PRO A 308 -14.34 66.47 35.32
C PRO A 308 -15.08 65.78 36.46
N GLY A 309 -15.11 66.37 37.66
CA GLY A 309 -15.76 65.74 38.80
C GLY A 309 -17.28 65.74 38.75
N ALA A 310 -17.88 66.40 37.78
CA ALA A 310 -19.34 66.41 37.69
C ALA A 310 -19.90 64.99 37.50
N GLY A 311 -20.93 64.67 38.27
CA GLY A 311 -21.57 63.38 38.20
C GLY A 311 -20.82 62.27 38.88
N LYS A 312 -19.57 62.49 39.26
CA LYS A 312 -18.70 61.45 39.76
C LYS A 312 -18.73 61.36 41.29
N LYS A 313 -18.47 60.17 41.79
CA LYS A 313 -18.44 59.94 43.23
C LYS A 313 -17.12 59.26 43.58
N LEU A 314 -16.54 59.63 44.73
CA LEU A 314 -15.31 59.04 45.23
C LEU A 314 -15.55 58.51 46.63
N ASP A 315 -15.04 57.30 46.87
CA ASP A 315 -15.17 56.68 48.18
C ASP A 315 -14.12 57.27 49.12
N GLY A 316 -14.54 57.62 50.33
CA GLY A 316 -13.60 58.07 51.33
C GLY A 316 -12.85 56.90 51.97
N GLY A 317 -11.81 57.23 52.72
CA GLY A 317 -11.05 56.20 53.38
C GLY A 317 -10.41 55.20 52.42
N LEU A 318 -10.06 54.04 52.98
CA LEU A 318 -9.36 52.94 52.33
C LEU A 318 -10.30 51.82 51.93
N PRO A 319 -10.13 51.31 50.71
CA PRO A 319 -10.88 50.12 50.30
C PRO A 319 -10.43 48.88 51.07
N GLY A 320 -11.40 48.15 51.61
CA GLY A 320 -11.15 46.96 52.40
C GLY A 320 -11.13 47.15 53.90
N LEU A 321 -11.34 48.39 54.38
CA LEU A 321 -11.36 48.69 55.81
C LEU A 321 -12.64 49.44 56.13
N LYS A 322 -13.33 49.01 57.19
CA LYS A 322 -14.47 49.77 57.69
C LYS A 322 -14.01 50.81 58.71
N GLU A 323 -14.90 51.76 58.99
CA GLU A 323 -14.55 52.98 59.72
C GLU A 323 -13.79 52.70 61.03
N TYR A 324 -14.05 51.56 61.69
CA TYR A 324 -13.30 51.31 62.92
C TYR A 324 -11.87 50.85 62.61
N GLN A 325 -11.69 50.13 61.50
CA GLN A 325 -10.35 49.73 61.08
C GLN A 325 -9.59 50.91 60.50
N TYR A 326 -10.23 51.68 59.63
CA TYR A 326 -9.62 52.89 59.09
C TYR A 326 -9.23 53.84 60.21
N LEU A 327 -10.15 54.05 61.16
CA LEU A 327 -9.90 54.95 62.28
C LEU A 327 -8.78 54.44 63.16
N GLN A 328 -8.80 53.14 63.52
CA GLN A 328 -7.72 52.60 64.34
C GLN A 328 -6.39 52.57 63.58
N ARG A 329 -6.44 52.69 62.25
CA ARG A 329 -5.23 52.84 61.46
C ARG A 329 -4.72 54.28 61.51
N LEU A 330 -5.63 55.25 61.42
CA LEU A 330 -5.24 56.65 61.47
C LEU A 330 -4.61 57.00 62.81
N ASN A 331 -4.96 56.26 63.86
CA ASN A 331 -4.38 56.45 65.17
C ASN A 331 -3.20 55.53 65.42
N SER A 332 -2.78 54.77 64.41
CA SER A 332 -1.62 53.90 64.54
C SER A 332 -0.35 54.72 64.81
N ILE A 333 0.66 54.04 65.33
CA ILE A 333 1.93 54.71 65.64
C ILE A 333 2.67 55.12 64.38
N ASN A 334 2.42 54.44 63.25
CA ASN A 334 3.11 54.79 62.02
C ASN A 334 2.81 56.21 61.56
N ARG A 335 1.70 56.81 62.01
CA ARG A 335 1.49 58.23 61.76
C ARG A 335 2.60 59.07 62.40
N ALA A 336 3.03 58.67 63.61
CA ALA A 336 4.07 59.41 64.29
C ALA A 336 5.45 59.14 63.69
N ARG A 337 5.68 57.94 63.16
CA ARG A 337 6.91 57.72 62.43
C ARG A 337 6.94 58.51 61.13
N CYS A 338 5.79 58.68 60.47
CA CYS A 338 5.73 59.52 59.28
C CYS A 338 5.96 60.98 59.63
N GLU A 339 5.42 61.43 60.76
CA GLU A 339 5.61 62.80 61.21
C GLU A 339 6.94 63.01 61.94
N ASN A 340 7.74 61.97 62.15
CA ASN A 340 8.96 62.11 62.93
C ASN A 340 10.19 61.46 62.31
N ASP A 341 10.03 60.60 61.31
CA ASP A 341 11.14 59.86 60.73
C ASP A 341 11.22 60.19 59.24
N VAL A 342 12.14 61.09 58.89
CA VAL A 342 12.30 61.53 57.50
C VAL A 342 12.44 60.35 56.57
N ASP A 343 13.33 59.41 56.91
CA ASP A 343 13.57 58.27 56.04
C ASP A 343 12.34 57.40 55.91
N PHE A 344 11.53 57.34 56.98
CA PHE A 344 10.35 56.50 57.00
C PHE A 344 9.22 57.09 56.17
N CYS A 345 8.91 58.37 56.41
CA CYS A 345 7.88 59.05 55.63
C CYS A 345 8.26 59.07 54.14
N LEU A 346 9.56 59.28 53.86
CA LEU A 346 10.04 59.22 52.49
C LEU A 346 9.92 57.82 51.91
N GLY A 347 10.06 56.78 52.74
CA GLY A 347 9.86 55.42 52.24
C GLY A 347 8.41 55.16 51.90
N GLN A 348 7.50 55.65 52.75
CA GLN A 348 6.07 55.53 52.49
C GLN A 348 5.72 56.20 51.17
N LEU A 349 6.14 57.48 51.03
CA LEU A 349 5.87 58.21 49.81
C LEU A 349 6.53 57.57 48.60
N GLN A 350 7.75 57.04 48.75
CA GLN A 350 8.39 56.38 47.62
C GLN A 350 7.59 55.18 47.16
N THR A 351 7.11 54.37 48.10
CA THR A 351 6.34 53.18 47.74
C THR A 351 5.01 53.56 47.10
N ALA A 352 4.36 54.62 47.60
CA ALA A 352 3.10 55.07 47.00
C ALA A 352 3.33 55.62 45.61
N HIS A 353 4.32 56.50 45.47
CA HIS A 353 4.69 57.05 44.18
C HIS A 353 5.02 55.94 43.18
N HIS A 354 5.73 54.90 43.63
CA HIS A 354 6.06 53.79 42.75
C HIS A 354 4.81 53.04 42.34
N GLN A 355 3.90 52.82 43.29
CA GLN A 355 2.70 52.07 43.00
C GLN A 355 1.82 52.79 41.98
N THR A 356 1.77 54.12 42.05
CA THR A 356 0.97 54.84 41.07
C THR A 356 1.53 54.73 39.68
N LYS A 357 2.70 54.14 39.51
CA LYS A 357 3.25 53.85 38.20
C LYS A 357 2.87 52.46 37.69
N ILE A 358 2.34 51.60 38.55
CA ILE A 358 1.96 50.26 38.18
C ILE A 358 0.44 50.12 38.07
N THR A 359 -0.28 50.62 39.05
CA THR A 359 -1.74 50.49 39.04
C THR A 359 -2.39 50.91 37.72
N PRO A 360 -1.99 52.00 37.06
CA PRO A 360 -2.57 52.31 35.74
C PRO A 360 -2.31 51.24 34.69
N ILE A 361 -1.10 50.68 34.70
CA ILE A 361 -0.77 49.64 33.73
C ILE A 361 -1.66 48.42 33.96
N LYS A 362 -1.68 47.90 35.18
CA LYS A 362 -2.52 46.75 35.50
C LYS A 362 -4.00 47.06 35.26
N ARG A 363 -4.38 48.33 35.32
CA ARG A 363 -5.75 48.77 35.09
C ARG A 363 -6.10 48.78 33.61
N ALA A 364 -5.10 48.86 32.74
CA ALA A 364 -5.36 48.94 31.30
C ALA A 364 -5.55 47.60 30.66
N PHE A 365 -5.29 46.51 31.37
CA PHE A 365 -5.34 45.18 30.77
C PHE A 365 -6.20 44.27 31.64
N GLN A 366 -6.60 43.15 31.05
CA GLN A 366 -7.24 42.09 31.82
C GLN A 366 -6.37 41.72 33.03
N SER A 367 -7.03 41.46 34.15
CA SER A 367 -6.28 41.07 35.35
C SER A 367 -5.86 39.60 35.27
N SER A 368 -4.89 39.24 36.10
CA SER A 368 -4.43 37.86 36.22
C SER A 368 -4.37 37.51 37.69
N SER A 369 -4.95 36.36 38.06
CA SER A 369 -4.88 35.96 39.47
C SER A 369 -3.65 35.09 39.75
N GLU A 370 -3.30 34.23 38.79
CA GLU A 370 -2.23 33.26 38.96
C GLU A 370 -0.88 33.86 38.59
N LYS A 371 0.14 33.55 39.39
CA LYS A 371 1.49 34.05 39.19
C LYS A 371 2.41 33.03 38.52
N ALA A 372 1.99 31.77 38.41
CA ALA A 372 2.85 30.72 37.90
C ALA A 372 2.63 30.51 36.40
N ARG A 373 3.65 29.95 35.74
CA ARG A 373 3.51 29.62 34.33
C ARG A 373 2.34 28.66 34.15
N ARG A 374 1.66 28.78 33.02
CA ARG A 374 0.52 27.91 32.77
C ARG A 374 0.95 26.44 32.68
N GLN A 375 -0.05 25.56 32.71
CA GLN A 375 0.20 24.14 32.52
C GLN A 375 0.67 23.88 31.09
N PRO A 376 1.32 22.75 30.85
CA PRO A 376 1.74 22.46 29.47
C PRO A 376 0.54 22.24 28.58
N ASN A 377 0.68 22.62 27.32
CA ASN A 377 -0.34 22.35 26.32
C ASN A 377 0.05 21.13 25.47
N MSE A 378 -0.89 20.69 24.65
CA MSE A 378 -0.65 19.68 23.64
C MSE A 378 0.75 19.78 23.00
O MSE A 378 1.55 18.84 23.04
CB MSE A 378 -1.69 19.78 22.54
CG MSE A 378 -2.82 18.80 22.63
SE MSE A 378 -4.13 19.29 21.30
CE MSE A 378 -2.96 20.12 19.99
N ASP A 379 1.02 20.95 22.42
CA ASP A 379 2.22 21.10 21.60
C ASP A 379 3.48 21.17 22.45
N GLU A 380 3.37 21.68 23.67
CA GLU A 380 4.52 21.65 24.55
C GLU A 380 4.81 20.23 25.03
N ILE A 381 3.77 19.47 25.34
CA ILE A 381 3.97 18.08 25.77
C ILE A 381 4.62 17.28 24.65
N ALA A 382 4.05 17.37 23.45
CA ALA A 382 4.63 16.74 22.26
C ALA A 382 6.07 17.19 22.05
N ALA A 383 6.32 18.50 22.17
CA ALA A 383 7.67 19.01 22.03
C ALA A 383 8.60 18.34 23.03
N ALA A 384 8.16 18.22 24.27
CA ALA A 384 8.99 17.60 25.29
C ALA A 384 9.32 16.17 24.90
N ARG A 385 8.32 15.40 24.44
CA ARG A 385 8.55 14.02 24.02
C ARG A 385 9.58 13.96 22.89
N ILE A 386 9.39 14.79 21.86
CA ILE A 386 10.31 14.80 20.72
C ILE A 386 11.72 15.13 21.17
N VAL A 387 11.86 16.05 22.12
CA VAL A 387 13.18 16.38 22.63
C VAL A 387 13.78 15.17 23.34
N GLN A 388 12.99 14.52 24.21
CA GLN A 388 13.48 13.36 24.94
C GLN A 388 13.94 12.25 24.00
N GLN A 389 13.23 12.09 22.88
CA GLN A 389 13.58 11.05 21.92
C GLN A 389 14.81 11.41 21.10
N ILE A 390 14.94 12.68 20.69
CA ILE A 390 16.17 13.10 20.02
C ILE A 390 17.35 12.89 20.94
N MSE A 391 17.15 13.08 22.23
CA MSE A 391 18.25 13.04 23.16
C MSE A 391 18.63 11.60 23.46
O MSE A 391 19.79 11.28 23.68
CB MSE A 391 17.88 13.76 24.45
CG MSE A 391 17.65 15.23 24.17
SE MSE A 391 19.26 16.09 24.58
CE MSE A 391 19.67 16.91 22.91
N ALA A 392 17.60 10.74 23.48
CA ALA A 392 17.82 9.32 23.76
C ALA A 392 18.51 8.63 22.60
N ASN A 393 18.27 9.09 21.38
CA ASN A 393 18.83 8.50 20.17
C ASN A 393 19.40 9.62 19.33
N PRO A 394 20.62 10.09 19.66
CA PRO A 394 21.23 11.18 18.86
C PRO A 394 21.57 10.79 17.44
N ASP A 395 21.55 9.49 17.12
CA ASP A 395 21.85 9.03 15.76
C ASP A 395 20.86 9.58 14.74
N CYS A 396 19.69 10.04 15.20
CA CYS A 396 18.65 10.60 14.33
C CYS A 396 19.03 11.97 13.78
N ILE A 397 20.20 12.50 14.12
CA ILE A 397 20.55 13.88 13.81
C ILE A 397 21.42 13.88 12.56
N HIS A 398 20.87 14.41 11.47
CA HIS A 398 21.58 14.61 10.22
C HIS A 398 21.82 16.10 9.99
N ASP A 399 22.82 16.38 9.16
CA ASP A 399 23.28 17.76 9.01
C ASP A 399 22.18 18.69 8.52
N ASP A 400 21.15 18.13 7.90
CA ASP A 400 20.07 18.88 7.28
C ASP A 400 18.75 18.78 8.04
N HIS A 401 18.60 17.78 8.90
CA HIS A 401 17.29 17.41 9.45
C HIS A 401 17.50 16.43 10.59
N VAL A 402 16.44 16.20 11.34
CA VAL A 402 16.37 15.12 12.32
C VAL A 402 15.36 14.11 11.78
N PHE A 403 15.72 12.83 11.81
CA PHE A 403 14.82 11.79 11.27
C PHE A 403 14.42 10.86 12.42
N LEU A 404 13.20 11.04 12.92
CA LEU A 404 12.71 10.29 14.07
C LEU A 404 11.44 9.54 13.69
N ASN A 405 11.46 8.22 13.85
CA ASN A 405 10.28 7.37 13.66
C ASN A 405 9.56 7.68 12.35
N GLY A 406 10.32 7.70 11.27
CA GLY A 406 9.77 7.92 9.95
C GLY A 406 9.33 9.33 9.66
N GLN A 407 9.71 10.30 10.49
CA GLN A 407 9.31 11.69 10.30
C GLN A 407 10.55 12.55 10.16
N LYS A 408 10.48 13.49 9.23
CA LYS A 408 11.60 14.39 8.92
C LYS A 408 11.32 15.74 9.56
N LEU A 409 12.17 16.15 10.48
CA LEU A 409 12.06 17.41 11.17
C LEU A 409 13.14 18.35 10.64
N GLU A 410 12.73 19.40 9.95
CA GLU A 410 13.65 20.33 9.34
C GLU A 410 13.83 21.54 10.25
N GLU A 411 14.67 22.47 9.82
CA GLU A 411 15.04 23.61 10.65
C GLU A 411 13.80 24.38 11.10
N LYS A 412 12.85 24.59 10.19
CA LYS A 412 11.68 25.40 10.52
C LYS A 412 10.89 24.79 11.68
N PHE A 413 10.88 23.47 11.78
CA PHE A 413 10.23 22.83 12.92
C PHE A 413 10.85 23.29 14.22
N PHE A 414 12.18 23.26 14.32
CA PHE A 414 12.81 23.59 15.59
C PHE A 414 12.71 25.08 15.87
N ARG A 415 12.78 25.93 14.84
CA ARG A 415 12.55 27.34 15.08
C ARG A 415 11.13 27.60 15.57
N ASP A 416 10.15 26.90 14.99
CA ASP A 416 8.78 27.00 15.48
C ASP A 416 8.67 26.54 16.93
N LEU A 417 9.43 25.51 17.30
CA LEU A 417 9.51 25.14 18.70
C LEU A 417 10.00 26.31 19.53
N LEU A 418 11.01 27.01 19.02
CA LEU A 418 11.64 28.11 19.74
C LEU A 418 10.70 29.29 19.89
N ALA A 419 9.79 29.47 18.95
CA ALA A 419 8.96 30.66 18.89
C ALA A 419 7.57 30.45 19.50
N LYS A 420 7.03 29.23 19.44
CA LYS A 420 5.65 28.97 19.83
C LYS A 420 5.52 28.23 21.16
N CYS A 421 6.59 27.62 21.66
CA CYS A 421 6.55 26.87 22.90
C CYS A 421 7.16 27.69 24.02
N ASP A 422 6.62 27.53 25.22
CA ASP A 422 7.25 28.09 26.41
C ASP A 422 8.28 27.06 26.84
N MSE A 423 9.52 27.26 26.42
CA MSE A 423 10.52 26.22 26.56
C MSE A 423 10.89 25.95 28.02
O MSE A 423 11.48 24.91 28.34
CB MSE A 423 11.75 26.55 25.74
CG MSE A 423 11.36 26.61 24.30
SE MSE A 423 11.70 24.90 23.40
CE MSE A 423 10.14 23.92 23.67
N ALA A 424 10.53 26.89 28.92
CA ALA A 424 10.65 26.59 30.34
C ALA A 424 9.65 25.50 30.75
N ILE A 425 8.41 25.58 30.28
CA ILE A 425 7.43 24.52 30.53
C ILE A 425 7.92 23.20 29.94
N VAL A 426 8.44 23.24 28.72
CA VAL A 426 8.98 22.04 28.10
C VAL A 426 10.08 21.46 28.95
N GLY A 427 10.96 22.32 29.48
CA GLY A 427 11.98 21.85 30.39
C GLY A 427 11.39 21.21 31.63
N SER A 428 10.30 21.79 32.13
CA SER A 428 9.65 21.19 33.30
C SER A 428 9.16 19.80 32.98
N LEU A 429 8.90 19.48 31.70
CA LEU A 429 8.45 18.15 31.30
C LEU A 429 9.59 17.17 31.01
N LEU A 430 10.84 17.60 31.10
CA LEU A 430 11.97 16.72 30.90
C LEU A 430 12.41 16.09 32.22
N ASN A 431 13.30 15.09 32.11
CA ASN A 431 13.73 14.30 33.26
C ASN A 431 15.25 14.23 33.30
N ASP A 432 15.77 13.61 34.36
CA ASP A 432 17.22 13.56 34.52
C ASP A 432 17.91 12.63 33.53
N THR A 433 17.19 11.67 32.95
CA THR A 433 17.83 10.79 31.97
C THR A 433 18.16 11.55 30.69
N ASP A 434 17.37 12.57 30.34
CA ASP A 434 17.69 13.39 29.18
C ASP A 434 18.89 14.31 29.44
N ILE A 435 18.94 14.87 30.66
CA ILE A 435 20.12 15.61 31.10
C ILE A 435 21.35 14.72 31.00
N ARG A 436 21.24 13.47 31.46
CA ARG A 436 22.35 12.53 31.32
C ARG A 436 22.69 12.31 29.86
N ASN A 437 21.67 12.28 28.99
CA ASN A 437 21.92 12.06 27.57
C ASN A 437 22.59 13.24 26.90
N ILE A 438 22.65 14.40 27.56
CA ILE A 438 23.40 15.50 26.97
C ILE A 438 24.82 15.05 26.61
N ASP A 439 25.45 14.28 27.50
CA ASP A 439 26.81 13.80 27.24
C ASP A 439 26.88 13.00 25.95
N THR A 440 25.92 12.10 25.76
CA THR A 440 25.89 11.31 24.54
C THR A 440 25.64 12.19 23.32
N LEU A 441 24.73 13.16 23.45
CA LEU A 441 24.47 14.07 22.34
C LEU A 441 25.73 14.82 21.96
N MSE A 442 26.51 15.24 22.95
CA MSE A 442 27.70 16.01 22.75
C MSE A 442 28.75 15.15 22.05
O MSE A 442 29.47 15.63 21.17
CB MSE A 442 28.20 16.54 24.08
CG MSE A 442 27.31 17.70 24.60
SE MSE A 442 27.22 19.23 23.36
CE MSE A 442 25.98 20.41 24.34
N GLN A 443 28.80 13.86 22.44
CA GLN A 443 29.65 12.91 21.73
C GLN A 443 29.26 12.84 20.26
N HIS A 444 27.97 12.74 19.98
CA HIS A 444 27.51 12.72 18.60
C HIS A 444 27.85 14.02 17.88
N GLU A 445 27.83 15.15 18.60
CA GLU A 445 28.17 16.44 18.03
C GLU A 445 29.59 16.88 18.41
N ARG A 446 30.51 15.92 18.61
CA ARG A 446 31.88 16.25 18.97
C ARG A 446 32.48 17.27 18.02
N ASN A 447 32.18 17.15 16.72
CA ASN A 447 32.84 17.97 15.70
C ASN A 447 31.86 18.90 15.01
N THR A 448 30.83 19.34 15.72
CA THR A 448 29.88 20.28 15.16
C THR A 448 30.37 21.69 15.48
N GLU A 449 30.71 22.45 14.44
CA GLU A 449 31.25 23.79 14.66
C GLU A 449 30.14 24.73 15.10
N PHE A 450 30.42 25.50 16.14
CA PHE A 450 29.50 26.47 16.68
C PHE A 450 30.12 27.85 16.49
N HIS A 451 29.32 28.78 15.97
CA HIS A 451 29.82 30.08 15.55
C HIS A 451 29.26 31.15 16.49
N SER A 452 30.14 31.90 17.12
CA SER A 452 29.71 33.07 17.85
C SER A 452 29.08 34.07 16.89
N THR A 453 28.26 34.97 17.43
CA THR A 453 27.73 36.07 16.62
C THR A 453 28.81 37.11 16.31
N ASP A 454 29.87 37.17 17.12
CA ASP A 454 31.05 37.95 16.79
C ASP A 454 31.72 37.30 15.58
N ALA A 455 31.57 37.94 14.42
CA ALA A 455 32.05 37.32 13.18
C ALA A 455 33.57 37.23 13.12
N LYS A 456 34.29 37.95 14.00
CA LYS A 456 35.73 37.84 14.05
C LYS A 456 36.18 36.62 14.84
N ALA A 457 35.43 36.25 15.89
CA ALA A 457 35.81 35.10 16.69
C ALA A 457 35.65 33.80 15.88
N LYS A 458 36.50 32.83 16.20
CA LYS A 458 36.61 31.59 15.45
C LYS A 458 35.51 30.60 15.82
N PRO A 459 35.23 29.63 14.93
CA PRO A 459 34.29 28.56 15.28
C PRO A 459 34.85 27.65 16.35
N VAL A 460 33.95 27.10 17.16
CA VAL A 460 34.30 26.22 18.26
C VAL A 460 33.56 24.90 18.06
N LYS A 461 34.26 23.79 18.30
CA LYS A 461 33.65 22.48 18.19
C LYS A 461 32.81 22.25 19.45
N LEU A 462 31.50 22.05 19.27
CA LEU A 462 30.57 21.95 20.39
C LEU A 462 30.90 20.79 21.31
N GLY A 463 30.68 19.57 20.82
CA GLY A 463 30.83 18.39 21.66
C GLY A 463 32.23 18.20 22.22
N GLU A 464 33.25 18.58 21.44
CA GLU A 464 34.60 18.45 21.95
C GLU A 464 34.85 19.43 23.09
N THR A 465 34.44 20.69 22.92
CA THR A 465 34.58 21.67 24.00
C THR A 465 33.81 21.25 25.24
N TRP A 466 32.61 20.70 25.04
CA TRP A 466 31.87 20.16 26.17
C TRP A 466 32.68 19.09 26.89
N GLU A 467 33.16 18.07 26.14
CA GLU A 467 33.82 16.93 26.76
C GLU A 467 35.10 17.34 27.47
N LYS A 468 35.85 18.26 26.87
CA LYS A 468 37.21 18.53 27.33
C LYS A 468 37.33 19.75 28.23
N THR A 469 36.33 20.62 28.29
CA THR A 469 36.51 21.86 29.02
C THR A 469 35.35 22.21 29.93
N ILE A 470 34.12 21.81 29.60
CA ILE A 470 32.96 22.22 30.38
C ILE A 470 32.59 21.10 31.32
N ARG A 471 32.31 19.93 30.76
CA ARG A 471 31.89 18.80 31.53
C ARG A 471 32.95 18.44 32.58
N SER A 472 32.49 18.14 33.80
CA SER A 472 33.38 17.96 34.95
C SER A 472 33.04 16.69 35.73
N GLY A 473 32.49 15.68 35.04
CA GLY A 473 32.11 14.42 35.66
C GLY A 473 30.87 14.56 36.54
N GLY A 474 30.71 13.57 37.42
CA GLY A 474 29.66 13.59 38.42
C GLY A 474 28.31 13.18 37.86
N GLY A 475 27.28 13.38 38.70
CA GLY A 475 25.91 13.03 38.39
C GLY A 475 25.14 14.15 37.70
N VAL A 476 23.82 13.96 37.64
CA VAL A 476 22.97 14.85 36.85
C VAL A 476 23.05 16.28 37.35
N THR A 477 23.15 16.50 38.66
CA THR A 477 23.22 17.87 39.16
C THR A 477 24.45 18.58 38.63
N GLN A 478 25.60 17.89 38.59
CA GLN A 478 26.79 18.51 38.05
C GLN A 478 26.65 18.77 36.56
N ILE A 479 25.95 17.91 35.83
CA ILE A 479 25.67 18.20 34.42
C ILE A 479 24.83 19.47 34.32
N LYS A 480 23.87 19.63 35.22
CA LYS A 480 23.04 20.81 35.16
C LYS A 480 23.87 22.06 35.40
N HIS A 481 24.76 22.00 36.41
CA HIS A 481 25.60 23.16 36.68
C HIS A 481 26.60 23.37 35.57
N ASP A 482 27.01 22.30 34.88
CA ASP A 482 27.92 22.42 33.74
C ASP A 482 27.21 23.09 32.57
N LEU A 483 26.00 22.63 32.27
CA LEU A 483 25.21 23.24 31.20
C LEU A 483 24.99 24.71 31.48
N ILE A 484 24.59 25.04 32.72
CA ILE A 484 24.40 26.43 33.10
C ILE A 484 25.71 27.21 32.96
N PHE A 485 26.82 26.59 33.37
CA PHE A 485 28.14 27.21 33.25
C PHE A 485 28.50 27.48 31.79
N LEU A 486 28.10 26.57 30.90
CA LEU A 486 28.27 26.83 29.48
C LEU A 486 27.45 28.05 29.06
N MSE A 487 26.21 28.14 29.56
CA MSE A 487 25.38 29.29 29.20
C MSE A 487 25.98 30.58 29.70
O MSE A 487 25.88 31.63 29.06
CB MSE A 487 23.99 29.14 29.79
CG MSE A 487 23.04 30.10 29.21
SE MSE A 487 21.65 30.31 30.51
CE MSE A 487 22.59 31.24 31.94
N GLN A 488 26.60 30.50 30.87
CA GLN A 488 27.10 31.68 31.57
C GLN A 488 28.48 32.11 31.08
N ASN A 489 29.30 31.17 30.63
CA ASN A 489 30.72 31.42 30.41
C ASN A 489 31.10 31.55 28.94
N ASP A 490 30.50 30.75 28.07
CA ASP A 490 31.01 30.61 26.70
C ASP A 490 30.13 31.41 25.73
N ALA A 491 30.64 32.56 25.28
CA ALA A 491 29.83 33.43 24.43
C ALA A 491 29.66 32.85 23.01
N TRP A 492 30.65 32.12 22.50
CA TRP A 492 30.47 31.42 21.23
C TRP A 492 29.25 30.51 21.23
N TYR A 493 28.76 30.12 22.41
CA TYR A 493 27.56 29.31 22.53
C TYR A 493 26.34 30.18 22.78
N HIS A 494 26.37 31.00 23.84
CA HIS A 494 25.11 31.66 24.21
C HIS A 494 24.76 32.82 23.31
N THR A 495 25.71 33.43 22.61
CA THR A 495 25.36 34.49 21.64
C THR A 495 24.53 33.91 20.50
N ARG A 496 25.04 32.83 19.89
CA ARG A 496 24.32 32.13 18.85
C ARG A 496 23.00 31.59 19.36
N VAL A 497 23.01 30.96 20.54
CA VAL A 497 21.79 30.35 21.07
C VAL A 497 20.71 31.40 21.28
N ASN A 498 21.05 32.45 22.01
CA ASN A 498 20.10 33.53 22.27
C ASN A 498 19.57 34.12 20.97
N ALA A 499 20.48 34.42 20.02
CA ALA A 499 20.04 35.01 18.74
C ALA A 499 19.05 34.11 18.03
N ILE A 500 19.30 32.80 18.03
CA ILE A 500 18.41 31.86 17.35
C ILE A 500 17.06 31.78 18.06
N ALA A 501 17.07 31.75 19.40
CA ALA A 501 15.82 31.63 20.14
C ALA A 501 14.96 32.87 19.95
N GLN A 502 15.58 34.04 19.90
CA GLN A 502 14.88 35.29 19.68
C GLN A 502 14.62 35.58 18.21
N ASN A 503 14.93 34.63 17.31
CA ASN A 503 14.67 34.77 15.88
C ASN A 503 15.30 36.04 15.31
N ARG A 504 16.55 36.31 15.73
CA ARG A 504 17.30 37.44 15.21
C ARG A 504 18.68 37.00 14.73
N ASP A 505 18.84 35.70 14.46
CA ASP A 505 20.12 35.16 14.03
C ASP A 505 20.30 35.37 12.54
N LYS A 506 21.56 35.47 12.13
CA LYS A 506 21.92 35.58 10.73
C LYS A 506 22.91 34.48 10.40
N ASP A 507 22.61 33.70 9.36
CA ASP A 507 23.50 32.67 8.82
C ASP A 507 23.85 31.63 9.87
N SER A 508 22.83 30.95 10.36
CA SER A 508 23.02 29.90 11.34
C SER A 508 22.92 28.55 10.67
N THR A 509 23.69 27.61 11.18
CA THR A 509 23.63 26.23 10.73
C THR A 509 22.44 25.51 11.35
N PHE A 510 22.03 24.42 10.70
CA PHE A 510 20.90 23.66 11.20
C PHE A 510 21.16 23.13 12.60
N LYS A 511 22.35 22.58 12.84
CA LYS A 511 22.66 22.00 14.14
C LYS A 511 22.73 23.09 15.22
N GLU A 512 23.03 24.33 14.84
CA GLU A 512 22.92 25.41 15.81
C GLU A 512 21.47 25.65 16.21
N VAL A 513 20.56 25.63 15.22
CA VAL A 513 19.15 25.81 15.56
C VAL A 513 18.66 24.66 16.42
N LEU A 514 19.07 23.43 16.06
CA LEU A 514 18.64 22.24 16.79
C LEU A 514 19.16 22.26 18.20
N ILE A 515 20.47 22.49 18.36
CA ILE A 515 21.06 22.58 19.68
C ILE A 515 20.39 23.68 20.49
N THR A 516 20.04 24.80 19.85
CA THR A 516 19.28 25.83 20.55
C THR A 516 17.96 25.26 21.05
N ALA A 517 17.28 24.50 20.18
CA ALA A 517 15.95 23.96 20.50
C ALA A 517 16.00 22.92 21.60
N LEU A 518 17.12 22.20 21.72
CA LEU A 518 17.27 21.18 22.74
C LEU A 518 17.80 21.75 24.04
N MSE A 519 18.63 22.77 23.95
CA MSE A 519 19.38 23.15 25.12
C MSE A 519 18.61 24.21 25.87
O MSE A 519 18.81 24.38 27.08
CB MSE A 519 20.77 23.65 24.74
CG MSE A 519 21.62 22.56 24.13
SE MSE A 519 22.49 21.46 25.47
CE MSE A 519 21.29 19.99 25.47
N THR A 520 17.74 24.93 25.19
CA THR A 520 16.92 25.91 25.91
C THR A 520 16.03 25.24 26.96
N PRO A 521 15.17 24.26 26.63
CA PRO A 521 14.44 23.57 27.71
C PRO A 521 15.36 22.81 28.65
N LEU A 522 16.44 22.21 28.15
CA LEU A 522 17.35 21.51 29.06
C LEU A 522 18.00 22.48 30.04
N THR A 523 18.38 23.66 29.57
CA THR A 523 18.92 24.66 30.49
C THR A 523 17.86 25.14 31.47
N ASN A 524 16.62 25.28 30.99
CA ASN A 524 15.55 25.69 31.89
C ASN A 524 15.34 24.65 32.99
N LYS A 525 15.31 23.36 32.63
CA LYS A 525 15.20 22.32 33.65
C LYS A 525 16.39 22.35 34.58
N SER A 526 17.59 22.56 34.04
CA SER A 526 18.78 22.63 34.90
C SER A 526 18.62 23.74 35.93
N LEU A 527 18.22 24.93 35.48
CA LEU A 527 18.05 26.06 36.36
C LEU A 527 16.97 25.78 37.40
N MSE A 528 15.82 25.30 36.95
CA MSE A 528 14.67 25.09 37.80
C MSE A 528 15.01 24.08 38.89
O MSE A 528 14.63 24.25 40.04
CB MSE A 528 13.54 24.60 36.93
CG MSE A 528 12.74 25.75 36.36
SE MSE A 528 11.30 25.16 35.17
CE MSE A 528 12.23 24.48 33.68
N ASP A 529 15.75 23.04 38.50
CA ASP A 529 16.11 21.98 39.44
C ASP A 529 17.20 22.41 40.42
N THR A 530 18.13 23.26 39.98
CA THR A 530 19.29 23.54 40.82
C THR A 530 19.20 24.85 41.59
N SER A 531 18.27 25.75 41.24
CA SER A 531 18.20 27.06 41.87
C SER A 531 17.34 26.96 43.13
N ARG A 532 17.88 27.42 44.25
CA ARG A 532 17.14 27.46 45.50
C ARG A 532 16.98 28.86 46.03
N SER A 533 17.67 29.83 45.45
CA SER A 533 17.64 31.21 45.88
C SER A 533 16.21 31.74 45.94
N PRO A 534 15.92 32.68 46.83
CA PRO A 534 14.62 33.37 46.78
C PRO A 534 14.57 34.28 45.59
N ALA A 535 13.41 34.34 44.96
CA ALA A 535 13.30 35.11 43.72
C ALA A 535 13.51 36.58 44.03
N PRO A 536 14.48 37.24 43.41
CA PRO A 536 14.63 38.68 43.59
C PRO A 536 13.52 39.42 42.87
N LYS A 537 13.28 40.65 43.31
CA LYS A 537 12.24 41.49 42.72
C LYS A 537 12.81 42.67 41.96
N THR A 538 14.13 42.78 41.86
CA THR A 538 14.78 43.82 41.06
C THR A 538 16.00 43.20 40.39
N LEU A 539 15.93 43.02 39.07
CA LEU A 539 17.03 42.49 38.27
C LEU A 539 17.52 43.53 37.27
N PHE A 540 18.77 43.36 36.85
CA PHE A 540 19.38 44.30 35.94
C PHE A 540 19.91 43.53 34.74
N ARG A 541 19.54 44.00 33.55
CA ARG A 541 19.99 43.35 32.33
C ARG A 541 20.76 44.36 31.50
N GLY A 542 21.91 43.94 30.99
CA GLY A 542 22.78 44.80 30.22
C GLY A 542 22.69 44.44 28.76
N LEU A 543 22.62 45.46 27.91
CA LEU A 543 22.56 45.29 26.47
C LEU A 543 23.44 46.36 25.84
N ASP A 544 24.14 45.99 24.77
CA ASP A 544 24.93 46.94 24.00
C ASP A 544 24.24 47.04 22.63
N LEU A 545 23.37 48.05 22.50
CA LEU A 545 22.56 48.25 21.31
C LEU A 545 23.12 49.39 20.46
N SER A 546 22.65 49.45 19.21
CA SER A 546 22.98 50.59 18.36
C SER A 546 22.28 51.85 18.86
N GLU A 547 22.92 52.99 18.61
CA GLU A 547 22.30 54.27 18.98
C GLU A 547 20.93 54.39 18.35
N GLU A 548 20.77 53.92 17.11
CA GLU A 548 19.49 54.00 16.42
C GLU A 548 18.43 53.17 17.12
N PHE A 549 18.75 51.92 17.43
CA PHE A 549 17.78 51.07 18.09
C PHE A 549 17.49 51.54 19.51
N LYS A 550 18.52 51.94 20.26
CA LYS A 550 18.27 52.46 21.59
C LYS A 550 17.35 53.68 21.54
N ASN A 551 17.59 54.60 20.58
CA ASN A 551 16.74 55.77 20.49
C ASN A 551 15.30 55.40 20.16
N LYS A 552 15.13 54.38 19.31
CA LYS A 552 13.79 53.84 19.09
C LYS A 552 13.17 53.37 20.41
N LEU A 553 13.94 52.64 21.23
CA LEU A 553 13.41 52.19 22.51
C LEU A 553 13.08 53.34 23.42
N ILE A 554 13.89 54.39 23.38
CA ILE A 554 13.59 55.55 24.20
C ILE A 554 12.26 56.17 23.79
N ASN A 555 12.02 56.33 22.48
CA ASN A 555 10.74 56.91 22.05
C ASN A 555 9.58 56.00 22.42
N GLN A 556 9.74 54.69 22.21
CA GLN A 556 8.65 53.79 22.54
C GLN A 556 8.32 53.89 24.02
N ALA A 557 9.36 53.83 24.86
CA ALA A 557 9.18 53.83 26.30
C ALA A 557 8.55 55.13 26.76
N GLU A 558 9.06 56.26 26.28
CA GLU A 558 8.55 57.54 26.72
C GLU A 558 7.12 57.77 26.25
N THR A 559 6.76 57.25 25.08
CA THR A 559 5.35 57.27 24.66
C THR A 559 4.48 56.47 25.63
N ILE A 560 4.91 55.25 25.94
CA ILE A 560 4.19 54.40 26.89
C ILE A 560 4.04 55.11 28.23
N ILE A 561 5.15 55.63 28.77
CA ILE A 561 5.11 56.29 30.06
C ILE A 561 4.17 57.49 30.03
N ALA A 562 4.25 58.28 28.95
CA ALA A 562 3.43 59.48 28.86
C ALA A 562 1.96 59.15 28.73
N ASN A 563 1.61 57.99 28.19
CA ASN A 563 0.20 57.62 28.11
C ASN A 563 -0.22 56.66 29.22
N THR A 564 0.53 56.64 30.31
CA THR A 564 0.18 55.87 31.51
C THR A 564 0.07 56.85 32.66
N THR A 565 -1.17 57.15 33.07
CA THR A 565 -1.41 58.17 34.08
C THR A 565 -2.44 57.67 35.07
N GLU A 566 -2.33 58.14 36.31
CA GLU A 566 -3.41 57.94 37.25
C GLU A 566 -4.57 58.88 36.93
N HIS A 567 -5.73 58.61 37.56
CA HIS A 567 -6.92 59.39 37.31
C HIS A 567 -7.79 59.37 38.54
N LEU A 568 -8.72 60.33 38.59
CA LEU A 568 -9.83 60.37 39.52
C LEU A 568 -11.16 60.10 38.83
N PHE A 569 -11.46 60.84 37.77
CA PHE A 569 -12.74 60.80 37.09
C PHE A 569 -12.67 60.34 35.66
N THR A 570 -11.56 60.57 34.97
CA THR A 570 -11.44 60.32 33.54
C THR A 570 -10.43 59.21 33.31
N ASP A 571 -10.92 58.03 32.91
CA ASP A 571 -10.08 56.84 32.77
C ASP A 571 -9.50 56.78 31.34
N LEU A 572 -8.19 57.04 31.20
CA LEU A 572 -7.52 56.97 29.91
C LEU A 572 -6.81 55.62 29.69
N SER A 573 -7.35 54.54 30.28
CA SER A 573 -6.75 53.21 30.15
C SER A 573 -6.66 52.77 28.69
N THR A 574 -7.69 53.05 27.89
CA THR A 574 -7.69 52.57 26.50
C THR A 574 -6.46 53.04 25.76
N GLU A 575 -6.04 54.29 26.01
CA GLU A 575 -4.87 54.84 25.30
C GLU A 575 -3.58 54.24 25.84
N ALA A 576 -3.53 53.95 27.15
CA ALA A 576 -2.40 53.19 27.67
C ALA A 576 -2.29 51.85 26.96
N PHE A 577 -3.40 51.12 26.85
CA PHE A 577 -3.44 49.89 26.07
C PHE A 577 -2.90 50.10 24.65
N LYS A 578 -3.41 51.11 23.96
CA LYS A 578 -2.99 51.32 22.58
C LYS A 578 -1.50 51.56 22.49
N GLN A 579 -0.96 52.44 23.34
CA GLN A 579 0.44 52.81 23.21
C GLN A 579 1.37 51.71 23.68
N ILE A 580 0.98 50.96 24.72
CA ILE A 580 1.80 49.84 25.16
C ILE A 580 1.84 48.77 24.09
N LYS A 581 0.69 48.49 23.46
CA LYS A 581 0.68 47.50 22.39
C LYS A 581 1.40 47.98 21.13
N LEU A 582 1.47 49.30 20.90
CA LEU A 582 2.23 49.78 19.75
C LEU A 582 3.72 49.78 20.02
N ASN A 583 4.11 50.09 21.25
CA ASN A 583 5.49 50.37 21.59
C ASN A 583 6.09 49.31 22.51
N ASP A 584 5.45 48.17 22.68
CA ASP A 584 6.02 47.15 23.55
C ASP A 584 7.31 46.62 22.93
N PHE A 585 8.35 46.52 23.74
CA PHE A 585 9.58 45.87 23.33
C PHE A 585 9.95 44.75 24.31
N SER A 586 8.95 44.05 24.84
CA SER A 586 9.23 42.93 25.74
C SER A 586 10.00 41.83 25.03
N GLN A 587 9.83 41.72 23.71
CA GLN A 587 10.45 40.63 22.97
C GLN A 587 11.97 40.73 22.98
N VAL A 588 12.51 41.92 23.31
CA VAL A 588 13.95 42.06 23.47
C VAL A 588 14.48 41.19 24.61
N SER A 589 13.62 40.83 25.56
CA SER A 589 14.02 39.99 26.68
C SER A 589 13.29 38.66 26.68
N ALA A 590 12.72 38.27 25.55
CA ALA A 590 11.87 37.10 25.48
C ALA A 590 12.56 35.94 24.75
N ARG A 591 11.95 34.77 24.85
CA ARG A 591 12.17 33.60 24.01
C ARG A 591 13.44 32.81 24.38
N THR A 592 14.34 33.37 25.18
CA THR A 592 15.56 32.70 25.56
C THR A 592 15.79 32.87 27.06
N CYS A 593 16.85 32.20 27.56
CA CYS A 593 17.28 32.27 28.95
C CYS A 593 18.09 33.54 29.14
N ALA A 594 17.37 34.65 29.31
CA ALA A 594 17.99 35.96 29.41
C ALA A 594 18.77 36.10 30.70
N SER A 595 20.02 36.55 30.57
CA SER A 595 20.91 36.71 31.71
C SER A 595 20.68 38.06 32.39
N THR A 596 20.58 38.04 33.72
CA THR A 596 20.33 39.23 34.53
C THR A 596 21.19 39.14 35.78
N SER A 597 21.25 40.25 36.53
CA SER A 597 21.95 40.27 37.79
C SER A 597 21.27 41.22 38.77
N THR A 598 21.44 40.94 40.06
CA THR A 598 20.96 41.83 41.10
C THR A 598 21.88 43.03 41.30
N ASN A 599 23.10 42.98 40.77
CA ASN A 599 24.09 44.03 40.91
C ASN A 599 24.19 44.80 39.59
N ILE A 600 23.67 46.03 39.60
CA ILE A 600 23.65 46.85 38.39
C ILE A 600 25.06 47.13 37.91
N GLU A 601 26.06 46.95 38.77
CA GLU A 601 27.43 47.20 38.37
C GLU A 601 27.99 46.11 37.44
N VAL A 602 27.36 44.94 37.39
CA VAL A 602 27.77 43.92 36.43
C VAL A 602 27.42 44.42 35.03
N PRO A 603 26.17 44.81 34.75
CA PRO A 603 25.88 45.32 33.39
C PRO A 603 26.51 46.68 33.12
N ARG A 604 26.57 47.55 34.13
CA ARG A 604 27.03 48.91 33.93
C ARG A 604 28.54 48.99 33.88
N THR A 605 29.22 48.43 34.89
CA THR A 605 30.67 48.57 35.05
C THR A 605 31.48 47.45 34.40
N ILE A 606 31.09 46.20 34.61
CA ILE A 606 31.89 45.08 34.11
C ILE A 606 31.81 45.00 32.59
N PHE A 607 30.60 45.04 32.05
CA PHE A 607 30.39 44.87 30.62
C PHE A 607 30.20 46.16 29.86
N GLY A 608 30.12 47.30 30.55
CA GLY A 608 30.05 48.59 29.87
C GLY A 608 28.86 48.72 28.95
N SER A 609 27.74 48.11 29.33
CA SER A 609 26.55 48.18 28.51
C SER A 609 26.05 49.61 28.43
N ASN A 610 25.55 49.99 27.27
CA ASN A 610 24.92 51.29 27.06
C ASN A 610 23.43 51.27 27.40
N THR A 611 22.86 50.09 27.57
CA THR A 611 21.44 49.93 27.86
C THR A 611 21.29 49.01 29.05
N ILE A 612 20.52 49.46 30.04
CA ILE A 612 20.26 48.65 31.23
C ILE A 612 18.75 48.59 31.44
N PHE A 613 18.24 47.37 31.55
CA PHE A 613 16.84 47.16 31.87
C PHE A 613 16.79 46.89 33.36
N GLU A 614 16.19 47.82 34.10
CA GLU A 614 15.86 47.64 35.51
C GLU A 614 14.49 46.96 35.52
N ILE A 615 14.51 45.64 35.65
CA ILE A 615 13.31 44.82 35.57
C ILE A 615 12.80 44.62 36.99
N LEU A 616 11.59 45.12 37.25
CA LEU A 616 10.94 44.98 38.54
C LEU A 616 9.87 43.91 38.45
N ASP A 617 9.94 42.94 39.36
CA ASP A 617 8.96 41.84 39.42
C ASP A 617 8.32 41.88 40.81
N PRO A 618 7.47 42.88 41.07
CA PRO A 618 6.88 42.97 42.40
C PRO A 618 5.80 41.94 42.63
N ASP A 619 5.28 41.30 41.57
CA ASP A 619 4.23 40.31 41.70
C ASP A 619 4.74 38.90 41.46
N GLY A 620 6.06 38.72 41.41
CA GLY A 620 6.63 37.39 41.24
C GLY A 620 6.13 36.65 40.02
N LEU A 621 6.28 37.26 38.85
CA LEU A 621 5.81 36.69 37.60
C LEU A 621 6.90 36.15 36.71
N LEU A 622 8.16 36.51 36.96
CA LEU A 622 9.25 36.16 36.07
C LEU A 622 9.89 34.84 36.43
N HIS A 623 9.76 34.40 37.68
CA HIS A 623 10.33 33.15 38.16
C HIS A 623 11.82 33.00 37.78
N PRO A 624 12.67 33.97 38.16
CA PRO A 624 14.09 33.86 37.81
C PRO A 624 14.78 32.79 38.62
N LYS A 625 15.78 32.18 38.00
CA LYS A 625 16.56 31.11 38.62
C LYS A 625 18.00 31.57 38.80
N GLN A 626 18.62 31.12 39.88
CA GLN A 626 19.99 31.51 40.17
C GLN A 626 20.96 30.82 39.21
N VAL A 627 21.94 31.57 38.72
CA VAL A 627 22.96 31.07 37.81
C VAL A 627 24.31 31.12 38.50
N GLY A 628 24.91 29.94 38.71
CA GLY A 628 26.27 29.89 39.24
C GLY A 628 26.39 30.24 40.71
N THR A 629 27.54 30.81 41.06
CA THR A 629 27.81 31.20 42.44
C THR A 629 27.45 32.66 42.69
N HIS A 630 27.18 32.97 43.95
CA HIS A 630 26.84 34.32 44.40
C HIS A 630 27.79 34.77 45.50
N VAL A 631 29.08 34.43 45.37
CA VAL A 631 30.09 35.00 46.24
C VAL A 631 30.26 36.49 45.94
N SER A 632 30.81 37.21 46.90
CA SER A 632 31.12 38.61 46.64
C SER A 632 32.13 38.70 45.50
N GLY A 633 31.84 39.53 44.50
CA GLY A 633 32.66 39.59 43.31
C GLY A 633 32.17 38.72 42.17
N SER A 634 31.08 37.98 42.38
CA SER A 634 30.47 37.21 41.32
C SER A 634 29.55 38.09 40.49
N GLU A 635 28.99 37.52 39.44
CA GLU A 635 28.07 38.25 38.58
C GLU A 635 26.65 38.32 39.15
N SER A 636 26.40 37.67 40.31
CA SER A 636 25.07 37.66 40.94
C SER A 636 23.98 37.33 39.94
N GLU A 637 24.29 36.42 39.03
CA GLU A 637 23.48 36.22 37.84
C GLU A 637 22.25 35.35 38.11
N TYR A 638 21.11 35.80 37.60
CA TYR A 638 19.89 35.04 37.54
C TYR A 638 19.44 34.99 36.09
N SER A 639 18.74 33.93 35.71
CA SER A 639 18.26 33.79 34.34
C SER A 639 16.73 33.81 34.34
N ILE A 640 16.14 34.54 33.41
CA ILE A 640 14.69 34.61 33.26
C ILE A 640 14.30 34.11 31.88
N TYR A 641 13.32 33.21 31.83
CA TYR A 641 12.69 32.86 30.57
C TYR A 641 11.31 33.49 30.62
N LEU A 642 11.13 34.56 29.87
CA LEU A 642 9.94 35.39 29.98
C LEU A 642 8.67 34.58 29.70
N PRO A 643 7.70 34.55 30.61
CA PRO A 643 6.43 33.88 30.32
C PRO A 643 5.71 34.58 29.19
N GLU A 644 4.85 33.81 28.51
CA GLU A 644 4.25 34.27 27.27
C GLU A 644 3.29 35.43 27.48
N ASP A 645 2.67 35.50 28.66
CA ASP A 645 1.67 36.53 28.95
C ASP A 645 2.19 37.56 29.93
N VAL A 646 3.51 37.69 30.07
CA VAL A 646 4.10 38.69 30.93
C VAL A 646 4.81 39.71 30.05
N ALA A 647 4.55 40.99 30.31
CA ALA A 647 5.14 42.07 29.55
C ALA A 647 6.03 42.92 30.47
N LEU A 648 7.13 43.40 29.90
CA LEU A 648 8.02 44.29 30.61
C LEU A 648 7.65 45.71 30.19
N VAL A 649 6.77 46.34 30.97
CA VAL A 649 6.26 47.64 30.59
C VAL A 649 7.13 48.71 31.21
N PRO A 650 7.66 49.65 30.42
CA PRO A 650 8.54 50.68 30.98
C PRO A 650 7.75 51.68 31.81
N ILE A 651 8.30 52.05 32.96
CA ILE A 651 7.74 53.13 33.75
C ILE A 651 8.68 54.31 33.88
N LYS A 652 9.94 54.17 33.46
CA LYS A 652 10.93 55.21 33.67
C LYS A 652 12.07 54.98 32.69
N VAL A 653 12.57 56.06 32.09
CA VAL A 653 13.80 56.05 31.31
C VAL A 653 14.71 57.11 31.88
N SER A 654 15.95 56.72 32.21
CA SER A 654 16.90 57.63 32.84
C SER A 654 18.17 57.69 32.01
N PHE A 655 18.68 58.90 31.82
CA PHE A 655 20.02 59.03 31.29
C PHE A 655 21.01 58.77 32.43
N ASP A 656 21.92 57.82 32.23
CA ASP A 656 22.77 57.38 33.33
C ASP A 656 24.24 57.74 33.12
N GLY A 657 24.55 58.58 32.14
CA GLY A 657 25.92 58.96 31.88
C GLY A 657 26.51 58.23 30.69
N LYS A 658 27.84 58.18 30.66
CA LYS A 658 28.54 57.63 29.52
C LYS A 658 29.26 56.34 29.89
N THR A 659 29.44 55.47 28.89
CA THR A 659 30.16 54.23 29.10
C THR A 659 31.67 54.48 29.02
N GLY A 660 32.45 53.42 29.16
CA GLY A 660 33.88 53.56 28.98
C GLY A 660 34.25 54.05 27.58
N LYS A 661 33.53 53.59 26.57
CA LYS A 661 33.73 54.01 25.18
C LYS A 661 33.09 55.35 24.87
N GLY A 662 32.54 56.03 25.86
CA GLY A 662 31.95 57.34 25.68
C GLY A 662 30.59 57.38 25.00
N LYS A 663 29.89 56.25 24.90
CA LYS A 663 28.52 56.29 24.40
C LYS A 663 27.57 56.56 25.56
N ASP A 664 26.40 57.10 25.23
CA ASP A 664 25.42 57.43 26.25
C ASP A 664 24.79 56.16 26.79
N ARG A 665 24.53 56.15 28.11
CA ARG A 665 23.94 55.01 28.79
C ARG A 665 22.59 55.38 29.39
N HIS A 666 21.59 54.53 29.14
CA HIS A 666 20.24 54.72 29.66
C HIS A 666 19.79 53.52 30.47
N ILE A 667 18.91 53.77 31.43
CA ILE A 667 18.32 52.74 32.27
C ILE A 667 16.81 52.78 32.05
N PHE A 668 16.28 51.71 31.46
CA PHE A 668 14.84 51.52 31.32
C PHE A 668 14.35 50.70 32.49
N THR A 669 13.48 51.29 33.30
CA THR A 669 12.84 50.58 34.40
C THR A 669 11.57 49.92 33.86
N LEU A 670 11.52 48.59 33.93
CA LEU A 670 10.42 47.82 33.38
C LEU A 670 9.72 47.05 34.50
N VAL A 671 8.40 47.06 34.48
CA VAL A 671 7.61 46.31 35.45
C VAL A 671 6.97 45.12 34.73
N ALA A 672 7.19 43.94 35.30
CA ALA A 672 6.60 42.75 34.73
C ALA A 672 5.11 42.75 35.05
N VAL A 673 4.28 42.66 34.01
CA VAL A 673 2.83 42.68 34.15
C VAL A 673 2.25 41.49 33.40
N LYS A 674 1.47 40.69 34.09
CA LYS A 674 0.89 39.49 33.50
C LYS A 674 -0.56 39.76 33.14
N SER A 675 -0.95 39.33 31.95
CA SER A 675 -2.30 39.58 31.46
C SER A 675 -2.59 38.66 30.29
N PRO A 676 -3.81 38.13 30.19
CA PRO A 676 -4.19 37.39 28.96
C PRO A 676 -4.09 38.21 27.70
N ASP A 677 -4.12 39.55 27.80
CA ASP A 677 -3.99 40.38 26.60
C ASP A 677 -2.63 40.21 25.96
N PHE A 678 -1.62 39.87 26.75
CA PHE A 678 -0.28 39.66 26.19
C PHE A 678 -0.07 38.25 25.66
N THR A 679 -0.98 37.32 25.96
CA THR A 679 -0.89 35.99 25.41
C THR A 679 -0.85 36.07 23.88
N PRO A 680 0.04 35.30 23.24
CA PRO A 680 0.09 35.29 21.77
C PRO A 680 -0.81 34.21 21.18
N ARG A 681 -1.29 34.48 19.98
CA ARG A 681 -2.14 33.52 19.28
C ARG A 681 -1.26 32.63 18.43
N HIS A 682 -1.24 31.34 18.77
CA HIS A 682 -0.47 30.36 18.02
C HIS A 682 -1.41 29.26 17.53
N GLU A 683 -1.01 28.61 16.45
CA GLU A 683 -1.83 27.57 15.86
C GLU A 683 -1.36 26.23 16.42
N SER A 684 -2.28 25.48 17.03
CA SER A 684 -1.94 24.18 17.59
C SER A 684 -1.49 23.23 16.47
N GLY A 685 -0.71 22.24 16.86
CA GLY A 685 -0.34 21.18 15.94
C GLY A 685 1.09 21.24 15.43
N TYR A 686 1.83 22.33 15.67
CA TYR A 686 3.19 22.43 15.14
C TYR A 686 4.06 21.30 15.67
N ALA A 687 3.79 20.83 16.89
CA ALA A 687 4.54 19.72 17.46
C ALA A 687 3.73 18.45 17.54
N VAL A 688 2.42 18.55 17.77
CA VAL A 688 1.60 17.36 17.95
C VAL A 688 1.55 16.52 16.68
N GLY A 689 1.45 17.16 15.52
CA GLY A 689 1.35 16.47 14.25
C GLY A 689 2.43 15.43 14.05
N PRO A 690 3.67 15.91 13.95
CA PRO A 690 4.81 14.99 13.78
C PRO A 690 4.90 13.92 14.86
N LEU A 691 4.56 14.24 16.11
CA LEU A 691 4.60 13.23 17.16
C LEU A 691 3.58 12.12 16.90
N LEU A 692 2.36 12.49 16.52
CA LEU A 692 1.34 11.48 16.24
C LEU A 692 1.74 10.61 15.05
N LYS A 693 2.32 11.22 14.01
CA LYS A 693 2.80 10.43 12.89
C LYS A 693 3.94 9.51 13.31
N MSE A 694 4.78 9.98 14.22
CA MSE A 694 5.85 9.16 14.78
C MSE A 694 5.30 7.96 15.52
O MSE A 694 5.97 6.95 15.62
CB MSE A 694 6.73 9.99 15.71
CG MSE A 694 7.91 10.63 15.02
SE MSE A 694 8.63 12.14 15.97
CE MSE A 694 8.29 11.58 17.79
N GLN A 695 4.07 8.09 16.04
CA GLN A 695 3.47 7.02 16.82
C GLN A 695 2.46 6.19 16.05
N THR A 696 2.28 6.45 14.76
CA THR A 696 1.37 5.61 13.97
C THR A 696 1.93 4.20 13.96
N PRO A 697 1.14 3.19 14.32
CA PRO A 697 1.71 1.86 14.57
C PRO A 697 2.12 1.13 13.30
N LYS A 698 3.22 0.39 13.42
CA LYS A 698 3.65 -0.61 12.45
C LYS A 698 2.93 -1.90 12.84
N LEU A 699 1.92 -2.29 12.06
CA LEU A 699 1.12 -3.47 12.39
C LEU A 699 1.59 -4.68 11.61
N GLU A 700 2.85 -5.06 11.85
CA GLU A 700 3.46 -6.16 11.13
C GLU A 700 2.78 -7.50 11.44
N GLU A 701 2.28 -7.67 12.67
CA GLU A 701 1.61 -8.92 13.04
C GLU A 701 0.37 -9.14 12.20
N ILE A 702 -0.40 -8.08 11.93
CA ILE A 702 -1.58 -8.23 11.09
C ILE A 702 -1.17 -8.44 9.63
N GLN A 703 -0.12 -7.76 9.19
CA GLN A 703 0.39 -8.01 7.84
C GLN A 703 0.73 -9.48 7.63
N ARG A 704 1.39 -10.11 8.61
CA ARG A 704 1.72 -11.53 8.47
C ARG A 704 0.48 -12.40 8.64
N LEU A 705 -0.50 -11.93 9.41
CA LEU A 705 -1.75 -12.70 9.51
C LEU A 705 -2.44 -12.77 8.15
N VAL A 706 -2.52 -11.63 7.45
CA VAL A 706 -3.20 -11.58 6.18
C VAL A 706 -2.38 -12.29 5.11
N GLU A 707 -1.05 -12.15 5.17
CA GLU A 707 -0.22 -12.92 4.24
C GLU A 707 -0.39 -14.43 4.48
N GLN A 708 -0.68 -14.83 5.71
CA GLN A 708 -0.92 -16.24 6.01
C GLN A 708 -2.29 -16.69 5.52
N ALA A 709 -3.30 -15.82 5.56
CA ALA A 709 -4.62 -16.14 5.04
C ALA A 709 -4.67 -16.08 3.51
N ARG A 710 -3.59 -15.64 2.87
CA ARG A 710 -3.50 -15.56 1.42
C ARG A 710 -2.74 -16.73 0.82
N GLU A 711 -2.26 -17.65 1.65
CA GLU A 711 -1.52 -18.81 1.16
C GLU A 711 -2.44 -19.77 0.43
N GLU A 712 -1.98 -20.24 -0.70
CA GLU A 712 -2.73 -21.18 -1.53
C GLU A 712 -2.58 -22.60 -1.00
N PRO A 713 -3.68 -23.36 -0.96
CA PRO A 713 -3.57 -24.79 -0.65
C PRO A 713 -2.92 -25.53 -1.82
N ASP A 714 -2.26 -26.64 -1.49
CA ASP A 714 -1.66 -27.51 -2.52
C ASP A 714 -2.71 -28.54 -2.93
N LEU A 715 -3.59 -28.15 -3.85
CA LEU A 715 -4.56 -29.13 -4.35
C LEU A 715 -3.89 -30.23 -5.15
N GLU A 716 -2.80 -29.90 -5.86
CA GLU A 716 -2.04 -30.91 -6.58
C GLU A 716 -1.63 -32.05 -5.67
N ARG A 717 -1.20 -31.72 -4.46
CA ARG A 717 -0.82 -32.74 -3.48
C ARG A 717 -2.01 -33.61 -3.10
N VAL A 718 -3.20 -33.01 -2.99
CA VAL A 718 -4.40 -33.77 -2.64
C VAL A 718 -4.81 -34.71 -3.77
N PHE A 719 -4.79 -34.22 -5.02
CA PHE A 719 -5.21 -35.03 -6.16
C PHE A 719 -4.21 -36.17 -6.39
N ASN A 720 -2.92 -35.84 -6.43
CA ASN A 720 -1.87 -36.86 -6.47
C ASN A 720 -2.03 -37.84 -5.32
N LEU A 721 -2.50 -37.35 -4.16
CA LEU A 721 -2.70 -38.23 -3.03
C LEU A 721 -3.87 -39.18 -3.28
N GLN A 722 -4.90 -38.72 -4.00
CA GLN A 722 -5.95 -39.65 -4.39
C GLN A 722 -5.40 -40.72 -5.33
N SER A 723 -4.48 -40.34 -6.22
CA SER A 723 -3.82 -41.33 -7.09
C SER A 723 -3.03 -42.33 -6.26
N ARG A 724 -2.31 -41.84 -5.25
CA ARG A 724 -1.56 -42.71 -4.34
C ARG A 724 -2.49 -43.69 -3.63
N VAL A 725 -3.59 -43.20 -3.05
CA VAL A 725 -4.55 -44.07 -2.37
C VAL A 725 -5.14 -45.08 -3.35
N ALA A 726 -5.34 -44.68 -4.61
CA ALA A 726 -5.87 -45.60 -5.61
C ALA A 726 -4.90 -46.75 -5.87
N ARG A 727 -3.66 -46.44 -6.29
CA ARG A 727 -2.70 -47.51 -6.55
C ARG A 727 -2.27 -48.25 -5.27
N GLN A 728 -2.44 -47.60 -4.13
CA GLN A 728 -2.24 -48.22 -2.84
C GLN A 728 -3.30 -49.28 -2.67
N ALA A 729 -4.50 -48.95 -3.15
CA ALA A 729 -5.66 -49.74 -2.87
C ALA A 729 -5.87 -50.77 -3.92
N LYS A 730 -5.15 -50.62 -5.03
CA LYS A 730 -5.20 -51.58 -6.13
C LYS A 730 -4.68 -52.86 -5.59
N PHE A 731 -3.69 -52.75 -4.75
CA PHE A 731 -3.12 -53.88 -4.12
C PHE A 731 -3.28 -53.80 -2.65
N SER A 732 -3.91 -54.81 -2.11
CA SER A 732 -4.24 -54.88 -0.73
C SER A 732 -3.32 -55.83 -0.08
N THR A 733 -2.59 -55.37 0.92
CA THR A 733 -1.69 -56.28 1.60
C THR A 733 -1.95 -56.53 3.06
N GLU A 734 -2.77 -55.70 3.70
CA GLU A 734 -2.94 -55.85 5.13
C GLU A 734 -4.33 -55.97 5.59
N SER A 735 -4.52 -56.55 6.78
CA SER A 735 -5.87 -56.73 7.26
C SER A 735 -6.53 -55.40 7.49
N GLY A 736 -7.60 -55.11 6.76
CA GLY A 736 -8.29 -53.84 6.93
C GLY A 736 -7.60 -52.57 6.44
N TYR A 737 -6.54 -52.69 5.63
CA TYR A 737 -5.87 -51.52 5.04
C TYR A 737 -6.53 -50.88 3.79
N LYS A 738 -7.00 -51.75 2.89
CA LYS A 738 -7.43 -51.41 1.56
C LYS A 738 -8.90 -51.18 1.54
N THR A 739 -9.64 -51.97 2.28
CA THR A 739 -11.05 -51.71 2.42
C THR A 739 -11.18 -50.35 3.01
N PHE A 740 -10.38 -50.13 4.02
CA PHE A 740 -10.37 -48.94 4.83
C PHE A 740 -9.98 -47.80 3.95
N LEU A 741 -9.04 -48.04 3.08
CA LEU A 741 -8.58 -47.00 2.21
C LEU A 741 -9.74 -46.58 1.38
N ASN A 742 -10.43 -47.54 0.82
CA ASN A 742 -11.52 -47.24 -0.08
C ASN A 742 -12.70 -46.62 0.59
N GLU A 743 -12.94 -47.02 1.82
CA GLU A 743 -14.15 -46.66 2.47
C GLU A 743 -14.08 -45.51 3.50
N LYS A 744 -12.89 -45.20 3.98
CA LYS A 744 -12.65 -44.20 5.02
C LYS A 744 -11.75 -43.05 4.60
N VAL A 745 -10.86 -43.26 3.62
CA VAL A 745 -9.86 -42.26 3.24
C VAL A 745 -10.28 -41.53 1.98
N ALA A 746 -10.47 -42.29 0.89
CA ALA A 746 -10.86 -41.69 -0.39
C ALA A 746 -12.06 -40.77 -0.31
N PRO A 747 -13.10 -41.04 0.50
CA PRO A 747 -14.18 -40.05 0.65
C PRO A 747 -13.70 -38.73 1.21
N VAL A 748 -12.85 -38.76 2.25
CA VAL A 748 -12.33 -37.53 2.84
C VAL A 748 -11.42 -36.79 1.87
N LEU A 749 -10.76 -37.52 0.97
CA LEU A 749 -9.93 -36.86 -0.02
C LEU A 749 -10.76 -36.21 -1.11
N GLU A 750 -11.82 -36.89 -1.58
CA GLU A 750 -12.74 -36.28 -2.54
C GLU A 750 -13.41 -35.06 -1.92
N GLN A 751 -13.92 -35.21 -0.71
CA GLN A 751 -14.58 -34.13 0.02
C GLN A 751 -13.63 -32.95 0.21
N SER A 752 -12.41 -33.23 0.69
CA SER A 752 -11.45 -32.16 0.93
C SER A 752 -11.08 -31.46 -0.38
N LEU A 753 -10.78 -32.24 -1.40
CA LEU A 753 -10.41 -31.66 -2.68
C LEU A 753 -11.52 -30.77 -3.23
N ASN A 754 -12.72 -31.27 -3.13
CA ASN A 754 -13.85 -30.51 -3.51
C ASN A 754 -14.08 -29.39 -2.62
N GLY A 755 -13.97 -29.60 -1.33
CA GLY A 755 -14.22 -28.51 -0.42
C GLY A 755 -13.19 -27.44 -0.72
N LEU A 756 -11.94 -27.80 -0.80
CA LEU A 756 -10.91 -26.84 -0.99
C LEU A 756 -11.11 -26.22 -2.29
N LEU A 757 -11.46 -27.02 -3.24
CA LEU A 757 -11.56 -26.59 -4.62
C LEU A 757 -12.63 -25.56 -4.80
N ASP A 758 -13.72 -25.82 -4.11
CA ASP A 758 -14.86 -24.98 -4.08
C ASP A 758 -14.65 -23.74 -3.31
N ASN A 759 -13.91 -23.83 -2.23
CA ASN A 759 -13.80 -22.78 -1.23
C ASN A 759 -14.86 -22.77 -0.16
N ASN A 760 -15.70 -23.77 -0.09
CA ASN A 760 -16.71 -23.75 0.93
C ASN A 760 -16.06 -23.99 2.25
N VAL A 761 -16.55 -23.42 3.35
CA VAL A 761 -15.94 -23.65 4.64
C VAL A 761 -16.78 -24.59 5.49
N THR A 762 -18.04 -24.79 5.13
CA THR A 762 -18.86 -25.77 5.85
C THR A 762 -18.42 -27.20 5.49
N ILE A 763 -18.23 -27.47 4.19
CA ILE A 763 -17.72 -28.77 3.78
C ILE A 763 -16.37 -29.03 4.42
N LEU A 764 -15.52 -28.00 4.49
CA LEU A 764 -14.22 -28.16 5.14
C LEU A 764 -14.37 -28.39 6.64
N GLY A 765 -15.28 -27.65 7.28
CA GLY A 765 -15.48 -27.79 8.71
C GLY A 765 -15.93 -29.17 9.12
N LYS A 766 -16.79 -29.81 8.31
CA LYS A 766 -17.25 -31.15 8.68
C LYS A 766 -16.37 -32.25 8.11
N VAL A 767 -15.65 -31.98 7.01
CA VAL A 767 -14.68 -32.96 6.56
C VAL A 767 -13.55 -33.03 7.57
N LEU A 768 -13.32 -31.96 8.34
CA LEU A 768 -12.40 -32.06 9.47
C LEU A 768 -12.86 -33.15 10.42
N SER A 769 -14.16 -33.19 10.70
CA SER A 769 -14.72 -34.27 11.50
C SER A 769 -14.65 -35.60 10.77
N ALA A 770 -14.47 -35.59 9.45
CA ALA A 770 -14.47 -36.84 8.68
C ALA A 770 -13.13 -37.56 8.69
N PHE A 771 -12.03 -36.88 9.01
CA PHE A 771 -10.73 -37.53 9.02
C PHE A 771 -10.68 -38.62 10.07
N PRO A 772 -10.01 -39.73 9.80
CA PRO A 772 -9.96 -40.82 10.79
C PRO A 772 -9.10 -40.48 12.00
N SER A 773 -9.42 -41.12 13.13
CA SER A 773 -8.61 -40.97 14.33
C SER A 773 -7.26 -41.67 14.17
N ASP A 774 -6.31 -41.27 15.02
CA ASP A 774 -5.02 -41.95 15.03
C ASP A 774 -5.17 -43.42 15.43
N GLY A 775 -6.21 -43.74 16.19
CA GLY A 775 -6.43 -45.12 16.58
C GLY A 775 -6.93 -45.99 15.44
N GLN A 776 -7.71 -45.40 14.53
CA GLN A 776 -8.14 -46.16 13.35
C GLN A 776 -6.98 -46.42 12.40
N TRP A 777 -5.99 -45.51 12.36
CA TRP A 777 -4.78 -45.75 11.58
C TRP A 777 -3.86 -46.74 12.28
N SER A 778 -3.82 -46.72 13.62
CA SER A 778 -2.94 -47.64 14.35
C SER A 778 -3.32 -49.08 14.09
N ALA A 779 -4.52 -49.33 13.56
CA ALA A 779 -4.92 -50.66 13.12
C ALA A 779 -4.05 -51.18 11.97
N PHE A 780 -3.33 -50.28 11.32
CA PHE A 780 -2.42 -50.66 10.26
C PHE A 780 -1.03 -50.21 10.62
N ASN A 781 -0.09 -51.14 10.58
CA ASN A 781 1.31 -50.82 10.84
C ASN A 781 2.20 -51.06 9.62
N SER A 782 1.64 -51.07 8.41
CA SER A 782 2.48 -51.21 7.22
C SER A 782 3.32 -49.95 7.02
N VAL A 783 4.30 -50.05 6.13
CA VAL A 783 5.16 -48.89 5.84
C VAL A 783 4.37 -47.83 5.06
N GLU A 784 3.69 -48.25 3.98
CA GLU A 784 2.91 -47.33 3.18
C GLU A 784 1.68 -46.84 3.95
N ALA A 785 1.21 -47.63 4.91
CA ALA A 785 0.14 -47.17 5.81
C ALA A 785 0.62 -46.01 6.68
N ARG A 786 1.83 -46.13 7.24
CA ARG A 786 2.38 -45.05 8.04
C ARG A 786 2.60 -43.80 7.21
N GLN A 787 3.23 -43.93 6.05
CA GLN A 787 3.42 -42.78 5.17
C GLN A 787 2.07 -42.16 4.79
N MSE A 788 1.08 -43.00 4.56
CA MSE A 788 -0.27 -42.56 4.26
C MSE A 788 -0.86 -41.72 5.38
O MSE A 788 -1.45 -40.67 5.13
CB MSE A 788 -1.19 -43.76 3.97
CG MSE A 788 -2.44 -43.39 3.20
SE MSE A 788 -2.03 -42.59 1.47
CE MSE A 788 -2.62 -40.83 1.86
N LYS A 789 -0.69 -42.18 6.62
CA LYS A 789 -1.22 -41.41 7.74
C LYS A 789 -0.49 -40.08 7.89
N ILE A 790 0.81 -40.05 7.59
CA ILE A 790 1.53 -38.78 7.63
C ILE A 790 1.01 -37.83 6.56
N GLN A 791 0.63 -38.36 5.39
CA GLN A 791 0.13 -37.49 4.33
C GLN A 791 -1.30 -37.05 4.63
N MSE A 792 -2.06 -37.88 5.31
CA MSE A 792 -3.43 -37.59 5.67
C MSE A 792 -3.42 -36.53 6.78
O MSE A 792 -4.30 -35.68 6.87
CB MSE A 792 -4.12 -38.89 6.11
CG MSE A 792 -5.63 -38.89 6.12
SE MSE A 792 -6.37 -38.45 4.38
CE MSE A 792 -5.26 -39.40 3.16
N ASP A 793 -2.40 -36.59 7.62
CA ASP A 793 -2.22 -35.55 8.62
C ASP A 793 -1.88 -34.23 7.95
N ALA A 794 -1.08 -34.29 6.87
CA ALA A 794 -0.76 -33.08 6.12
C ALA A 794 -2.03 -32.49 5.49
N ILE A 795 -2.90 -33.35 4.96
CA ILE A 795 -4.13 -32.85 4.34
C ILE A 795 -5.07 -32.31 5.40
N LYS A 796 -5.20 -33.00 6.53
CA LYS A 796 -6.02 -32.49 7.62
C LYS A 796 -5.55 -31.12 8.08
N GLN A 797 -4.23 -30.89 8.13
CA GLN A 797 -3.73 -29.56 8.42
C GLN A 797 -4.15 -28.57 7.34
N MSE A 798 -4.01 -28.97 6.09
CA MSE A 798 -4.37 -28.11 4.98
C MSE A 798 -5.86 -27.68 4.98
O MSE A 798 -6.21 -26.56 4.57
CB MSE A 798 -4.03 -28.82 3.68
CG MSE A 798 -3.99 -27.93 2.48
SE MSE A 798 -3.69 -29.00 0.93
CE MSE A 798 -2.05 -29.94 1.45
N VAL A 799 -6.74 -28.57 5.47
CA VAL A 799 -8.16 -28.24 5.56
C VAL A 799 -8.48 -27.50 6.85
N GLU A 800 -7.78 -27.84 7.94
CA GLU A 800 -7.95 -27.17 9.21
C GLU A 800 -7.60 -25.69 9.12
N LYS A 801 -6.53 -25.38 8.39
CA LYS A 801 -6.16 -23.98 8.19
C LYS A 801 -7.30 -23.20 7.55
N LYS A 802 -7.91 -23.76 6.50
CA LYS A 802 -8.95 -23.03 5.78
C LYS A 802 -10.25 -22.99 6.58
N ALA A 803 -10.66 -24.12 7.15
CA ALA A 803 -11.92 -24.15 7.89
C ALA A 803 -11.86 -23.32 9.17
N VAL A 804 -10.67 -23.11 9.72
CA VAL A 804 -10.56 -22.27 10.90
C VAL A 804 -10.41 -20.80 10.54
N LEU A 805 -9.55 -20.51 9.56
CA LEU A 805 -9.38 -19.13 9.13
C LEU A 805 -10.64 -18.56 8.52
N GLU A 806 -11.03 -19.10 7.36
CA GLU A 806 -12.16 -18.54 6.62
C GLU A 806 -13.48 -18.75 7.36
N GLY A 807 -13.59 -19.83 8.12
CA GLY A 807 -14.85 -20.16 8.76
C GLY A 807 -15.05 -19.59 10.14
N GLN A 808 -13.95 -19.32 10.85
CA GLN A 808 -14.02 -18.89 12.25
C GLN A 808 -13.31 -17.56 12.50
N ILE A 809 -12.05 -17.42 12.07
CA ILE A 809 -11.26 -16.26 12.47
C ILE A 809 -11.65 -15.05 11.65
N LEU A 810 -11.38 -15.09 10.33
CA LEU A 810 -11.67 -13.95 9.45
C LEU A 810 -13.08 -13.41 9.59
N PRO A 811 -14.14 -14.23 9.66
CA PRO A 811 -15.48 -13.65 9.93
C PRO A 811 -15.59 -13.00 11.30
N ALA A 812 -14.94 -13.56 12.32
CA ALA A 812 -14.97 -12.93 13.63
C ALA A 812 -14.27 -11.57 13.62
N LEU A 813 -13.21 -11.41 12.81
CA LEU A 813 -12.56 -10.11 12.68
C LEU A 813 -13.41 -9.14 11.85
N ALA A 814 -14.12 -9.64 10.84
CA ALA A 814 -15.08 -8.77 10.14
C ALA A 814 -16.14 -8.26 11.10
N GLN A 815 -16.70 -9.15 11.92
CA GLN A 815 -17.69 -8.76 12.92
C GLN A 815 -17.11 -7.77 13.91
N CYS A 816 -15.86 -8.00 14.32
CA CYS A 816 -15.20 -7.08 15.25
C CYS A 816 -15.05 -5.70 14.63
N GLN A 817 -14.55 -5.64 13.39
CA GLN A 817 -14.35 -4.36 12.71
C GLN A 817 -15.67 -3.61 12.54
N ASN A 818 -16.71 -4.28 12.05
CA ASN A 818 -18.01 -3.63 11.88
C ASN A 818 -18.56 -3.16 13.22
N ALA A 819 -18.38 -3.96 14.27
CA ALA A 819 -18.80 -3.57 15.62
C ALA A 819 -17.99 -2.40 16.15
N LEU A 820 -16.84 -2.11 15.53
CA LEU A 820 -16.01 -0.97 15.92
C LEU A 820 -16.39 0.28 15.15
N GLU A 821 -16.68 0.15 13.86
CA GLU A 821 -17.18 1.30 13.09
C GLU A 821 -18.55 1.77 13.56
N LYS A 822 -19.28 0.93 14.31
CA LYS A 822 -20.53 1.32 14.96
C LYS A 822 -20.33 1.76 16.40
N GLN A 823 -19.09 1.70 16.89
CA GLN A 823 -18.73 2.07 18.26
C GLN A 823 -19.51 1.23 19.28
N ASN A 824 -19.67 -0.05 18.97
CA ASN A 824 -20.20 -1.03 19.92
C ASN A 824 -19.02 -1.92 20.29
N ILE A 825 -18.18 -1.43 21.20
CA ILE A 825 -16.98 -2.18 21.55
C ILE A 825 -17.36 -3.50 22.23
N ALA A 826 -18.42 -3.48 23.05
CA ALA A 826 -18.85 -4.71 23.71
C ALA A 826 -19.17 -5.79 22.69
N GLY A 827 -19.83 -5.40 21.59
CA GLY A 827 -20.03 -6.34 20.49
C GLY A 827 -18.76 -6.70 19.76
N ALA A 828 -17.78 -5.78 19.73
CA ALA A 828 -16.48 -6.09 19.12
C ALA A 828 -15.73 -7.18 19.87
N LEU A 829 -15.67 -7.08 21.21
CA LEU A 829 -15.05 -8.15 21.98
C LEU A 829 -15.92 -9.40 22.00
N GLN A 830 -17.25 -9.23 21.90
CA GLN A 830 -18.13 -10.37 21.69
C GLN A 830 -17.76 -11.12 20.42
N ALA A 831 -17.38 -10.37 19.38
CA ALA A 831 -17.04 -10.97 18.09
C ALA A 831 -15.89 -11.96 18.20
N LEU A 832 -14.85 -11.61 18.98
CA LEU A 832 -13.73 -12.54 19.17
C LEU A 832 -14.00 -13.57 20.26
N ARG A 833 -14.78 -13.23 21.27
CA ARG A 833 -15.00 -14.19 22.35
C ARG A 833 -16.07 -15.21 21.98
N ASN A 834 -17.15 -14.76 21.32
CA ASN A 834 -18.30 -15.62 21.00
C ASN A 834 -18.14 -16.15 19.57
N ILE A 835 -17.28 -17.14 19.42
CA ILE A 835 -17.02 -17.77 18.12
C ILE A 835 -17.65 -19.15 18.13
N PRO A 836 -18.60 -19.44 17.24
CA PRO A 836 -19.14 -20.81 17.14
C PRO A 836 -18.11 -21.77 16.59
N SER A 837 -18.16 -23.01 17.06
CA SER A 837 -17.29 -24.07 16.57
C SER A 837 -17.80 -24.55 15.22
N LEU A 838 -17.19 -25.59 14.69
CA LEU A 838 -17.51 -26.05 13.33
C LEU A 838 -18.43 -27.28 13.33
N MET B 4 55.21 47.51 30.91
CA MET B 4 53.79 47.89 30.80
C MET B 4 52.95 47.44 32.02
N GLN B 5 52.14 48.34 32.57
CA GLN B 5 51.31 48.02 33.73
C GLN B 5 49.84 48.25 33.40
N ILE B 6 48.99 47.34 33.88
CA ILE B 6 47.55 47.41 33.67
C ILE B 6 46.88 47.29 35.03
N PHE B 7 45.61 47.70 35.08
CA PHE B 7 44.81 47.63 36.30
C PHE B 7 43.60 46.78 36.03
N VAL B 8 43.44 45.70 36.80
CA VAL B 8 42.23 44.90 36.80
C VAL B 8 41.40 45.32 38.01
N LYS B 9 40.24 45.91 37.73
CA LYS B 9 39.30 46.33 38.76
C LYS B 9 38.34 45.20 39.04
N THR B 10 37.97 45.05 40.31
CA THR B 10 37.06 43.99 40.69
C THR B 10 35.73 44.61 41.14
N LEU B 11 34.77 43.73 41.41
CA LEU B 11 33.45 44.17 41.85
C LEU B 11 33.46 44.61 43.31
N THR B 12 34.39 44.09 44.11
CA THR B 12 34.52 44.48 45.51
C THR B 12 35.08 45.89 45.67
N GLY B 13 35.65 46.47 44.60
CA GLY B 13 36.24 47.79 44.63
C GLY B 13 37.75 47.80 44.56
N LYS B 14 38.42 46.69 44.87
CA LYS B 14 39.87 46.63 44.80
C LYS B 14 40.36 46.84 43.38
N THR B 15 41.50 47.51 43.26
CA THR B 15 42.15 47.75 41.97
C THR B 15 43.52 47.12 42.02
N ILE B 16 43.70 46.03 41.27
CA ILE B 16 44.95 45.30 41.23
C ILE B 16 45.80 45.85 40.09
N THR B 17 47.08 46.05 40.35
CA THR B 17 48.02 46.51 39.33
C THR B 17 48.95 45.37 38.95
N LEU B 18 49.15 45.19 37.64
CA LEU B 18 49.89 44.07 37.08
C LEU B 18 50.96 44.57 36.13
N GLU B 19 52.20 44.18 36.38
CA GLU B 19 53.29 44.46 35.48
C GLU B 19 53.35 43.31 34.48
N VAL B 20 53.14 43.62 33.20
CA VAL B 20 52.98 42.61 32.16
C VAL B 20 53.59 43.11 30.85
N GLU B 21 53.70 42.20 29.87
CA GLU B 21 54.15 42.48 28.51
C GLU B 21 53.01 42.21 27.53
N PRO B 22 52.95 42.93 26.41
CA PRO B 22 51.81 42.73 25.49
C PRO B 22 51.71 41.31 24.96
N SER B 23 52.82 40.57 24.94
CA SER B 23 52.82 39.17 24.54
C SER B 23 52.30 38.24 25.63
N ASP B 24 52.10 38.74 26.86
CA ASP B 24 51.57 37.90 27.93
C ASP B 24 50.21 37.36 27.53
N THR B 25 50.00 36.08 27.82
CA THR B 25 48.75 35.44 27.49
C THR B 25 47.76 35.60 28.65
N ILE B 26 46.47 35.39 28.36
CA ILE B 26 45.44 35.59 29.37
C ILE B 26 45.61 34.60 30.52
N GLU B 27 46.05 33.37 30.22
CA GLU B 27 46.42 32.42 31.27
C GLU B 27 47.49 33.00 32.21
N ASN B 28 48.51 33.66 31.64
CA ASN B 28 49.57 34.23 32.46
C ASN B 28 49.06 35.40 33.30
N VAL B 29 48.20 36.24 32.73
CA VAL B 29 47.63 37.35 33.51
C VAL B 29 46.78 36.81 34.66
N LYS B 30 46.00 35.76 34.40
CA LYS B 30 45.25 35.11 35.47
C LYS B 30 46.17 34.56 36.54
N ALA B 31 47.31 34.00 36.13
CA ALA B 31 48.30 33.51 37.09
C ALA B 31 48.82 34.64 37.97
N LYS B 32 49.11 35.80 37.35
CA LYS B 32 49.59 36.96 38.11
C LYS B 32 48.54 37.47 39.10
N ILE B 33 47.29 37.58 38.65
CA ILE B 33 46.20 37.94 39.57
C ILE B 33 46.10 36.91 40.70
N GLN B 34 46.37 35.63 40.40
CA GLN B 34 46.39 34.61 41.44
C GLN B 34 47.45 34.92 42.48
N ASP B 35 48.69 35.15 42.02
CA ASP B 35 49.79 35.39 42.94
C ASP B 35 49.50 36.59 43.83
N LYS B 36 48.91 37.63 43.25
CA LYS B 36 48.69 38.87 44.01
C LYS B 36 47.49 38.81 44.93
N GLU B 37 46.48 37.99 44.60
CA GLU B 37 45.22 37.99 45.35
C GLU B 37 44.77 36.63 45.85
N GLY B 38 45.23 35.55 45.24
CA GLY B 38 44.85 34.22 45.69
C GLY B 38 43.60 33.70 45.03
N ILE B 39 43.24 34.22 43.88
CA ILE B 39 42.02 33.82 43.18
C ILE B 39 42.43 32.80 42.12
N PRO B 40 41.98 31.56 42.22
CA PRO B 40 42.40 30.55 41.25
C PRO B 40 41.89 30.90 39.86
N PRO B 41 42.72 30.70 38.83
CA PRO B 41 42.33 31.16 37.48
C PRO B 41 41.07 30.49 36.92
N ASP B 42 40.65 29.34 37.44
CA ASP B 42 39.44 28.71 36.94
C ASP B 42 38.18 29.45 37.42
N GLN B 43 38.32 30.29 38.45
CA GLN B 43 37.25 31.15 38.92
C GLN B 43 37.29 32.55 38.30
N GLN B 44 38.30 32.84 37.48
CA GLN B 44 38.53 34.20 37.00
C GLN B 44 37.88 34.38 35.63
N ALA B 45 37.02 35.39 35.52
CA ALA B 45 36.52 35.85 34.23
C ALA B 45 36.99 37.28 34.04
N LEU B 46 37.79 37.51 33.00
CA LEU B 46 38.39 38.81 32.73
C LEU B 46 37.71 39.42 31.51
N ILE B 47 37.19 40.64 31.68
CA ILE B 47 36.46 41.36 30.65
C ILE B 47 37.25 42.61 30.30
N PHE B 48 37.22 42.98 29.01
CA PHE B 48 37.89 44.20 28.57
C PHE B 48 37.07 44.79 27.44
N ALA B 49 36.65 46.05 27.61
CA ALA B 49 35.76 46.73 26.66
C ALA B 49 34.45 45.97 26.51
N GLY B 50 33.97 45.39 27.62
CA GLY B 50 32.76 44.58 27.61
C GLY B 50 32.91 43.25 26.93
N LYS B 51 34.14 42.80 26.68
CA LYS B 51 34.40 41.55 26.00
C LYS B 51 35.28 40.66 26.87
N GLN B 52 34.94 39.37 26.90
CA GLN B 52 35.69 38.41 27.71
C GLN B 52 36.95 37.97 26.96
N LEU B 53 38.04 37.84 27.71
CA LEU B 53 39.34 37.45 27.16
C LEU B 53 39.46 35.93 27.12
N GLU B 54 39.99 35.42 26.01
CA GLU B 54 40.14 33.99 25.83
C GLU B 54 41.52 33.55 26.31
N ASP B 55 41.57 32.44 27.03
CA ASP B 55 42.85 31.85 27.39
C ASP B 55 43.59 31.45 26.12
N GLY B 56 44.91 31.50 26.18
CA GLY B 56 45.70 31.19 25.03
C GLY B 56 45.97 32.37 24.12
N ARG B 57 45.03 33.30 24.05
CA ARG B 57 45.27 34.57 23.37
C ARG B 57 46.05 35.53 24.29
N THR B 58 46.68 36.53 23.69
CA THR B 58 47.58 37.40 24.43
C THR B 58 46.99 38.80 24.64
N LEU B 59 47.67 39.57 25.48
CA LEU B 59 47.24 40.93 25.80
C LEU B 59 47.25 41.82 24.56
N SER B 60 48.29 41.70 23.73
CA SER B 60 48.39 42.49 22.51
C SER B 60 47.33 42.10 21.48
N ASP B 61 46.86 40.83 21.53
CA ASP B 61 45.81 40.40 20.62
C ASP B 61 44.51 41.15 20.88
N TYR B 62 44.28 41.55 22.14
CA TYR B 62 43.06 42.23 22.57
C TYR B 62 43.24 43.74 22.66
N ASN B 63 44.30 44.27 22.06
CA ASN B 63 44.63 45.71 22.05
C ASN B 63 44.80 46.27 23.45
N ILE B 64 44.96 45.42 24.45
CA ILE B 64 45.19 45.90 25.81
C ILE B 64 46.60 46.47 25.88
N GLN B 65 46.71 47.74 26.21
CA GLN B 65 47.98 48.45 26.12
C GLN B 65 48.30 49.08 27.47
N LYS B 66 49.18 50.07 27.45
CA LYS B 66 49.64 50.70 28.67
C LYS B 66 48.43 51.23 29.46
N GLU B 67 48.43 50.97 30.75
CA GLU B 67 47.46 51.52 31.70
C GLU B 67 46.01 51.23 31.31
N SER B 68 45.78 50.19 30.51
CA SER B 68 44.42 49.71 30.25
C SER B 68 43.83 49.12 31.53
N THR B 69 42.50 49.15 31.62
CA THR B 69 41.79 48.59 32.77
C THR B 69 40.94 47.41 32.33
N LEU B 70 41.20 46.24 32.90
CA LEU B 70 40.36 45.06 32.75
C LEU B 70 39.44 44.93 33.96
N HIS B 71 38.43 44.07 33.83
CA HIS B 71 37.51 43.81 34.94
C HIS B 71 37.52 42.32 35.28
N LEU B 72 37.52 42.02 36.58
CA LEU B 72 37.54 40.66 37.07
C LEU B 72 36.24 40.36 37.78
N VAL B 73 35.57 39.30 37.35
CA VAL B 73 34.43 38.75 38.07
C VAL B 73 34.71 37.29 38.37
N LEU B 74 34.25 36.85 39.53
CA LEU B 74 34.30 35.44 39.86
C LEU B 74 33.15 34.74 39.17
N ARG B 75 33.46 33.70 38.41
CA ARG B 75 32.44 32.94 37.70
C ARG B 75 32.73 31.47 37.96
N LEU B 76 31.89 30.85 38.77
CA LEU B 76 32.03 29.44 39.11
C LEU B 76 30.77 28.69 38.74
N ARG B 77 30.93 27.38 38.55
CA ARG B 77 29.80 26.48 38.48
C ARG B 77 29.03 26.49 39.79
N GLY B 78 27.77 26.10 39.73
CA GLY B 78 27.02 25.92 40.96
C GLY B 78 27.42 24.63 41.67
N GLY B 79 27.08 24.59 42.96
CA GLY B 79 27.42 23.46 43.80
C GLY B 79 28.86 23.43 44.31
N MET C 4 -26.78 -16.29 -68.75
CA MET C 4 -25.85 -17.20 -68.09
C MET C 4 -26.56 -18.25 -67.25
N GLN C 5 -26.13 -19.51 -67.39
CA GLN C 5 -26.73 -20.61 -66.64
C GLN C 5 -25.65 -21.31 -65.82
N ILE C 6 -26.03 -21.74 -64.61
CA ILE C 6 -25.14 -22.44 -63.70
C ILE C 6 -25.82 -23.73 -63.26
N PHE C 7 -25.02 -24.67 -62.76
CA PHE C 7 -25.53 -25.95 -62.27
C PHE C 7 -25.11 -26.13 -60.82
N VAL C 8 -26.08 -26.29 -59.94
CA VAL C 8 -25.83 -26.66 -58.55
C VAL C 8 -26.16 -28.14 -58.38
N LYS C 9 -25.15 -28.95 -58.10
CA LYS C 9 -25.34 -30.36 -57.79
C LYS C 9 -25.47 -30.57 -56.29
N THR C 10 -26.25 -31.57 -55.92
CA THR C 10 -26.45 -31.93 -54.53
C THR C 10 -25.81 -33.29 -54.24
N LEU C 11 -25.87 -33.69 -52.98
CA LEU C 11 -25.29 -34.96 -52.56
C LEU C 11 -26.12 -36.16 -52.99
N THR C 12 -27.42 -35.98 -53.21
CA THR C 12 -28.25 -37.08 -53.65
C THR C 12 -27.97 -37.49 -55.10
N GLY C 13 -27.26 -36.65 -55.86
CA GLY C 13 -26.98 -36.90 -57.27
C GLY C 13 -27.75 -36.00 -58.21
N LYS C 14 -28.83 -35.40 -57.73
CA LYS C 14 -29.63 -34.49 -58.55
C LYS C 14 -28.80 -33.28 -58.94
N THR C 15 -28.99 -32.82 -60.18
CA THR C 15 -28.29 -31.65 -60.68
C THR C 15 -29.34 -30.61 -61.11
N ILE C 16 -29.43 -29.53 -60.36
CA ILE C 16 -30.38 -28.47 -60.65
C ILE C 16 -29.67 -27.42 -61.50
N THR C 17 -30.35 -26.95 -62.55
CA THR C 17 -29.81 -25.91 -63.42
C THR C 17 -30.59 -24.62 -63.22
N LEU C 18 -29.87 -23.51 -63.03
CA LEU C 18 -30.48 -22.21 -62.81
C LEU C 18 -29.84 -21.20 -63.74
N GLU C 19 -30.63 -20.64 -64.66
CA GLU C 19 -30.16 -19.59 -65.54
C GLU C 19 -30.45 -18.24 -64.89
N VAL C 20 -29.38 -17.52 -64.56
CA VAL C 20 -29.45 -16.28 -63.77
C VAL C 20 -28.37 -15.33 -64.28
N GLU C 21 -28.39 -14.13 -63.76
CA GLU C 21 -27.39 -13.15 -64.16
C GLU C 21 -26.45 -12.84 -62.99
N PRO C 22 -25.20 -12.47 -63.27
CA PRO C 22 -24.23 -12.25 -62.18
C PRO C 22 -24.64 -11.22 -61.13
N SER C 23 -25.60 -10.33 -61.43
CA SER C 23 -26.07 -9.40 -60.41
C SER C 23 -26.97 -10.08 -59.37
N ASP C 24 -27.43 -11.30 -59.63
CA ASP C 24 -28.23 -12.04 -58.66
C ASP C 24 -27.42 -12.32 -57.41
N THR C 25 -28.05 -12.16 -56.26
CA THR C 25 -27.39 -12.48 -55.00
C THR C 25 -27.64 -13.94 -54.68
N ILE C 26 -26.79 -14.49 -53.80
CA ILE C 26 -26.97 -15.90 -53.47
C ILE C 26 -28.27 -16.10 -52.70
N GLU C 27 -28.70 -15.09 -51.94
CA GLU C 27 -30.05 -15.12 -51.36
C GLU C 27 -31.09 -15.36 -52.46
N ASN C 28 -30.94 -14.66 -53.60
CA ASN C 28 -31.84 -14.87 -54.74
C ASN C 28 -31.60 -16.24 -55.36
N VAL C 29 -30.34 -16.67 -55.42
CA VAL C 29 -30.04 -18.02 -55.92
C VAL C 29 -30.69 -19.06 -55.02
N LYS C 30 -30.61 -18.86 -53.70
CA LYS C 30 -31.30 -19.77 -52.80
C LYS C 30 -32.80 -19.75 -53.02
N ALA C 31 -33.38 -18.57 -53.31
CA ALA C 31 -34.80 -18.50 -53.61
C ALA C 31 -35.15 -19.32 -54.85
N LYS C 32 -34.34 -19.21 -55.91
CA LYS C 32 -34.58 -19.98 -57.12
C LYS C 32 -34.46 -21.48 -56.85
N ILE C 33 -33.43 -21.89 -56.09
CA ILE C 33 -33.29 -23.30 -55.72
C ILE C 33 -34.53 -23.77 -54.98
N GLN C 34 -35.13 -22.90 -54.18
CA GLN C 34 -36.40 -23.25 -53.53
C GLN C 34 -37.50 -23.46 -54.56
N ASP C 35 -37.70 -22.48 -55.44
CA ASP C 35 -38.82 -22.57 -56.38
C ASP C 35 -38.71 -23.79 -57.27
N LYS C 36 -37.50 -24.14 -57.73
CA LYS C 36 -37.37 -25.23 -58.69
C LYS C 36 -37.44 -26.60 -58.02
N GLU C 37 -37.09 -26.69 -56.73
CA GLU C 37 -37.04 -27.97 -56.03
C GLU C 37 -37.78 -27.99 -54.70
N GLY C 38 -38.03 -26.84 -54.06
CA GLY C 38 -38.74 -26.81 -52.80
C GLY C 38 -37.84 -26.90 -51.59
N ILE C 39 -36.58 -26.51 -51.70
CA ILE C 39 -35.61 -26.60 -50.60
C ILE C 39 -35.47 -25.21 -49.99
N PRO C 40 -35.85 -25.03 -48.72
CA PRO C 40 -35.82 -23.68 -48.10
C PRO C 40 -34.40 -23.16 -47.95
N PRO C 41 -34.21 -21.85 -48.12
CA PRO C 41 -32.84 -21.29 -48.06
C PRO C 41 -32.17 -21.45 -46.70
N ASP C 42 -32.94 -21.68 -45.64
CA ASP C 42 -32.35 -21.91 -44.32
C ASP C 42 -31.72 -23.29 -44.22
N GLN C 43 -32.09 -24.21 -45.11
CA GLN C 43 -31.45 -25.50 -45.24
C GLN C 43 -30.37 -25.51 -46.32
N GLN C 44 -30.15 -24.38 -47.01
CA GLN C 44 -29.27 -24.34 -48.17
C GLN C 44 -27.87 -23.92 -47.75
N ALA C 45 -26.89 -24.76 -48.06
CA ALA C 45 -25.47 -24.43 -47.95
C ALA C 45 -24.88 -24.51 -49.36
N LEU C 46 -24.37 -23.38 -49.85
CA LEU C 46 -23.89 -23.24 -51.21
C LEU C 46 -22.38 -23.13 -51.20
N ILE C 47 -21.72 -24.06 -51.91
CA ILE C 47 -20.26 -24.15 -51.95
C ILE C 47 -19.81 -23.98 -53.40
N PHE C 48 -18.65 -23.35 -53.57
CA PHE C 48 -18.03 -23.24 -54.90
C PHE C 48 -16.52 -23.23 -54.74
N ALA C 49 -15.85 -24.18 -55.39
CA ALA C 49 -14.38 -24.32 -55.33
C ALA C 49 -13.91 -24.49 -53.89
N GLY C 50 -14.67 -25.25 -53.10
CA GLY C 50 -14.34 -25.49 -51.71
C GLY C 50 -14.55 -24.31 -50.79
N LYS C 51 -15.28 -23.28 -51.24
CA LYS C 51 -15.55 -22.10 -50.44
C LYS C 51 -17.05 -21.93 -50.28
N GLN C 52 -17.49 -21.74 -49.04
CA GLN C 52 -18.89 -21.48 -48.76
C GLN C 52 -19.24 -20.08 -49.22
N LEU C 53 -20.44 -19.92 -49.76
CA LEU C 53 -20.92 -18.60 -50.16
C LEU C 53 -21.78 -18.03 -49.04
N GLU C 54 -21.52 -16.78 -48.67
CA GLU C 54 -22.28 -16.10 -47.64
C GLU C 54 -23.36 -15.25 -48.29
N ASP C 55 -24.56 -15.28 -47.69
CA ASP C 55 -25.68 -14.49 -48.19
C ASP C 55 -25.33 -13.00 -48.20
N GLY C 56 -25.98 -12.28 -49.12
CA GLY C 56 -25.77 -10.86 -49.32
C GLY C 56 -24.73 -10.50 -50.37
N ARG C 57 -23.68 -11.30 -50.51
CA ARG C 57 -22.75 -11.11 -51.62
C ARG C 57 -23.33 -11.74 -52.88
N THR C 58 -22.85 -11.27 -54.03
CA THR C 58 -23.34 -11.70 -55.33
C THR C 58 -22.29 -12.55 -56.02
N LEU C 59 -22.72 -13.17 -57.13
CA LEU C 59 -21.86 -14.09 -57.88
C LEU C 59 -20.57 -13.41 -58.34
N SER C 60 -20.67 -12.15 -58.75
CA SER C 60 -19.51 -11.42 -59.25
C SER C 60 -18.44 -11.25 -58.17
N ASP C 61 -18.85 -11.20 -56.90
CA ASP C 61 -17.88 -11.13 -55.81
C ASP C 61 -17.07 -12.42 -55.69
N TYR C 62 -17.67 -13.58 -56.04
CA TYR C 62 -17.04 -14.88 -55.85
C TYR C 62 -16.45 -15.47 -57.12
N ASN C 63 -16.28 -14.69 -58.18
CA ASN C 63 -15.71 -15.14 -59.45
C ASN C 63 -16.49 -16.29 -60.08
N ILE C 64 -17.71 -16.54 -59.62
CA ILE C 64 -18.54 -17.58 -60.22
C ILE C 64 -18.99 -17.12 -61.60
N GLN C 65 -18.65 -17.90 -62.63
CA GLN C 65 -18.81 -17.45 -64.01
C GLN C 65 -19.65 -18.42 -64.82
N LYS C 66 -19.45 -18.42 -66.15
CA LYS C 66 -20.24 -19.24 -67.06
C LYS C 66 -20.19 -20.71 -66.69
N GLU C 67 -21.37 -21.34 -66.66
CA GLU C 67 -21.54 -22.79 -66.50
C GLU C 67 -20.76 -23.33 -65.30
N SER C 68 -20.45 -22.46 -64.33
CA SER C 68 -19.85 -22.95 -63.10
C SER C 68 -20.83 -23.85 -62.37
N THR C 69 -20.29 -24.79 -61.61
CA THR C 69 -21.12 -25.71 -60.85
C THR C 69 -20.89 -25.44 -59.36
N LEU C 70 -21.95 -25.06 -58.67
CA LEU C 70 -21.92 -24.94 -57.23
C LEU C 70 -22.53 -26.20 -56.64
N HIS C 71 -22.31 -26.40 -55.36
CA HIS C 71 -22.82 -27.58 -54.67
C HIS C 71 -23.73 -27.13 -53.55
N LEU C 72 -24.87 -27.81 -53.41
CA LEU C 72 -25.86 -27.50 -52.39
C LEU C 72 -25.94 -28.69 -51.44
N VAL C 73 -25.76 -28.43 -50.15
CA VAL C 73 -26.00 -29.44 -49.14
C VAL C 73 -27.00 -28.89 -48.14
N LEU C 74 -27.85 -29.78 -47.63
CA LEU C 74 -28.78 -29.42 -46.58
C LEU C 74 -28.03 -29.36 -45.26
N ARG C 75 -28.17 -28.25 -44.55
CA ARG C 75 -27.50 -28.05 -43.27
C ARG C 75 -28.54 -27.55 -42.27
N LEU C 76 -28.89 -28.41 -41.32
CA LEU C 76 -29.91 -28.15 -40.33
C LEU C 76 -29.33 -28.29 -38.92
N ARG C 77 -30.00 -27.63 -37.97
CA ARG C 77 -29.75 -27.90 -36.57
C ARG C 77 -30.21 -29.30 -36.20
N GLY C 78 -29.62 -29.82 -35.13
CA GLY C 78 -30.09 -31.07 -34.56
C GLY C 78 -31.31 -30.87 -33.67
N GLY C 79 -32.04 -31.96 -33.43
CA GLY C 79 -33.24 -31.90 -32.62
C GLY C 79 -34.44 -31.32 -33.36
N VAL D 3 10.08 -45.15 -55.31
CA VAL D 3 8.88 -45.96 -55.15
C VAL D 3 7.62 -45.14 -55.45
N PRO D 4 6.81 -45.61 -56.43
CA PRO D 4 5.62 -44.87 -56.82
C PRO D 4 4.47 -45.04 -55.81
N THR D 5 3.64 -44.01 -55.73
CA THR D 5 2.44 -44.10 -54.91
C THR D 5 1.39 -44.97 -55.60
N TRP D 6 0.77 -45.85 -54.83
CA TRP D 6 -0.25 -46.72 -55.38
C TRP D 6 -1.52 -45.92 -55.70
N ASN D 7 -2.39 -46.53 -56.50
CA ASN D 7 -3.61 -45.85 -56.94
C ASN D 7 -4.86 -46.42 -56.28
N GLY D 8 -4.72 -47.33 -55.33
CA GLY D 8 -5.87 -47.96 -54.72
C GLY D 8 -6.38 -49.18 -55.44
N PHE D 9 -5.62 -49.71 -56.40
CA PHE D 9 -5.97 -50.97 -57.06
C PHE D 9 -5.88 -52.12 -56.07
N SER D 10 -7.00 -52.80 -55.85
CA SER D 10 -7.07 -53.94 -54.95
C SER D 10 -7.70 -55.12 -55.66
N LEU D 11 -7.23 -56.31 -55.32
CA LEU D 11 -7.87 -57.52 -55.80
C LEU D 11 -9.34 -57.58 -55.39
N TYR D 12 -9.70 -56.91 -54.30
CA TYR D 12 -11.02 -57.05 -53.71
C TYR D 12 -12.00 -55.98 -54.16
N THR D 13 -11.54 -55.02 -54.96
CA THR D 13 -12.40 -53.98 -55.53
C THR D 13 -12.37 -53.89 -57.05
N ASP D 14 -11.27 -54.27 -57.70
CA ASP D 14 -11.20 -54.16 -59.14
C ASP D 14 -12.20 -55.11 -59.80
N GLU D 15 -13.00 -54.57 -60.71
CA GLU D 15 -14.07 -55.37 -61.31
C GLU D 15 -13.51 -56.39 -62.29
N THR D 16 -12.52 -55.99 -63.09
CA THR D 16 -12.00 -56.86 -64.16
C THR D 16 -11.52 -58.19 -63.61
N VAL D 17 -10.75 -58.15 -62.52
CA VAL D 17 -10.19 -59.37 -61.95
C VAL D 17 -11.31 -60.27 -61.44
N ARG D 18 -12.31 -59.69 -60.76
CA ARG D 18 -13.44 -60.47 -60.28
C ARG D 18 -14.20 -61.11 -61.44
N ASN D 19 -14.43 -60.35 -62.52
CA ASN D 19 -15.11 -60.88 -63.69
C ASN D 19 -14.36 -62.07 -64.26
N ALA D 20 -13.03 -61.95 -64.34
CA ALA D 20 -12.22 -63.06 -64.86
C ALA D 20 -12.30 -64.27 -63.94
N ALA D 21 -12.34 -64.04 -62.62
CA ALA D 21 -12.47 -65.15 -61.70
C ALA D 21 -13.84 -65.83 -61.82
N ARG D 22 -14.90 -65.04 -61.97
CA ARG D 22 -16.23 -65.58 -62.26
C ARG D 22 -16.19 -66.46 -63.50
N TYR D 23 -15.55 -65.97 -64.52
CA TYR D 23 -15.49 -66.70 -65.72
C TYR D 23 -14.77 -67.96 -65.49
N ALA D 24 -13.67 -67.94 -64.79
CA ALA D 24 -12.92 -69.17 -64.58
C ALA D 24 -13.73 -70.15 -63.80
N TYR D 25 -14.39 -69.75 -62.75
CA TYR D 25 -15.15 -70.68 -61.95
C TYR D 25 -16.19 -71.20 -62.83
N ASP D 26 -16.82 -70.25 -63.47
CA ASP D 26 -18.03 -70.49 -64.15
C ASP D 26 -17.75 -71.50 -65.22
N ASN D 27 -16.59 -71.45 -65.85
CA ASN D 27 -16.34 -72.29 -66.99
C ASN D 27 -15.44 -73.43 -66.79
N TYR D 28 -14.78 -73.50 -65.67
CA TYR D 28 -13.80 -74.54 -65.45
C TYR D 28 -13.76 -75.03 -64.04
N LEU D 29 -13.46 -74.14 -63.16
CA LEU D 29 -13.17 -74.53 -61.78
C LEU D 29 -14.39 -75.10 -61.07
N GLY D 30 -15.59 -74.68 -61.47
CA GLY D 30 -16.83 -75.22 -60.93
C GLY D 30 -17.31 -76.50 -61.59
N LYS D 31 -16.69 -76.87 -62.69
CA LYS D 31 -17.06 -78.08 -63.41
C LYS D 31 -16.23 -79.27 -62.92
N PRO D 32 -16.80 -80.47 -62.96
CA PRO D 32 -16.12 -81.64 -62.40
C PRO D 32 -14.97 -82.12 -63.28
N TYR D 33 -14.05 -82.83 -62.63
CA TYR D 33 -12.90 -83.43 -63.29
C TYR D 33 -13.33 -84.52 -64.28
N THR D 34 -12.96 -84.35 -65.56
CA THR D 34 -13.22 -85.39 -66.54
C THR D 34 -12.16 -86.49 -66.52
N GLY D 35 -11.24 -86.42 -65.55
CA GLY D 35 -10.15 -87.37 -65.41
C GLY D 35 -10.37 -88.38 -64.31
N THR D 36 -9.27 -88.91 -63.79
CA THR D 36 -9.30 -89.98 -62.81
C THR D 36 -8.93 -89.51 -61.41
N VAL D 37 -7.73 -88.96 -61.24
CA VAL D 37 -7.19 -88.65 -59.91
C VAL D 37 -8.10 -87.67 -59.17
N GLU D 38 -8.70 -88.12 -58.07
CA GLU D 38 -9.52 -87.31 -57.17
C GLU D 38 -10.65 -86.59 -57.91
N ALA D 39 -11.09 -87.15 -59.03
CA ALA D 39 -12.28 -86.61 -59.69
C ALA D 39 -13.50 -86.75 -58.80
N THR D 40 -13.44 -87.63 -57.80
CA THR D 40 -14.56 -87.84 -56.88
C THR D 40 -14.80 -86.57 -56.07
N PRO D 41 -15.98 -85.96 -56.18
CA PRO D 41 -16.23 -84.69 -55.47
C PRO D 41 -16.27 -84.89 -53.95
N VAL D 42 -16.23 -83.76 -53.25
CA VAL D 42 -16.28 -83.74 -51.79
C VAL D 42 -17.44 -82.82 -51.38
N ASN D 43 -17.98 -83.06 -50.19
CA ASN D 43 -19.14 -82.32 -49.71
C ASN D 43 -18.80 -81.62 -48.41
N PHE D 44 -19.16 -80.32 -48.33
CA PHE D 44 -18.96 -79.49 -47.15
C PHE D 44 -20.30 -78.90 -46.73
N GLY D 45 -20.78 -79.31 -45.55
CA GLY D 45 -22.03 -78.79 -45.03
C GLY D 45 -23.20 -78.80 -46.00
N GLY D 46 -23.26 -79.80 -46.88
CA GLY D 46 -24.35 -79.96 -47.83
C GLY D 46 -24.08 -79.43 -49.22
N GLN D 47 -23.10 -78.53 -49.35
CA GLN D 47 -22.75 -77.95 -50.64
C GLN D 47 -21.58 -78.73 -51.23
N MSE D 48 -21.60 -78.95 -52.53
CA MSE D 48 -20.57 -79.75 -53.16
C MSE D 48 -19.41 -78.91 -53.71
O MSE D 48 -19.63 -77.88 -54.38
CB MSE D 48 -21.17 -80.62 -54.27
CG MSE D 48 -21.88 -81.83 -53.74
SE MSE D 48 -21.67 -83.40 -54.85
CE MSE D 48 -22.48 -82.75 -56.49
N VAL D 49 -18.19 -79.34 -53.38
CA VAL D 49 -16.97 -78.82 -53.98
C VAL D 49 -16.37 -79.92 -54.84
N TYR D 50 -16.28 -79.66 -56.15
CA TYR D 50 -15.81 -80.67 -57.09
C TYR D 50 -14.30 -80.74 -57.09
N ARG D 51 -13.66 -79.59 -57.19
CA ARG D 51 -12.21 -79.47 -57.10
C ARG D 51 -11.90 -78.70 -55.83
N GLN D 52 -11.29 -79.38 -54.85
CA GLN D 52 -11.08 -78.79 -53.52
C GLN D 52 -9.65 -78.32 -53.30
N HIS D 53 -8.65 -79.05 -53.81
CA HIS D 53 -7.27 -78.65 -53.64
C HIS D 53 -6.81 -77.71 -54.72
N HIS D 54 -7.40 -77.74 -55.92
CA HIS D 54 -6.97 -76.88 -56.99
C HIS D 54 -8.20 -76.28 -57.68
N GLY D 55 -9.02 -75.59 -56.89
CA GLY D 55 -10.26 -74.98 -57.36
C GLY D 55 -10.29 -73.48 -57.22
N LEU D 56 -11.47 -72.92 -56.92
CA LEU D 56 -11.61 -71.47 -56.88
C LEU D 56 -10.86 -70.86 -55.69
N ALA D 57 -11.07 -71.40 -54.49
CA ALA D 57 -10.44 -70.83 -53.30
C ALA D 57 -8.91 -70.82 -53.43
N HIS D 58 -8.34 -71.91 -53.96
CA HIS D 58 -6.91 -71.95 -54.20
C HIS D 58 -6.47 -70.83 -55.14
N THR D 59 -7.21 -70.64 -56.23
CA THR D 59 -6.88 -69.62 -57.22
C THR D 59 -6.96 -68.22 -56.61
N LEU D 60 -8.10 -67.90 -55.97
CA LEU D 60 -8.25 -66.61 -55.33
C LEU D 60 -7.14 -66.35 -54.31
N ARG D 61 -6.74 -67.39 -53.57
CA ARG D 61 -5.61 -67.26 -52.66
C ARG D 61 -4.32 -66.99 -53.41
N THR D 62 -4.10 -67.61 -54.57
CA THR D 62 -2.90 -67.30 -55.34
C THR D 62 -2.87 -65.82 -55.72
N MSE D 63 -4.03 -65.28 -56.06
CA MSE D 63 -4.14 -63.88 -56.45
C MSE D 63 -3.80 -62.98 -55.26
O MSE D 63 -3.00 -62.04 -55.37
CB MSE D 63 -5.54 -63.60 -56.97
CG MSE D 63 -5.95 -64.69 -57.93
SE MSE D 63 -7.37 -64.28 -59.18
CE MSE D 63 -8.42 -65.90 -59.13
N ALA D 64 -4.42 -63.30 -54.12
CA ALA D 64 -4.13 -62.56 -52.89
C ALA D 64 -2.65 -62.63 -52.52
N TYR D 65 -2.03 -63.81 -52.72
CA TYR D 65 -0.60 -63.95 -52.49
C TYR D 65 0.18 -62.97 -53.36
N ALA D 66 -0.13 -62.92 -54.66
CA ALA D 66 0.59 -61.98 -55.52
C ALA D 66 0.40 -60.54 -55.04
N GLU D 67 -0.83 -60.20 -54.63
CA GLU D 67 -1.12 -58.88 -54.08
C GLU D 67 -0.18 -58.53 -52.93
N ILE D 68 -0.14 -59.37 -51.89
CA ILE D 68 0.68 -59.06 -50.72
C ILE D 68 2.17 -59.26 -51.00
N ILE D 69 2.53 -60.06 -51.99
CA ILE D 69 3.93 -60.21 -52.36
C ILE D 69 4.42 -58.91 -52.98
N VAL D 70 3.64 -58.34 -53.89
CA VAL D 70 4.01 -57.03 -54.44
C VAL D 70 4.02 -55.99 -53.33
N GLU D 71 3.03 -56.02 -52.45
CA GLU D 71 2.95 -55.03 -51.36
C GLU D 71 4.21 -55.08 -50.51
N GLU D 72 4.51 -56.27 -49.99
CA GLU D 72 5.62 -56.41 -49.07
C GLU D 72 6.95 -56.15 -49.75
N ALA D 73 7.03 -56.44 -51.07
CA ALA D 73 8.22 -56.08 -51.85
C ALA D 73 8.36 -54.57 -51.94
N ARG D 74 7.27 -53.86 -52.20
CA ARG D 74 7.27 -52.40 -52.22
C ARG D 74 7.79 -51.86 -50.89
N LYS D 75 7.27 -52.40 -49.78
CA LYS D 75 7.71 -51.95 -48.45
C LYS D 75 9.18 -52.21 -48.24
N ALA D 76 9.65 -53.41 -48.64
CA ALA D 76 11.05 -53.75 -48.43
C ALA D 76 11.96 -52.82 -49.22
N LYS D 77 11.57 -52.49 -50.46
CA LYS D 77 12.30 -51.48 -51.21
C LYS D 77 12.28 -50.14 -50.50
N LEU D 78 11.13 -49.79 -49.90
CA LEU D 78 11.04 -48.53 -49.16
C LEU D 78 11.84 -48.59 -47.87
N ARG D 79 11.97 -49.78 -47.28
CA ARG D 79 12.85 -49.93 -46.13
C ARG D 79 14.33 -49.98 -46.53
N GLY D 80 14.64 -49.96 -47.83
CA GLY D 80 16.02 -49.98 -48.27
C GLY D 80 16.60 -51.34 -48.55
N GLU D 81 15.78 -52.39 -48.58
CA GLU D 81 16.29 -53.73 -48.80
C GLU D 81 16.65 -53.91 -50.28
N SER D 82 17.73 -54.65 -50.53
CA SER D 82 18.14 -54.98 -51.89
C SER D 82 17.37 -56.22 -52.30
N LEU D 83 16.59 -56.11 -53.35
CA LEU D 83 15.71 -57.17 -53.80
C LEU D 83 16.26 -57.73 -55.11
N LYS D 84 16.02 -59.02 -55.34
CA LYS D 84 16.57 -59.67 -56.53
C LYS D 84 15.99 -59.06 -57.81
N THR D 85 16.88 -58.72 -58.73
CA THR D 85 16.51 -58.03 -59.96
C THR D 85 16.32 -59.04 -61.08
N PHE D 86 15.42 -58.70 -62.00
CA PHE D 86 15.30 -59.45 -63.24
C PHE D 86 16.36 -58.96 -64.23
N ALA D 87 16.37 -59.56 -65.42
CA ALA D 87 17.41 -59.26 -66.40
C ALA D 87 17.44 -57.78 -66.75
N ASP D 88 16.27 -57.15 -66.89
CA ASP D 88 16.18 -55.72 -67.22
C ASP D 88 16.42 -54.81 -66.00
N GLY D 89 16.87 -55.34 -64.86
CA GLY D 89 17.14 -54.51 -63.71
C GLY D 89 15.94 -54.21 -62.84
N ARG D 90 14.75 -54.67 -63.20
CA ARG D 90 13.57 -54.38 -62.42
C ARG D 90 13.44 -55.38 -61.26
N THR D 91 12.91 -54.90 -60.15
CA THR D 91 12.61 -55.74 -59.00
C THR D 91 11.10 -55.91 -58.87
N LEU D 92 10.68 -56.85 -58.03
CA LEU D 92 9.24 -57.08 -57.85
C LEU D 92 8.50 -55.84 -57.36
N ALA D 93 9.17 -54.93 -56.64
CA ALA D 93 8.52 -53.70 -56.23
C ALA D 93 8.04 -52.90 -57.44
N ASP D 94 8.67 -53.07 -58.59
CA ASP D 94 8.42 -52.24 -59.78
C ASP D 94 7.16 -52.65 -60.53
N VAL D 95 6.35 -53.54 -59.97
CA VAL D 95 5.11 -53.96 -60.62
C VAL D 95 4.10 -52.84 -60.54
N THR D 96 3.60 -52.41 -61.70
CA THR D 96 2.56 -51.40 -61.77
C THR D 96 1.20 -52.04 -61.49
N PRO D 97 0.21 -51.24 -61.08
CA PRO D 97 -1.15 -51.80 -60.89
C PRO D 97 -1.73 -52.44 -62.14
N GLU D 98 -1.47 -51.86 -63.31
CA GLU D 98 -1.91 -52.50 -64.56
C GLU D 98 -1.23 -53.85 -64.72
N GLU D 99 0.09 -53.89 -64.49
CA GLU D 99 0.83 -55.14 -64.60
C GLU D 99 0.31 -56.17 -63.61
N LEU D 100 0.05 -55.76 -62.37
CA LEU D 100 -0.48 -56.68 -61.37
C LEU D 100 -1.85 -57.21 -61.78
N ARG D 101 -2.69 -56.34 -62.35
CA ARG D 101 -3.99 -56.80 -62.84
C ARG D 101 -3.82 -57.89 -63.89
N LYS D 102 -2.93 -57.67 -64.85
CA LYS D 102 -2.66 -58.69 -65.85
C LYS D 102 -2.17 -59.98 -65.20
N ILE D 103 -1.28 -59.87 -64.20
CA ILE D 103 -0.70 -61.06 -63.56
C ILE D 103 -1.82 -61.89 -62.92
N MSE D 104 -2.67 -61.25 -62.13
CA MSE D 104 -3.73 -61.90 -61.36
C MSE D 104 -4.73 -62.51 -62.32
O MSE D 104 -5.14 -63.67 -62.15
CB MSE D 104 -4.42 -60.88 -60.46
CG MSE D 104 -3.53 -60.41 -59.32
SE MSE D 104 -4.49 -59.67 -57.81
CE MSE D 104 -5.19 -58.08 -58.58
N ILE D 105 -5.12 -61.74 -63.33
CA ILE D 105 -6.03 -62.25 -64.35
C ILE D 105 -5.51 -63.58 -64.89
N ALA D 106 -4.20 -63.62 -65.23
CA ALA D 106 -3.60 -64.88 -65.65
C ALA D 106 -3.69 -65.94 -64.56
N GLN D 107 -3.39 -65.57 -63.32
CA GLN D 107 -3.44 -66.52 -62.20
C GLN D 107 -4.80 -67.17 -62.09
N ALA D 108 -5.87 -66.48 -62.52
CA ALA D 108 -7.20 -67.08 -62.48
C ALA D 108 -7.24 -68.37 -63.30
N PHE D 109 -6.54 -68.38 -64.43
CA PHE D 109 -6.59 -69.48 -65.38
C PHE D 109 -5.41 -70.41 -65.27
N PHE D 110 -4.52 -70.20 -64.30
CA PHE D 110 -3.29 -70.99 -64.23
C PHE D 110 -3.59 -72.46 -63.99
N VAL D 111 -4.75 -72.78 -63.44
CA VAL D 111 -5.12 -74.12 -63.05
C VAL D 111 -6.41 -74.59 -63.74
N THR D 112 -7.04 -73.74 -64.55
CA THR D 112 -8.29 -74.09 -65.22
C THR D 112 -8.14 -75.33 -66.10
N GLY D 113 -6.99 -75.50 -66.74
CA GLY D 113 -6.79 -76.58 -67.69
C GLY D 113 -6.53 -77.94 -67.07
N ARG D 114 -6.81 -78.08 -65.77
CA ARG D 114 -6.66 -79.35 -65.09
C ARG D 114 -7.89 -80.20 -65.34
N ASP D 115 -7.67 -81.45 -65.72
CA ASP D 115 -8.76 -82.41 -65.86
C ASP D 115 -8.84 -83.36 -64.67
N ASP D 116 -7.84 -83.34 -63.79
CA ASP D 116 -7.83 -84.13 -62.55
C ASP D 116 -6.68 -83.65 -61.68
N GLU D 117 -6.41 -84.45 -60.68
CA GLU D 117 -5.44 -84.14 -59.71
C GLU D 117 -4.10 -84.71 -60.02
N GLU D 118 -3.96 -85.35 -61.17
CA GLU D 118 -2.73 -86.05 -61.49
C GLU D 118 -1.58 -85.06 -61.47
N SER D 119 -0.47 -85.49 -60.86
CA SER D 119 0.66 -84.63 -60.63
C SER D 119 1.55 -84.51 -61.84
N SER D 120 2.32 -85.57 -62.03
CA SER D 120 3.52 -85.56 -62.82
C SER D 120 3.29 -85.86 -64.29
N LYS D 121 2.61 -86.95 -64.57
CA LYS D 121 2.31 -87.27 -65.95
C LYS D 121 1.32 -86.20 -66.33
N ASN D 122 1.30 -85.84 -67.60
CA ASN D 122 0.29 -84.94 -68.14
C ASN D 122 0.25 -83.55 -67.50
N TYR D 123 1.42 -83.04 -67.11
CA TYR D 123 1.54 -81.64 -66.70
C TYR D 123 1.40 -80.72 -67.91
N GLU D 124 2.20 -80.97 -68.95
CA GLU D 124 2.21 -80.16 -70.17
C GLU D 124 0.81 -80.02 -70.77
N LYS D 125 0.07 -81.13 -70.87
CA LYS D 125 -1.28 -81.07 -71.44
C LYS D 125 -2.19 -80.18 -70.60
N TYR D 126 -2.13 -80.32 -69.27
CA TYR D 126 -2.99 -79.51 -68.41
C TYR D 126 -2.66 -78.03 -68.54
N HIS D 127 -1.39 -77.69 -68.73
CA HIS D 127 -1.05 -76.28 -68.90
C HIS D 127 -1.41 -75.78 -70.29
N GLU D 128 -1.28 -76.63 -71.31
CA GLU D 128 -1.80 -76.30 -72.63
C GLU D 128 -3.28 -75.92 -72.52
N GLN D 129 -4.06 -76.79 -71.88
CA GLN D 129 -5.50 -76.55 -71.73
C GLN D 129 -5.76 -75.30 -70.93
N SER D 130 -4.97 -75.05 -69.88
CA SER D 130 -5.09 -73.81 -69.12
C SER D 130 -4.89 -72.59 -70.02
N ARG D 131 -3.80 -72.60 -70.81
CA ARG D 131 -3.51 -71.52 -71.74
C ARG D 131 -4.68 -71.30 -72.70
N ASP D 132 -5.17 -72.39 -73.29
CA ASP D 132 -6.30 -72.31 -74.21
C ASP D 132 -7.49 -71.65 -73.53
N ALA D 133 -7.81 -72.08 -72.31
CA ALA D 133 -8.91 -71.48 -71.56
C ALA D 133 -8.71 -69.98 -71.39
N PHE D 134 -7.50 -69.56 -71.03
CA PHE D 134 -7.19 -68.14 -70.88
C PHE D 134 -7.45 -67.38 -72.17
N LEU D 135 -6.85 -67.84 -73.27
CA LEU D 135 -7.02 -67.17 -74.56
C LEU D 135 -8.50 -67.08 -74.92
N LYS D 136 -9.24 -68.19 -74.75
CA LYS D 136 -10.68 -68.19 -74.94
C LYS D 136 -11.34 -67.06 -74.17
N TYR D 137 -11.02 -66.93 -72.88
CA TYR D 137 -11.57 -65.82 -72.09
C TYR D 137 -11.25 -64.48 -72.74
N VAL D 138 -9.97 -64.25 -73.03
CA VAL D 138 -9.56 -62.96 -73.61
C VAL D 138 -10.35 -62.67 -74.87
N GLU D 139 -10.47 -63.66 -75.76
CA GLU D 139 -11.19 -63.47 -77.01
C GLU D 139 -12.67 -63.13 -76.76
N GLU D 140 -13.31 -63.87 -75.86
CA GLU D 140 -14.72 -63.65 -75.60
C GLU D 140 -14.99 -62.21 -75.15
N ASN D 141 -14.08 -61.62 -74.38
CA ASN D 141 -14.25 -60.25 -73.92
C ASN D 141 -13.20 -59.32 -74.53
N LYS D 142 -12.72 -59.72 -75.68
CA LYS D 142 -11.61 -59.05 -76.22
C LYS D 142 -12.00 -57.60 -76.26
N SER D 143 -13.26 -57.31 -76.50
CA SER D 143 -13.65 -55.97 -76.73
C SER D 143 -13.28 -55.13 -75.54
N THR D 144 -13.57 -55.64 -74.37
CA THR D 144 -13.46 -54.80 -73.19
C THR D 144 -12.09 -54.36 -72.79
N LEU D 145 -11.16 -55.26 -72.94
CA LEU D 145 -9.92 -55.10 -72.25
C LEU D 145 -8.66 -54.97 -73.06
N ILE D 146 -8.64 -55.54 -74.24
CA ILE D 146 -7.50 -55.36 -75.11
C ILE D 146 -7.43 -53.89 -75.40
N PRO D 147 -8.56 -53.33 -75.66
CA PRO D 147 -8.51 -51.88 -75.73
C PRO D 147 -8.29 -51.23 -74.37
N ASP D 148 -8.21 -52.02 -73.30
CA ASP D 148 -7.95 -51.45 -71.98
C ASP D 148 -6.78 -52.14 -71.29
N VAL D 149 -7.04 -53.28 -70.64
CA VAL D 149 -6.03 -54.00 -69.82
C VAL D 149 -4.77 -54.65 -70.44
N PHE D 150 -4.90 -55.39 -71.54
CA PHE D 150 -3.75 -55.83 -72.34
C PHE D 150 -3.56 -54.86 -73.50
N LYS D 151 -2.31 -54.45 -73.71
CA LYS D 151 -2.01 -53.46 -74.73
C LYS D 151 -2.24 -54.00 -76.14
N ASP D 152 -2.00 -55.29 -76.36
CA ASP D 152 -2.20 -55.92 -77.66
C ASP D 152 -2.15 -57.44 -77.48
N GLU D 153 -2.15 -58.16 -78.60
CA GLU D 153 -2.12 -59.61 -78.58
C GLU D 153 -0.75 -60.16 -78.23
N LYS D 154 0.31 -59.36 -78.41
CA LYS D 154 1.62 -59.77 -77.92
C LYS D 154 1.63 -59.90 -76.40
N ASP D 155 0.96 -58.97 -75.71
CA ASP D 155 0.80 -59.04 -74.26
C ASP D 155 0.04 -60.31 -73.86
N VAL D 156 -1.08 -60.56 -74.54
CA VAL D 156 -1.90 -61.74 -74.25
C VAL D 156 -1.09 -63.01 -74.46
N LYS D 157 -0.29 -63.07 -75.53
CA LYS D 157 0.58 -64.21 -75.72
C LYS D 157 1.65 -64.29 -74.64
N PHE D 158 2.05 -63.16 -74.06
CA PHE D 158 3.00 -63.19 -72.96
C PHE D 158 2.41 -63.92 -71.76
N TYR D 159 1.25 -63.47 -71.29
CA TYR D 159 0.66 -64.08 -70.11
C TYR D 159 0.22 -65.51 -70.38
N ALA D 160 -0.26 -65.79 -71.59
CA ALA D 160 -0.53 -67.17 -71.97
C ALA D 160 0.74 -68.01 -71.94
N ASP D 161 1.87 -67.41 -72.31
CA ASP D 161 3.14 -68.13 -72.28
C ASP D 161 3.59 -68.43 -70.85
N VAL D 162 3.31 -67.51 -69.91
CA VAL D 162 3.57 -67.81 -68.50
C VAL D 162 2.68 -68.95 -68.03
N ILE D 163 1.40 -68.92 -68.40
CA ILE D 163 0.47 -69.97 -67.98
C ILE D 163 0.91 -71.33 -68.51
N GLU D 164 1.33 -71.38 -69.78
CA GLU D 164 1.69 -72.67 -70.37
C GLU D 164 2.90 -73.27 -69.68
N ASP D 165 3.90 -72.43 -69.34
CA ASP D 165 5.09 -72.88 -68.63
C ASP D 165 5.84 -73.93 -69.44
N LYS D 166 6.13 -73.58 -70.70
CA LYS D 166 6.71 -74.55 -71.63
C LYS D 166 8.07 -75.03 -71.17
N ASP D 167 8.91 -74.11 -70.67
CA ASP D 167 10.31 -74.40 -70.43
C ASP D 167 10.67 -74.24 -68.95
N HIS D 168 9.68 -74.30 -68.06
CA HIS D 168 9.87 -74.11 -66.62
C HIS D 168 10.77 -72.92 -66.35
N LYS D 169 10.56 -71.84 -67.09
CA LYS D 169 11.28 -70.58 -66.89
C LYS D 169 10.53 -69.75 -65.86
N TRP D 170 10.64 -70.18 -64.60
CA TRP D 170 9.85 -69.63 -63.51
C TRP D 170 10.40 -68.34 -62.94
N ALA D 171 11.45 -67.76 -63.53
CA ALA D 171 12.06 -66.55 -63.00
C ALA D 171 12.50 -65.60 -64.10
N ASP D 172 11.81 -65.64 -65.25
CA ASP D 172 12.14 -64.73 -66.34
C ASP D 172 11.61 -63.33 -66.09
N SER D 173 10.42 -63.22 -65.49
CA SER D 173 9.77 -61.93 -65.32
C SER D 173 9.01 -61.88 -64.00
N PRO D 174 8.51 -60.70 -63.60
CA PRO D 174 7.54 -60.65 -62.49
C PRO D 174 6.35 -61.58 -62.69
N ALA D 175 5.86 -61.72 -63.92
CA ALA D 175 4.73 -62.61 -64.20
C ALA D 175 5.04 -64.04 -63.78
N HIS D 176 6.23 -64.52 -64.15
CA HIS D 176 6.62 -65.90 -63.86
C HIS D 176 6.77 -66.12 -62.37
N VAL D 177 7.47 -65.21 -61.68
CA VAL D 177 7.67 -65.34 -60.24
C VAL D 177 6.34 -65.28 -59.50
N LEU D 178 5.48 -64.34 -59.87
CA LEU D 178 4.25 -64.16 -59.11
C LEU D 178 3.28 -65.30 -59.37
N VAL D 179 3.11 -65.68 -60.63
CA VAL D 179 2.16 -66.75 -60.93
C VAL D 179 2.65 -68.07 -60.35
N ASN D 180 3.92 -68.40 -60.58
CA ASN D 180 4.45 -69.69 -60.19
C ASN D 180 4.66 -69.77 -58.68
N GLN D 181 5.30 -68.76 -58.09
CA GLN D 181 5.50 -68.75 -56.65
C GLN D 181 4.22 -68.50 -55.89
N GLY D 182 3.30 -67.74 -56.45
CA GLY D 182 1.99 -67.63 -55.84
C GLY D 182 1.27 -68.96 -55.80
N HIS D 183 1.40 -69.74 -56.87
CA HIS D 183 0.88 -71.10 -56.81
C HIS D 183 1.63 -71.94 -55.79
N MSE D 184 2.94 -71.74 -55.68
CA MSE D 184 3.81 -72.49 -54.79
C MSE D 184 3.47 -72.26 -53.32
O MSE D 184 3.55 -73.16 -52.50
CB MSE D 184 5.26 -72.10 -55.00
CG MSE D 184 6.22 -73.00 -54.32
SE MSE D 184 7.97 -72.17 -54.42
CE MSE D 184 7.52 -70.37 -53.96
N VAL D 185 3.11 -71.00 -53.01
CA VAL D 185 2.78 -70.63 -51.64
C VAL D 185 1.57 -71.42 -51.16
N ASP D 186 0.57 -71.57 -52.03
CA ASP D 186 -0.63 -72.28 -51.61
C ASP D 186 -0.38 -73.75 -51.31
N LEU D 187 0.83 -74.25 -51.53
CA LEU D 187 1.15 -75.64 -51.22
C LEU D 187 1.36 -75.85 -49.73
N VAL D 188 1.50 -74.80 -48.99
CA VAL D 188 1.81 -74.92 -47.59
C VAL D 188 0.63 -75.39 -46.78
N ARG D 189 -0.06 -76.39 -47.28
CA ARG D 189 -1.27 -76.91 -46.67
C ARG D 189 -1.16 -78.42 -46.44
N VAL D 190 -0.76 -79.13 -47.49
CA VAL D 190 -0.61 -80.58 -47.41
C VAL D 190 0.85 -80.99 -47.63
N LYS D 191 1.66 -80.80 -46.60
CA LYS D 191 3.07 -81.18 -46.64
C LYS D 191 3.37 -82.17 -45.52
N GLN D 192 4.53 -82.82 -45.62
CA GLN D 192 4.95 -83.78 -44.65
C GLN D 192 6.45 -83.65 -44.67
N PRO D 193 7.00 -82.93 -43.75
CA PRO D 193 6.22 -82.22 -42.76
C PRO D 193 6.45 -80.75 -42.96
N PRO D 194 5.65 -79.99 -42.31
CA PRO D 194 5.55 -78.55 -42.61
C PRO D 194 6.88 -77.84 -42.56
N GLU D 195 7.78 -78.26 -41.67
CA GLU D 195 9.01 -77.50 -41.43
C GLU D 195 9.91 -77.50 -42.66
N SER D 196 10.08 -78.66 -43.28
CA SER D 196 10.97 -78.77 -44.45
C SER D 196 10.41 -77.98 -45.62
N TYR D 197 9.10 -78.09 -45.84
CA TYR D 197 8.45 -77.43 -46.96
C TYR D 197 8.43 -75.92 -46.77
N LEU D 198 7.97 -75.48 -45.60
CA LEU D 198 8.01 -74.05 -45.28
C LEU D 198 9.40 -73.46 -45.45
N GLU D 199 10.44 -74.17 -44.96
CA GLU D 199 11.78 -73.67 -45.19
C GLU D 199 12.08 -73.58 -46.69
N TYR D 200 11.66 -74.58 -47.47
CA TYR D 200 11.96 -74.58 -48.90
C TYR D 200 11.29 -73.39 -49.61
N TYR D 201 9.97 -73.28 -49.47
CA TYR D 201 9.25 -72.18 -50.12
C TYR D 201 9.75 -70.83 -49.66
N PHE D 202 10.02 -70.71 -48.35
CA PHE D 202 10.67 -69.51 -47.83
C PHE D 202 11.96 -69.25 -48.58
N SER D 203 12.73 -70.31 -48.86
CA SER D 203 13.99 -70.14 -49.56
C SER D 203 13.76 -69.70 -51.00
N GLN D 204 12.68 -70.20 -51.60
CA GLN D 204 12.28 -69.81 -52.96
C GLN D 204 11.86 -68.35 -53.10
N LEU D 205 11.10 -67.84 -52.13
CA LEU D 205 10.55 -66.49 -52.20
C LEU D 205 11.54 -65.44 -51.71
N GLN D 206 12.24 -65.74 -50.63
CA GLN D 206 13.11 -64.79 -49.92
C GLN D 206 13.98 -63.92 -50.80
N PRO D 207 14.66 -64.43 -51.84
CA PRO D 207 15.54 -63.53 -52.61
C PRO D 207 14.80 -62.39 -53.28
N TRP D 208 13.53 -62.59 -53.63
CA TRP D 208 12.83 -61.62 -54.47
C TRP D 208 12.33 -60.43 -53.66
N ILE D 209 11.88 -60.69 -52.44
CA ILE D 209 11.22 -59.67 -51.62
C ILE D 209 11.90 -59.46 -50.28
N GLY D 210 12.69 -60.41 -49.80
CA GLY D 210 13.37 -60.28 -48.53
C GLY D 210 12.75 -61.16 -47.46
N SER D 211 13.51 -61.36 -46.37
CA SER D 211 13.08 -62.24 -45.29
C SER D 211 11.90 -61.64 -44.52
N THR D 212 12.01 -60.36 -44.14
CA THR D 212 10.90 -59.71 -43.45
C THR D 212 9.63 -59.80 -44.28
N ALA D 213 9.73 -59.44 -45.56
CA ALA D 213 8.59 -59.54 -46.46
C ALA D 213 8.07 -60.98 -46.52
N THR D 214 8.97 -61.95 -46.52
CA THR D 214 8.55 -63.35 -46.67
C THR D 214 7.82 -63.84 -45.44
N GLU D 215 8.29 -63.47 -44.25
CA GLU D 215 7.52 -63.74 -43.04
C GLU D 215 6.13 -63.12 -43.16
N ALA D 216 6.06 -61.86 -43.58
CA ALA D 216 4.75 -61.22 -43.75
C ALA D 216 3.86 -62.05 -44.67
N VAL D 217 4.43 -62.53 -45.78
CA VAL D 217 3.66 -63.28 -46.76
C VAL D 217 3.09 -64.55 -46.15
N PHE D 218 3.92 -65.33 -45.46
CA PHE D 218 3.41 -66.61 -44.99
C PHE D 218 2.51 -66.46 -43.77
N ALA D 219 2.77 -65.45 -42.94
CA ALA D 219 1.85 -65.14 -41.85
C ALA D 219 0.48 -64.77 -42.41
N THR D 220 0.47 -63.78 -43.30
CA THR D 220 -0.76 -63.40 -43.98
C THR D 220 -1.38 -64.57 -44.68
N GLN D 221 -0.55 -65.53 -45.11
CA GLN D 221 -1.09 -66.72 -45.76
C GLN D 221 -1.87 -67.58 -44.78
N ARG D 222 -1.33 -67.78 -43.58
CA ARG D 222 -2.07 -68.55 -42.59
C ARG D 222 -3.38 -67.85 -42.26
N GLN D 223 -3.37 -66.52 -42.25
CA GLN D 223 -4.62 -65.82 -41.99
C GLN D 223 -5.60 -65.96 -43.15
N PHE D 224 -5.08 -66.07 -44.39
CA PHE D 224 -5.95 -66.35 -45.51
C PHE D 224 -6.50 -67.77 -45.44
N PHE D 225 -5.69 -68.72 -45.02
CA PHE D 225 -6.17 -70.08 -44.78
C PHE D 225 -7.36 -70.08 -43.80
N HIS D 226 -7.16 -69.47 -42.63
CA HIS D 226 -8.27 -69.36 -41.69
C HIS D 226 -9.46 -68.70 -42.35
N ALA D 227 -9.20 -67.67 -43.17
CA ALA D 227 -10.27 -66.93 -43.84
C ALA D 227 -11.02 -67.80 -44.84
N THR D 228 -10.35 -68.82 -45.40
CA THR D 228 -10.94 -69.67 -46.43
C THR D 228 -11.13 -71.11 -45.94
N TYR D 229 -11.16 -71.31 -44.62
CA TYR D 229 -11.52 -72.60 -44.01
C TYR D 229 -10.62 -73.74 -44.50
N GLU D 230 -9.35 -73.43 -44.71
CA GLU D 230 -8.33 -74.42 -44.98
C GLU D 230 -7.54 -74.71 -43.72
N ALA D 231 -7.13 -75.97 -43.56
CA ALA D 231 -6.43 -76.37 -42.34
C ALA D 231 -5.07 -75.68 -42.24
N VAL D 232 -4.70 -75.32 -41.02
CA VAL D 232 -3.44 -74.63 -40.74
C VAL D 232 -2.59 -75.54 -39.87
N ALA D 233 -1.42 -75.93 -40.38
CA ALA D 233 -0.57 -76.86 -39.65
C ALA D 233 0.20 -76.13 -38.56
N GLY D 234 0.78 -76.92 -37.66
CA GLY D 234 1.69 -76.38 -36.68
C GLY D 234 3.06 -76.25 -37.28
N PHE D 235 4.05 -76.07 -36.41
CA PHE D 235 5.44 -75.92 -36.85
C PHE D 235 6.31 -76.13 -35.62
N ASP D 236 7.10 -77.21 -35.60
CA ASP D 236 7.92 -77.55 -34.46
C ASP D 236 9.39 -77.62 -34.91
N SER D 237 10.20 -76.64 -34.49
CA SER D 237 11.61 -76.68 -34.81
C SER D 237 12.33 -77.82 -34.09
N GLU D 238 11.67 -78.47 -33.13
CA GLU D 238 12.17 -79.63 -32.44
C GLU D 238 11.43 -80.90 -32.85
N ASN D 239 10.86 -80.89 -34.05
CA ASN D 239 10.24 -82.10 -34.59
C ASN D 239 11.32 -83.14 -34.90
N LYS D 240 11.01 -84.40 -34.61
CA LYS D 240 11.95 -85.50 -34.81
C LYS D 240 11.74 -86.25 -36.13
N GLU D 241 10.63 -86.01 -36.81
CA GLU D 241 10.39 -86.62 -38.12
C GLU D 241 11.56 -86.30 -39.04
N PRO D 242 11.99 -87.24 -39.89
CA PRO D 242 13.15 -86.98 -40.75
C PRO D 242 12.83 -85.88 -41.77
N HIS D 243 13.77 -84.95 -41.93
CA HIS D 243 13.65 -83.87 -42.90
C HIS D 243 13.56 -84.45 -44.31
N LEU D 244 12.71 -83.85 -45.14
CA LEU D 244 12.61 -84.24 -46.55
C LEU D 244 13.09 -83.09 -47.43
N VAL D 245 14.02 -83.41 -48.33
CA VAL D 245 14.53 -82.46 -49.29
C VAL D 245 13.48 -82.25 -50.37
N VAL D 246 12.92 -81.03 -50.44
CA VAL D 246 11.78 -80.80 -51.31
C VAL D 246 12.18 -80.92 -52.79
N ASP D 247 13.38 -80.48 -53.13
CA ASP D 247 13.86 -80.61 -54.50
C ASP D 247 14.27 -82.06 -54.75
N GLY D 248 13.34 -82.85 -55.27
CA GLY D 248 13.63 -84.24 -55.58
C GLY D 248 13.08 -85.24 -54.60
N LEU D 249 12.32 -84.79 -53.59
CA LEU D 249 11.74 -85.66 -52.57
C LEU D 249 12.77 -86.65 -52.03
N GLY D 250 13.91 -86.13 -51.60
CA GLY D 250 14.98 -86.93 -51.07
C GLY D 250 15.25 -86.71 -49.60
N ARG D 251 16.45 -87.13 -49.16
CA ARG D 251 16.83 -87.11 -47.77
C ARG D 251 18.30 -86.76 -47.66
N TYR D 252 18.70 -86.26 -46.50
CA TYR D 252 20.11 -86.15 -46.14
C TYR D 252 20.37 -87.11 -44.99
N VAL D 253 21.59 -87.66 -44.95
CA VAL D 253 21.91 -88.68 -43.97
C VAL D 253 23.14 -88.27 -43.18
N ILE D 254 23.16 -88.68 -41.92
CA ILE D 254 24.32 -88.59 -41.04
C ILE D 254 24.55 -89.98 -40.42
N PRO D 260 27.21 -85.17 -40.71
CA PRO D 260 26.31 -85.16 -41.85
C PRO D 260 27.08 -85.21 -43.14
N ILE D 261 26.68 -86.10 -44.03
CA ILE D 261 27.45 -86.46 -45.22
C ILE D 261 27.20 -85.39 -46.28
N ARG D 262 28.26 -84.64 -46.61
CA ARG D 262 28.24 -83.59 -47.62
C ARG D 262 29.26 -83.91 -48.70
N GLU D 263 29.25 -83.08 -49.74
CA GLU D 263 30.13 -83.27 -50.89
C GLU D 263 31.24 -82.22 -50.91
N LEU D 276 26.39 -80.53 -49.22
CA LEU D 276 25.49 -81.51 -48.61
C LEU D 276 25.14 -82.62 -49.61
N LYS D 277 25.30 -83.87 -49.20
CA LYS D 277 25.10 -85.00 -50.11
C LYS D 277 23.60 -85.32 -50.23
N PHE D 278 23.09 -85.25 -51.45
CA PHE D 278 21.72 -85.66 -51.73
C PHE D 278 21.59 -87.18 -51.66
N PHE D 279 20.41 -87.64 -51.28
CA PHE D 279 20.10 -89.06 -51.25
C PHE D 279 18.69 -89.24 -51.78
N SER D 280 18.51 -90.18 -52.69
CA SER D 280 17.15 -90.57 -53.03
C SER D 280 16.58 -91.37 -51.86
N GLN D 281 15.25 -91.39 -51.75
CA GLN D 281 14.62 -92.11 -50.63
C GLN D 281 14.96 -93.60 -50.67
N LYS D 282 14.98 -94.19 -51.87
CA LYS D 282 15.13 -95.63 -52.01
C LYS D 282 16.56 -96.12 -51.84
N LYS D 283 17.55 -95.22 -51.80
CA LYS D 283 18.91 -95.68 -51.59
C LYS D 283 19.10 -96.13 -50.15
N LYS D 284 18.92 -97.43 -49.91
CA LYS D 284 19.21 -98.01 -48.59
C LYS D 284 20.71 -98.02 -48.36
N LEU D 285 21.14 -97.56 -47.20
CA LEU D 285 22.57 -97.40 -46.96
C LEU D 285 23.00 -98.01 -45.62
N GLU D 286 24.12 -97.53 -45.10
CA GLU D 286 25.02 -98.33 -44.26
C GLU D 286 24.45 -98.57 -42.87
N GLU D 287 25.08 -99.54 -42.19
CA GLU D 287 24.82 -99.76 -40.78
C GLU D 287 25.18 -98.50 -39.99
N ASN D 288 24.40 -98.23 -38.95
CA ASN D 288 24.66 -97.11 -38.06
C ASN D 288 24.68 -95.79 -38.83
N GLN D 289 23.90 -95.73 -39.90
CA GLN D 289 23.73 -94.55 -40.74
C GLN D 289 22.24 -94.22 -40.80
N ARG D 290 21.89 -92.95 -40.63
CA ARG D 290 20.48 -92.59 -40.45
C ARG D 290 20.15 -91.29 -41.16
N TYR D 291 18.89 -91.16 -41.57
CA TYR D 291 18.43 -89.94 -42.22
C TYR D 291 18.49 -88.75 -41.26
N MSE D 292 18.76 -87.58 -41.82
CA MSE D 292 18.89 -86.38 -41.01
C MSE D 292 17.52 -85.96 -40.51
O MSE D 292 16.53 -85.96 -41.25
CB MSE D 292 19.54 -85.25 -41.79
CG MSE D 292 19.57 -83.95 -41.03
SE MSE D 292 20.18 -82.48 -42.12
CE MSE D 292 22.09 -82.60 -41.96
N ARG D 293 17.45 -85.61 -39.22
CA ARG D 293 16.19 -85.17 -38.63
C ARG D 293 15.92 -83.72 -39.02
N VAL D 294 14.64 -83.33 -38.95
CA VAL D 294 14.25 -81.98 -39.35
C VAL D 294 14.88 -80.93 -38.43
N ASP D 295 14.87 -81.18 -37.12
CA ASP D 295 15.48 -80.23 -36.18
C ASP D 295 16.98 -80.08 -36.46
N GLU D 296 17.65 -81.18 -36.80
CA GLU D 296 19.06 -81.10 -37.16
C GLU D 296 19.23 -80.23 -38.40
N TYR D 297 18.29 -80.32 -39.35
CA TYR D 297 18.34 -79.47 -40.53
C TYR D 297 18.18 -78.00 -40.15
N LEU D 298 17.25 -77.70 -39.24
CA LEU D 298 17.00 -76.34 -38.83
C LEU D 298 18.12 -75.75 -37.97
N LYS D 299 18.96 -76.59 -37.36
CA LYS D 299 20.06 -76.09 -36.55
C LYS D 299 21.35 -75.83 -37.34
N LEU D 300 21.39 -76.20 -38.62
CA LEU D 300 22.56 -75.96 -39.44
C LEU D 300 22.78 -74.46 -39.65
N ASP D 301 24.06 -74.05 -39.61
CA ASP D 301 24.39 -72.63 -39.74
C ASP D 301 23.81 -72.04 -41.04
N GLU D 302 24.04 -72.73 -42.16
CA GLU D 302 23.59 -72.25 -43.46
C GLU D 302 22.08 -72.09 -43.51
N VAL D 303 21.34 -72.89 -42.75
CA VAL D 303 19.88 -72.79 -42.74
C VAL D 303 19.44 -71.63 -41.85
N GLN D 304 20.03 -71.52 -40.65
CA GLN D 304 19.68 -70.42 -39.76
C GLN D 304 20.00 -69.07 -40.40
N LYS D 305 21.12 -68.99 -41.14
CA LYS D 305 21.50 -67.76 -41.84
C LYS D 305 20.41 -67.28 -42.81
N ARG D 306 19.51 -68.17 -43.24
CA ARG D 306 18.50 -67.82 -44.21
C ARG D 306 17.08 -68.15 -43.77
N PHE D 307 16.90 -68.81 -42.64
CA PHE D 307 15.56 -69.15 -42.20
C PHE D 307 15.40 -68.85 -40.72
N PRO D 308 14.56 -67.88 -40.39
CA PRO D 308 14.39 -67.47 -38.98
C PRO D 308 13.61 -68.48 -38.15
N GLY D 309 13.15 -69.60 -38.73
CA GLY D 309 12.34 -70.56 -38.02
C GLY D 309 13.07 -71.38 -36.99
N ALA D 310 14.39 -71.21 -36.87
CA ALA D 310 15.15 -71.94 -35.85
C ALA D 310 14.64 -71.58 -34.45
N GLY D 311 14.42 -72.61 -33.63
CA GLY D 311 13.99 -72.43 -32.26
C GLY D 311 12.52 -72.11 -32.08
N LYS D 312 11.80 -71.76 -33.15
CA LYS D 312 10.45 -71.25 -33.01
C LYS D 312 9.42 -72.36 -33.20
N LYS D 313 8.25 -72.18 -32.57
CA LYS D 313 7.12 -73.09 -32.69
C LYS D 313 5.87 -72.29 -33.02
N LEU D 314 5.00 -72.85 -33.87
CA LEU D 314 3.73 -72.24 -34.23
C LEU D 314 2.62 -73.22 -33.95
N ASP D 315 1.57 -72.74 -33.29
CA ASP D 315 0.44 -73.59 -32.94
C ASP D 315 -0.45 -73.79 -34.16
N GLY D 316 -0.87 -75.05 -34.38
CA GLY D 316 -1.81 -75.33 -35.44
C GLY D 316 -3.21 -74.91 -35.07
N GLY D 317 -4.08 -74.90 -36.08
CA GLY D 317 -5.45 -74.51 -35.83
C GLY D 317 -5.56 -73.08 -35.34
N LEU D 318 -6.75 -72.77 -34.78
CA LEU D 318 -7.11 -71.42 -34.35
C LEU D 318 -6.97 -71.30 -32.83
N PRO D 319 -6.36 -70.21 -32.36
CA PRO D 319 -6.33 -69.97 -30.91
C PRO D 319 -7.73 -69.66 -30.41
N GLY D 320 -8.13 -70.32 -29.34
CA GLY D 320 -9.47 -70.18 -28.81
C GLY D 320 -10.45 -71.24 -29.26
N LEU D 321 -10.02 -72.19 -30.08
CA LEU D 321 -10.86 -73.29 -30.54
C LEU D 321 -10.13 -74.58 -30.29
N LYS D 322 -10.82 -75.54 -29.68
CA LYS D 322 -10.25 -76.87 -29.55
C LYS D 322 -10.55 -77.68 -30.79
N GLU D 323 -9.80 -78.77 -30.97
CA GLU D 323 -9.82 -79.50 -32.22
C GLU D 323 -11.23 -79.87 -32.66
N TYR D 324 -12.17 -80.04 -31.72
CA TYR D 324 -13.53 -80.38 -32.12
C TYR D 324 -14.29 -79.15 -32.64
N GLN D 325 -14.02 -77.97 -32.09
CA GLN D 325 -14.63 -76.75 -32.62
C GLN D 325 -13.96 -76.32 -33.92
N TYR D 326 -12.63 -76.34 -33.94
CA TYR D 326 -11.87 -76.06 -35.17
C TYR D 326 -12.28 -77.01 -36.29
N LEU D 327 -12.34 -78.31 -35.99
CA LEU D 327 -12.74 -79.28 -37.00
C LEU D 327 -14.17 -79.04 -37.44
N GLN D 328 -15.08 -78.77 -36.50
CA GLN D 328 -16.46 -78.50 -36.87
C GLN D 328 -16.56 -77.22 -37.70
N ARG D 329 -15.53 -76.38 -37.66
CA ARG D 329 -15.45 -75.21 -38.53
C ARG D 329 -14.95 -75.58 -39.92
N LEU D 330 -13.93 -76.44 -40.02
CA LEU D 330 -13.39 -76.81 -41.33
C LEU D 330 -14.43 -77.49 -42.23
N ASN D 331 -15.41 -78.18 -41.64
CA ASN D 331 -16.50 -78.79 -42.42
C ASN D 331 -17.72 -77.89 -42.56
N SER D 332 -17.65 -76.64 -42.09
CA SER D 332 -18.76 -75.71 -42.25
C SER D 332 -19.02 -75.46 -43.74
N ILE D 333 -20.20 -74.90 -44.03
CA ILE D 333 -20.56 -74.61 -45.41
C ILE D 333 -19.70 -73.50 -45.98
N ASN D 334 -19.17 -72.64 -45.13
CA ASN D 334 -18.39 -71.51 -45.62
C ASN D 334 -17.15 -71.97 -46.38
N ARG D 335 -16.69 -73.19 -46.17
CA ARG D 335 -15.64 -73.74 -47.01
C ARG D 335 -16.12 -73.88 -48.45
N ALA D 336 -17.36 -74.35 -48.63
CA ALA D 336 -17.92 -74.53 -49.95
C ALA D 336 -18.38 -73.21 -50.57
N ARG D 337 -18.80 -72.26 -49.74
CA ARG D 337 -19.05 -70.92 -50.22
C ARG D 337 -17.75 -70.28 -50.68
N CYS D 338 -16.65 -70.56 -49.99
CA CYS D 338 -15.35 -70.06 -50.42
C CYS D 338 -14.91 -70.72 -51.72
N GLU D 339 -15.16 -72.01 -51.88
CA GLU D 339 -14.79 -72.69 -53.09
C GLU D 339 -15.78 -72.48 -54.22
N ASN D 340 -16.92 -71.82 -53.97
CA ASN D 340 -17.98 -71.70 -54.98
C ASN D 340 -18.56 -70.29 -55.15
N ASP D 341 -18.33 -69.36 -54.23
CA ASP D 341 -18.90 -68.02 -54.28
C ASP D 341 -17.77 -67.00 -54.34
N VAL D 342 -17.50 -66.51 -55.56
CA VAL D 342 -16.38 -65.59 -55.79
C VAL D 342 -16.46 -64.39 -54.85
N ASP D 343 -17.65 -63.77 -54.78
CA ASP D 343 -17.80 -62.58 -53.96
C ASP D 343 -17.59 -62.88 -52.48
N PHE D 344 -17.92 -64.10 -52.05
CA PHE D 344 -17.81 -64.47 -50.65
C PHE D 344 -16.36 -64.74 -50.26
N CYS D 345 -15.66 -65.57 -51.04
CA CYS D 345 -14.25 -65.85 -50.77
C CYS D 345 -13.42 -64.58 -50.87
N LEU D 346 -13.73 -63.72 -51.85
CA LEU D 346 -13.06 -62.43 -51.96
C LEU D 346 -13.36 -61.53 -50.77
N GLY D 347 -14.57 -61.60 -50.21
CA GLY D 347 -14.86 -60.83 -49.01
C GLY D 347 -14.10 -61.34 -47.80
N GLN D 348 -14.00 -62.66 -47.66
CA GLN D 348 -13.21 -63.26 -46.57
C GLN D 348 -11.75 -62.82 -46.66
N LEU D 349 -11.15 -63.02 -47.84
CA LEU D 349 -9.76 -62.60 -48.05
C LEU D 349 -9.60 -61.09 -47.85
N GLN D 350 -10.60 -60.31 -48.25
CA GLN D 350 -10.51 -58.86 -48.04
C GLN D 350 -10.48 -58.53 -46.56
N THR D 351 -11.34 -59.17 -45.76
CA THR D 351 -11.35 -58.85 -44.34
C THR D 351 -10.06 -59.31 -43.68
N ALA D 352 -9.53 -60.46 -44.11
CA ALA D 352 -8.28 -60.93 -43.55
C ALA D 352 -7.13 -60.01 -43.93
N HIS D 353 -7.05 -59.65 -45.21
CA HIS D 353 -6.04 -58.73 -45.69
C HIS D 353 -6.09 -57.43 -44.92
N HIS D 354 -7.30 -56.91 -44.68
CA HIS D 354 -7.40 -55.68 -43.91
C HIS D 354 -6.89 -55.88 -42.49
N GLN D 355 -7.23 -57.01 -41.88
CA GLN D 355 -6.83 -57.21 -40.49
C GLN D 355 -5.32 -57.32 -40.35
N THR D 356 -4.63 -57.91 -41.34
CA THR D 356 -3.18 -57.99 -41.26
C THR D 356 -2.49 -56.63 -41.34
N LYS D 357 -3.23 -55.56 -41.63
CA LYS D 357 -2.69 -54.22 -41.60
C LYS D 357 -2.84 -53.55 -40.25
N ILE D 358 -3.65 -54.13 -39.37
CA ILE D 358 -3.96 -53.54 -38.07
C ILE D 358 -3.25 -54.30 -36.96
N THR D 359 -3.31 -55.62 -36.97
CA THR D 359 -2.72 -56.42 -35.89
C THR D 359 -1.28 -56.05 -35.56
N PRO D 360 -0.38 -55.80 -36.53
CA PRO D 360 0.97 -55.37 -36.16
C PRO D 360 1.01 -54.07 -35.38
N ILE D 361 0.15 -53.11 -35.73
CA ILE D 361 0.13 -51.82 -35.06
C ILE D 361 -0.25 -51.98 -33.60
N LYS D 362 -1.41 -52.60 -33.34
CA LYS D 362 -1.81 -52.83 -31.95
C LYS D 362 -0.82 -53.72 -31.23
N ARG D 363 -0.06 -54.53 -31.98
CA ARG D 363 0.94 -55.39 -31.41
C ARG D 363 2.18 -54.61 -30.99
N ALA D 364 2.42 -53.45 -31.59
CA ALA D 364 3.63 -52.68 -31.32
C ALA D 364 3.51 -51.76 -30.10
N PHE D 365 2.32 -51.61 -29.54
CA PHE D 365 2.15 -50.65 -28.45
C PHE D 365 1.45 -51.33 -27.29
N GLN D 366 1.62 -50.73 -26.11
CA GLN D 366 0.91 -51.20 -24.93
C GLN D 366 -0.59 -51.15 -25.15
N SER D 367 -1.27 -52.20 -24.72
CA SER D 367 -2.72 -52.26 -24.89
C SER D 367 -3.42 -51.42 -23.82
N SER D 368 -4.68 -51.09 -24.09
CA SER D 368 -5.50 -50.34 -23.14
C SER D 368 -6.81 -51.08 -22.97
N SER D 369 -7.24 -51.21 -21.72
CA SER D 369 -8.49 -51.92 -21.45
C SER D 369 -9.70 -50.99 -21.58
N GLU D 370 -9.54 -49.73 -21.19
CA GLU D 370 -10.64 -48.77 -21.23
C GLU D 370 -10.66 -48.08 -22.58
N LYS D 371 -11.87 -47.89 -23.11
CA LYS D 371 -12.03 -47.23 -24.40
C LYS D 371 -12.40 -45.76 -24.26
N ALA D 372 -12.75 -45.31 -23.07
CA ALA D 372 -13.25 -43.97 -22.81
C ALA D 372 -12.12 -43.03 -22.39
N ARG D 373 -12.38 -41.72 -22.54
CA ARG D 373 -11.39 -40.74 -22.09
C ARG D 373 -11.09 -40.94 -20.61
N ARG D 374 -9.85 -40.63 -20.24
CA ARG D 374 -9.47 -40.75 -18.85
C ARG D 374 -10.29 -39.80 -17.99
N GLN D 375 -10.19 -40.00 -16.68
CA GLN D 375 -10.78 -39.07 -15.75
C GLN D 375 -10.08 -37.71 -15.84
N PRO D 376 -10.71 -36.66 -15.35
CA PRO D 376 -10.06 -35.34 -15.41
C PRO D 376 -8.86 -35.30 -14.48
N ASN D 377 -7.85 -34.52 -14.89
CA ASN D 377 -6.72 -34.23 -14.03
C ASN D 377 -6.87 -32.83 -13.44
N MSE D 378 -6.02 -32.53 -12.47
CA MSE D 378 -6.17 -31.29 -11.69
C MSE D 378 -6.25 -30.02 -12.53
O MSE D 378 -7.05 -29.11 -12.24
CB MSE D 378 -5.02 -31.17 -10.69
CG MSE D 378 -5.42 -30.37 -9.46
SE MSE D 378 -6.94 -31.15 -8.52
CE MSE D 378 -7.97 -29.54 -8.34
N ASP D 379 -5.44 -29.95 -13.58
CA ASP D 379 -5.44 -28.74 -14.39
C ASP D 379 -6.67 -28.66 -15.27
N GLU D 380 -7.21 -29.80 -15.69
CA GLU D 380 -8.47 -29.77 -16.42
C GLU D 380 -9.61 -29.37 -15.51
N ILE D 381 -9.60 -29.86 -14.27
CA ILE D 381 -10.63 -29.47 -13.31
C ILE D 381 -10.59 -27.98 -13.04
N ALA D 382 -9.40 -27.45 -12.73
CA ALA D 382 -9.22 -26.01 -12.54
C ALA D 382 -9.65 -25.24 -13.78
N ALA D 383 -9.24 -25.71 -14.96
CA ALA D 383 -9.64 -25.07 -16.21
C ALA D 383 -11.15 -24.98 -16.32
N ALA D 384 -11.85 -26.07 -16.00
CA ALA D 384 -13.30 -26.06 -16.03
C ALA D 384 -13.86 -25.00 -15.08
N ARG D 385 -13.33 -24.93 -13.87
CA ARG D 385 -13.80 -23.91 -12.92
C ARG D 385 -13.62 -22.51 -13.49
N ILE D 386 -12.43 -22.23 -14.04
CA ILE D 386 -12.16 -20.90 -14.59
C ILE D 386 -13.10 -20.59 -15.74
N VAL D 387 -13.43 -21.58 -16.55
CA VAL D 387 -14.39 -21.38 -17.63
C VAL D 387 -15.75 -21.03 -17.07
N GLN D 388 -16.23 -21.78 -16.07
CA GLN D 388 -17.53 -21.49 -15.49
C GLN D 388 -17.59 -20.09 -14.89
N GLN D 389 -16.50 -19.64 -14.27
CA GLN D 389 -16.51 -18.33 -13.65
C GLN D 389 -16.49 -17.23 -14.71
N ILE D 390 -15.73 -17.44 -15.79
CA ILE D 390 -15.74 -16.48 -16.88
C ILE D 390 -17.13 -16.41 -17.50
N MSE D 391 -17.76 -17.56 -17.73
CA MSE D 391 -19.09 -17.59 -18.34
C MSE D 391 -20.08 -16.93 -17.44
O MSE D 391 -21.03 -16.29 -17.91
CB MSE D 391 -19.55 -19.03 -18.64
CG MSE D 391 -18.69 -19.84 -19.58
SE MSE D 391 -18.59 -18.98 -21.32
CE MSE D 391 -20.37 -19.18 -21.98
N ALA D 392 -19.87 -17.08 -16.13
CA ALA D 392 -20.81 -16.52 -15.15
C ALA D 392 -20.72 -15.00 -15.10
N ASN D 393 -19.54 -14.44 -15.33
CA ASN D 393 -19.34 -12.99 -15.25
C ASN D 393 -18.52 -12.55 -16.45
N PRO D 394 -19.16 -12.32 -17.60
CA PRO D 394 -18.42 -11.85 -18.77
C PRO D 394 -17.77 -10.49 -18.60
N ASP D 395 -18.13 -9.71 -17.56
CA ASP D 395 -17.51 -8.41 -17.32
C ASP D 395 -16.01 -8.53 -17.11
N CYS D 396 -15.52 -9.74 -16.82
CA CYS D 396 -14.09 -9.96 -16.69
C CYS D 396 -13.37 -9.88 -18.03
N ILE D 397 -14.09 -9.68 -19.14
CA ILE D 397 -13.51 -9.78 -20.47
C ILE D 397 -13.20 -8.37 -20.97
N HIS D 398 -11.91 -8.06 -21.04
CA HIS D 398 -11.42 -6.85 -21.66
C HIS D 398 -10.66 -7.22 -22.92
N ASP D 399 -10.53 -6.27 -23.85
CA ASP D 399 -10.00 -6.59 -25.17
C ASP D 399 -8.59 -7.17 -25.12
N ASP D 400 -7.88 -6.99 -24.01
CA ASP D 400 -6.49 -7.43 -23.90
C ASP D 400 -6.31 -8.65 -23.00
N HIS D 401 -7.28 -8.95 -22.15
CA HIS D 401 -7.06 -9.91 -21.07
C HIS D 401 -8.41 -10.24 -20.45
N VAL D 402 -8.41 -11.26 -19.60
CA VAL D 402 -9.54 -11.53 -18.72
C VAL D 402 -9.09 -11.18 -17.31
N PHE D 403 -9.92 -10.44 -16.58
CA PHE D 403 -9.59 -10.06 -15.20
C PHE D 403 -10.60 -10.69 -14.25
N LEU D 404 -10.17 -11.75 -13.58
CA LEU D 404 -11.04 -12.56 -12.73
C LEU D 404 -10.47 -12.59 -11.32
N ASN D 405 -11.26 -12.14 -10.36
CA ASN D 405 -10.90 -12.21 -8.93
C ASN D 405 -9.47 -11.74 -8.70
N GLY D 406 -9.18 -10.55 -9.22
CA GLY D 406 -7.88 -9.93 -9.06
C GLY D 406 -6.77 -10.58 -9.86
N GLN D 407 -7.10 -11.46 -10.82
CA GLN D 407 -6.10 -12.15 -11.63
C GLN D 407 -6.31 -11.89 -13.11
N LYS D 408 -5.20 -11.66 -13.79
CA LYS D 408 -5.21 -11.34 -15.22
C LYS D 408 -4.73 -12.56 -15.99
N LEU D 409 -5.61 -13.09 -16.83
CA LEU D 409 -5.33 -14.22 -17.70
C LEU D 409 -5.21 -13.69 -19.12
N GLU D 410 -4.02 -13.83 -19.69
CA GLU D 410 -3.73 -13.31 -21.01
C GLU D 410 -3.83 -14.42 -22.06
N GLU D 411 -3.57 -14.05 -23.32
CA GLU D 411 -3.75 -14.97 -24.44
C GLU D 411 -3.01 -16.29 -24.23
N LYS D 412 -1.80 -16.22 -23.65
CA LYS D 412 -1.01 -17.43 -23.47
C LYS D 412 -1.70 -18.42 -22.56
N PHE D 413 -2.43 -17.94 -21.55
CA PHE D 413 -3.17 -18.85 -20.68
C PHE D 413 -4.17 -19.68 -21.47
N PHE D 414 -4.98 -19.01 -22.31
CA PHE D 414 -6.04 -19.71 -23.01
C PHE D 414 -5.48 -20.61 -24.11
N ARG D 415 -4.38 -20.18 -24.75
CA ARG D 415 -3.72 -21.07 -25.69
C ARG D 415 -3.14 -22.28 -24.98
N ASP D 416 -2.61 -22.07 -23.77
CA ASP D 416 -2.10 -23.19 -22.97
C ASP D 416 -3.22 -24.16 -22.62
N LEU D 417 -4.39 -23.64 -22.27
CA LEU D 417 -5.55 -24.51 -22.04
C LEU D 417 -5.87 -25.30 -23.29
N LEU D 418 -5.85 -24.62 -24.44
CA LEU D 418 -6.24 -25.26 -25.69
C LEU D 418 -5.25 -26.35 -26.10
N ALA D 419 -3.99 -26.21 -25.68
CA ALA D 419 -2.92 -27.11 -26.10
C ALA D 419 -2.61 -28.21 -25.09
N LYS D 420 -2.83 -27.96 -23.79
CA LYS D 420 -2.48 -28.90 -22.74
C LYS D 420 -3.66 -29.60 -22.09
N CYS D 421 -4.88 -29.07 -22.24
CA CYS D 421 -6.08 -29.64 -21.65
C CYS D 421 -6.82 -30.44 -22.70
N ASP D 422 -7.46 -31.52 -22.24
CA ASP D 422 -8.38 -32.28 -23.09
C ASP D 422 -9.73 -31.58 -22.97
N MSE D 423 -10.00 -30.69 -23.92
CA MSE D 423 -11.12 -29.75 -23.81
C MSE D 423 -12.46 -30.49 -23.81
O MSE D 423 -13.48 -29.97 -23.34
CB MSE D 423 -11.10 -28.69 -24.92
CG MSE D 423 -10.17 -27.49 -24.70
SE MSE D 423 -10.17 -26.88 -22.85
CE MSE D 423 -9.82 -24.95 -23.01
N ALA D 424 -12.47 -31.72 -24.32
CA ALA D 424 -13.66 -32.55 -24.17
C ALA D 424 -13.89 -32.93 -22.71
N ILE D 425 -12.82 -33.29 -22.00
CA ILE D 425 -12.96 -33.56 -20.56
C ILE D 425 -13.43 -32.32 -19.82
N VAL D 426 -12.85 -31.17 -20.17
CA VAL D 426 -13.27 -29.93 -19.55
C VAL D 426 -14.76 -29.72 -19.77
N GLY D 427 -15.22 -29.97 -21.01
CA GLY D 427 -16.64 -29.87 -21.30
C GLY D 427 -17.47 -30.79 -20.45
N SER D 428 -16.99 -32.02 -20.21
CA SER D 428 -17.70 -32.93 -19.32
C SER D 428 -17.81 -32.36 -17.91
N LEU D 429 -16.86 -31.49 -17.52
CA LEU D 429 -16.93 -30.85 -16.21
C LEU D 429 -17.77 -29.58 -16.18
N LEU D 430 -18.31 -29.14 -17.32
CA LEU D 430 -19.22 -28.00 -17.32
C LEU D 430 -20.66 -28.51 -17.14
N ASN D 431 -21.57 -27.57 -16.92
CA ASN D 431 -22.97 -27.90 -16.62
C ASN D 431 -23.90 -27.05 -17.49
N ASP D 432 -25.20 -27.28 -17.32
CA ASP D 432 -26.19 -26.59 -18.15
C ASP D 432 -26.30 -25.10 -17.81
N THR D 433 -25.87 -24.67 -16.62
CA THR D 433 -25.87 -23.25 -16.31
C THR D 433 -24.84 -22.50 -17.13
N ASP D 434 -23.72 -23.17 -17.46
CA ASP D 434 -22.73 -22.55 -18.33
C ASP D 434 -23.26 -22.42 -19.75
N ILE D 435 -23.97 -23.46 -20.21
CA ILE D 435 -24.65 -23.40 -21.49
C ILE D 435 -25.62 -22.23 -21.52
N ARG D 436 -26.42 -22.06 -20.46
CA ARG D 436 -27.33 -20.92 -20.41
C ARG D 436 -26.55 -19.61 -20.46
N ASN D 437 -25.38 -19.58 -19.81
CA ASN D 437 -24.56 -18.37 -19.80
C ASN D 437 -23.88 -18.09 -21.13
N ILE D 438 -23.95 -19.03 -22.07
CA ILE D 438 -23.45 -18.72 -23.41
C ILE D 438 -24.15 -17.50 -23.96
N ASP D 439 -25.47 -17.45 -23.80
CA ASP D 439 -26.26 -16.33 -24.34
C ASP D 439 -25.82 -14.99 -23.75
N THR D 440 -25.62 -14.94 -22.43
CA THR D 440 -25.17 -13.70 -21.81
C THR D 440 -23.78 -13.33 -22.28
N LEU D 441 -22.89 -14.33 -22.44
CA LEU D 441 -21.56 -14.05 -22.96
C LEU D 441 -21.64 -13.40 -24.34
N MSE D 442 -22.47 -13.95 -25.22
CA MSE D 442 -22.68 -13.40 -26.56
C MSE D 442 -23.29 -12.00 -26.49
O MSE D 442 -23.03 -11.17 -27.36
CB MSE D 442 -23.59 -14.31 -27.38
CG MSE D 442 -22.98 -15.66 -27.76
SE MSE D 442 -21.23 -15.50 -28.54
CE MSE D 442 -20.97 -17.29 -29.31
N GLN D 443 -24.13 -11.74 -25.47
CA GLN D 443 -24.60 -10.37 -25.25
C GLN D 443 -23.44 -9.45 -24.90
N HIS D 444 -22.55 -9.90 -24.00
CA HIS D 444 -21.40 -9.07 -23.66
C HIS D 444 -20.52 -8.80 -24.88
N GLU D 445 -20.43 -9.75 -25.80
CA GLU D 445 -19.64 -9.60 -27.03
C GLU D 445 -20.53 -9.32 -28.22
N ARG D 446 -21.61 -8.57 -28.01
CA ARG D 446 -22.55 -8.24 -29.08
C ARG D 446 -21.81 -7.72 -30.31
N ASN D 447 -20.80 -6.87 -30.10
CA ASN D 447 -20.10 -6.15 -31.16
C ASN D 447 -18.63 -6.54 -31.26
N THR D 448 -18.32 -7.80 -30.96
CA THR D 448 -16.93 -8.26 -31.04
C THR D 448 -16.65 -8.80 -32.45
N GLU D 449 -15.67 -8.19 -33.10
CA GLU D 449 -15.35 -8.56 -34.47
C GLU D 449 -14.68 -9.93 -34.51
N PHE D 450 -15.16 -10.80 -35.39
CA PHE D 450 -14.59 -12.13 -35.59
C PHE D 450 -14.11 -12.23 -37.03
N HIS D 451 -12.88 -12.70 -37.21
CA HIS D 451 -12.22 -12.67 -38.51
C HIS D 451 -12.11 -14.10 -39.02
N SER D 452 -12.67 -14.37 -40.20
CA SER D 452 -12.43 -15.64 -40.85
C SER D 452 -10.95 -15.75 -41.23
N THR D 453 -10.50 -16.99 -41.46
CA THR D 453 -9.15 -17.18 -42.00
C THR D 453 -9.06 -16.74 -43.45
N ASP D 454 -10.20 -16.70 -44.15
CA ASP D 454 -10.30 -16.05 -45.45
C ASP D 454 -10.17 -14.55 -45.22
N ALA D 455 -9.01 -13.99 -45.56
CA ALA D 455 -8.81 -12.56 -45.35
C ALA D 455 -9.62 -11.69 -46.31
N LYS D 456 -10.21 -12.29 -47.35
CA LYS D 456 -11.07 -11.56 -48.28
C LYS D 456 -12.47 -11.37 -47.69
N ALA D 457 -12.95 -12.35 -46.95
CA ALA D 457 -14.29 -12.30 -46.37
C ALA D 457 -14.38 -11.20 -45.31
N LYS D 458 -15.58 -10.66 -45.14
CA LYS D 458 -15.74 -9.53 -44.24
C LYS D 458 -15.74 -10.01 -42.79
N PRO D 459 -15.39 -9.14 -41.85
CA PRO D 459 -15.54 -9.48 -40.44
C PRO D 459 -17.01 -9.54 -40.07
N VAL D 460 -17.30 -10.37 -39.08
CA VAL D 460 -18.66 -10.61 -38.62
C VAL D 460 -18.74 -10.26 -37.14
N LYS D 461 -19.84 -9.63 -36.74
CA LYS D 461 -20.07 -9.33 -35.34
C LYS D 461 -20.52 -10.60 -34.61
N LEU D 462 -19.75 -11.00 -33.59
CA LEU D 462 -19.98 -12.28 -32.90
C LEU D 462 -21.36 -12.38 -32.25
N GLY D 463 -21.54 -11.63 -31.16
CA GLY D 463 -22.78 -11.75 -30.41
C GLY D 463 -24.00 -11.32 -31.18
N GLU D 464 -23.87 -10.31 -32.04
CA GLU D 464 -25.02 -9.86 -32.82
C GLU D 464 -25.47 -10.93 -33.80
N THR D 465 -24.52 -11.54 -34.51
CA THR D 465 -24.86 -12.65 -35.40
C THR D 465 -25.48 -13.78 -34.62
N TRP D 466 -24.95 -14.04 -33.42
CA TRP D 466 -25.53 -15.06 -32.54
C TRP D 466 -27.00 -14.74 -32.25
N GLU D 467 -27.29 -13.54 -31.75
CA GLU D 467 -28.64 -13.18 -31.32
C GLU D 467 -29.60 -13.13 -32.51
N LYS D 468 -29.14 -12.66 -33.66
CA LYS D 468 -30.04 -12.33 -34.76
C LYS D 468 -30.17 -13.44 -35.79
N THR D 469 -29.26 -14.42 -35.81
CA THR D 469 -29.33 -15.43 -36.86
C THR D 469 -29.09 -16.87 -36.38
N ILE D 470 -28.38 -17.09 -35.27
CA ILE D 470 -28.08 -18.45 -34.83
C ILE D 470 -29.04 -18.87 -33.74
N ARG D 471 -29.01 -18.14 -32.62
CA ARG D 471 -29.81 -18.46 -31.45
C ARG D 471 -31.30 -18.49 -31.77
N SER D 472 -32.00 -19.48 -31.24
CA SER D 472 -33.40 -19.70 -31.59
C SER D 472 -34.28 -19.94 -30.37
N GLY D 473 -33.94 -19.34 -29.22
CA GLY D 473 -34.78 -19.55 -28.04
C GLY D 473 -34.65 -20.96 -27.45
N GLY D 474 -35.69 -21.35 -26.71
CA GLY D 474 -35.78 -22.69 -26.17
C GLY D 474 -34.95 -22.91 -24.92
N GLY D 475 -34.83 -24.19 -24.54
CA GLY D 475 -34.08 -24.61 -23.37
C GLY D 475 -32.61 -24.89 -23.67
N VAL D 476 -31.94 -25.48 -22.69
CA VAL D 476 -30.49 -25.63 -22.77
C VAL D 476 -30.10 -26.52 -23.94
N THR D 477 -30.88 -27.56 -24.20
CA THR D 477 -30.56 -28.45 -25.31
C THR D 477 -30.58 -27.68 -26.62
N GLN D 478 -31.54 -26.78 -26.78
CA GLN D 478 -31.60 -25.98 -28.00
C GLN D 478 -30.43 -25.02 -28.08
N ILE D 479 -29.92 -24.54 -26.95
CA ILE D 479 -28.70 -23.74 -26.97
C ILE D 479 -27.53 -24.58 -27.45
N LYS D 480 -27.50 -25.84 -27.04
CA LYS D 480 -26.43 -26.74 -27.47
C LYS D 480 -26.50 -26.97 -28.97
N HIS D 481 -27.72 -27.17 -29.51
CA HIS D 481 -27.86 -27.36 -30.95
C HIS D 481 -27.59 -26.08 -31.71
N ASP D 482 -27.84 -24.92 -31.09
CA ASP D 482 -27.49 -23.65 -31.72
C ASP D 482 -25.98 -23.51 -31.82
N LEU D 483 -25.26 -23.73 -30.71
CA LEU D 483 -23.80 -23.69 -30.72
C LEU D 483 -23.22 -24.66 -31.73
N ILE D 484 -23.74 -25.89 -31.76
CA ILE D 484 -23.27 -26.86 -32.74
C ILE D 484 -23.52 -26.33 -34.15
N PHE D 485 -24.69 -25.72 -34.37
CA PHE D 485 -25.03 -25.17 -35.67
C PHE D 485 -24.08 -24.03 -36.04
N LEU D 486 -23.66 -23.25 -35.05
CA LEU D 486 -22.67 -22.20 -35.26
C LEU D 486 -21.36 -22.79 -35.74
N MSE D 487 -20.81 -23.73 -34.98
CA MSE D 487 -19.57 -24.42 -35.34
C MSE D 487 -19.65 -25.03 -36.74
O MSE D 487 -18.65 -25.10 -37.47
CB MSE D 487 -19.28 -25.51 -34.34
CG MSE D 487 -18.04 -26.28 -34.69
SE MSE D 487 -18.35 -28.07 -34.16
CE MSE D 487 -18.21 -29.02 -35.88
N GLN D 488 -20.85 -25.48 -37.12
CA GLN D 488 -21.03 -26.22 -38.37
C GLN D 488 -21.27 -25.33 -39.58
N ASN D 489 -21.87 -24.16 -39.36
CA ASN D 489 -22.41 -23.35 -40.44
C ASN D 489 -21.58 -22.11 -40.76
N ASP D 490 -21.05 -21.42 -39.77
CA ASP D 490 -20.50 -20.08 -39.95
C ASP D 490 -18.98 -20.18 -40.00
N ALA D 491 -18.42 -20.08 -41.21
CA ALA D 491 -16.99 -20.31 -41.38
C ALA D 491 -16.17 -19.17 -40.80
N TRP D 492 -16.71 -17.95 -40.83
CA TRP D 492 -16.07 -16.85 -40.12
C TRP D 492 -15.84 -17.19 -38.65
N TYR D 493 -16.55 -18.18 -38.12
CA TYR D 493 -16.35 -18.63 -36.74
C TYR D 493 -15.46 -19.87 -36.70
N HIS D 494 -15.83 -20.95 -37.38
CA HIS D 494 -15.12 -22.19 -37.16
C HIS D 494 -13.75 -22.25 -37.81
N THR D 495 -13.49 -21.43 -38.83
CA THR D 495 -12.13 -21.35 -39.38
C THR D 495 -11.15 -20.76 -38.35
N ARG D 496 -11.49 -19.60 -37.80
CA ARG D 496 -10.69 -19.00 -36.74
C ARG D 496 -10.60 -19.92 -35.52
N VAL D 497 -11.73 -20.48 -35.10
CA VAL D 497 -11.76 -21.31 -33.90
C VAL D 497 -10.85 -22.52 -34.06
N ASN D 498 -11.05 -23.28 -35.15
CA ASN D 498 -10.22 -24.45 -35.42
C ASN D 498 -8.75 -24.07 -35.55
N ALA D 499 -8.46 -23.00 -36.30
CA ALA D 499 -7.07 -22.59 -36.48
C ALA D 499 -6.40 -22.25 -35.15
N ILE D 500 -7.10 -21.57 -34.25
CA ILE D 500 -6.51 -21.22 -32.95
C ILE D 500 -6.31 -22.48 -32.09
N ALA D 501 -7.29 -23.39 -32.10
CA ALA D 501 -7.21 -24.57 -31.23
C ALA D 501 -6.03 -25.45 -31.61
N GLN D 502 -5.76 -25.56 -32.92
CA GLN D 502 -4.61 -26.33 -33.39
C GLN D 502 -3.31 -25.54 -33.40
N ASN D 503 -3.31 -24.34 -32.81
CA ASN D 503 -2.12 -23.51 -32.71
C ASN D 503 -1.49 -23.28 -34.09
N ARG D 504 -2.36 -23.02 -35.08
CA ARG D 504 -1.92 -22.69 -36.44
C ARG D 504 -2.57 -21.39 -36.93
N ASP D 505 -3.00 -20.52 -36.02
CA ASP D 505 -3.64 -19.28 -36.38
C ASP D 505 -2.61 -18.20 -36.67
N LYS D 506 -2.98 -17.27 -37.54
CA LYS D 506 -2.16 -16.11 -37.87
C LYS D 506 -2.99 -14.86 -37.65
N ASP D 507 -2.46 -13.94 -36.83
CA ASP D 507 -3.08 -12.64 -36.60
C ASP D 507 -4.48 -12.81 -36.06
N SER D 508 -4.58 -13.44 -34.91
CA SER D 508 -5.86 -13.62 -34.24
C SER D 508 -5.96 -12.62 -33.09
N THR D 509 -7.17 -12.13 -32.85
CA THR D 509 -7.38 -11.26 -31.70
C THR D 509 -7.46 -12.08 -30.43
N PHE D 510 -7.22 -11.40 -29.30
CA PHE D 510 -7.29 -12.10 -28.03
C PHE D 510 -8.69 -12.64 -27.78
N LYS D 511 -9.72 -11.85 -28.09
CA LYS D 511 -11.07 -12.35 -27.86
C LYS D 511 -11.40 -13.52 -28.77
N GLU D 512 -10.73 -13.61 -29.92
CA GLU D 512 -10.90 -14.81 -30.73
C GLU D 512 -10.29 -16.02 -30.04
N VAL D 513 -9.10 -15.87 -29.45
CA VAL D 513 -8.48 -16.97 -28.71
C VAL D 513 -9.33 -17.35 -27.51
N LEU D 514 -9.84 -16.34 -26.80
CA LEU D 514 -10.65 -16.58 -25.62
C LEU D 514 -11.93 -17.31 -25.99
N ILE D 515 -12.64 -16.79 -27.00
CA ILE D 515 -13.88 -17.40 -27.45
C ILE D 515 -13.63 -18.83 -27.88
N THR D 516 -12.51 -19.08 -28.58
CA THR D 516 -12.13 -20.45 -28.91
C THR D 516 -11.93 -21.28 -27.64
N ALA D 517 -11.23 -20.71 -26.66
CA ALA D 517 -10.91 -21.45 -25.45
C ALA D 517 -12.15 -21.79 -24.63
N LEU D 518 -13.18 -20.94 -24.67
CA LEU D 518 -14.41 -21.22 -23.93
C LEU D 518 -15.39 -22.01 -24.75
N MSE D 519 -15.28 -21.97 -26.07
CA MSE D 519 -16.33 -22.49 -26.90
C MSE D 519 -16.00 -23.94 -27.25
O MSE D 519 -16.89 -24.76 -27.44
CB MSE D 519 -16.51 -21.64 -28.16
CG MSE D 519 -17.23 -20.32 -27.88
SE MSE D 519 -19.00 -20.60 -27.20
CE MSE D 519 -18.99 -19.65 -25.52
N THR D 520 -14.70 -24.25 -27.30
CA THR D 520 -14.29 -25.64 -27.54
C THR D 520 -14.83 -26.58 -26.47
N PRO D 521 -14.57 -26.38 -25.17
CA PRO D 521 -15.21 -27.27 -24.18
C PRO D 521 -16.74 -27.16 -24.17
N LEU D 522 -17.30 -25.97 -24.33
CA LEU D 522 -18.76 -25.86 -24.37
C LEU D 522 -19.34 -26.60 -25.57
N THR D 523 -18.66 -26.53 -26.71
CA THR D 523 -19.13 -27.27 -27.87
C THR D 523 -19.01 -28.78 -27.63
N ASN D 524 -17.95 -29.21 -26.96
CA ASN D 524 -17.81 -30.62 -26.64
C ASN D 524 -18.93 -31.10 -25.73
N LYS D 525 -19.27 -30.32 -24.71
CA LYS D 525 -20.41 -30.67 -23.88
C LYS D 525 -21.69 -30.71 -24.70
N SER D 526 -21.87 -29.75 -25.62
CA SER D 526 -23.06 -29.70 -26.46
C SER D 526 -23.20 -30.98 -27.28
N LEU D 527 -22.11 -31.36 -27.94
CA LEU D 527 -22.09 -32.57 -28.76
C LEU D 527 -22.36 -33.80 -27.92
N MSE D 528 -21.56 -34.02 -26.88
CA MSE D 528 -21.66 -35.15 -25.97
C MSE D 528 -23.07 -35.35 -25.41
O MSE D 528 -23.63 -36.46 -25.44
CB MSE D 528 -20.68 -34.92 -24.84
CG MSE D 528 -19.31 -35.52 -25.12
SE MSE D 528 -18.12 -35.40 -23.60
CE MSE D 528 -17.52 -33.60 -23.77
N ASP D 529 -23.65 -34.24 -24.94
CA ASP D 529 -24.99 -34.29 -24.36
C ASP D 529 -26.06 -34.53 -25.41
N THR D 530 -25.89 -33.99 -26.61
CA THR D 530 -26.95 -34.01 -27.61
C THR D 530 -26.86 -35.15 -28.61
N SER D 531 -25.72 -35.86 -28.68
CA SER D 531 -25.51 -36.91 -29.67
C SER D 531 -26.07 -38.22 -29.16
N ARG D 532 -26.93 -38.84 -29.97
CA ARG D 532 -27.51 -40.13 -29.62
C ARG D 532 -27.16 -41.23 -30.62
N SER D 533 -26.67 -40.88 -31.79
CA SER D 533 -26.38 -41.88 -32.80
C SER D 533 -25.39 -42.90 -32.24
N PRO D 534 -25.46 -44.14 -32.73
CA PRO D 534 -24.37 -45.08 -32.44
C PRO D 534 -23.15 -44.67 -33.22
N ALA D 535 -21.98 -44.78 -32.59
CA ALA D 535 -20.75 -44.25 -33.18
C ALA D 535 -20.39 -44.97 -34.48
N PRO D 536 -20.20 -44.24 -35.58
CA PRO D 536 -19.74 -44.87 -36.82
C PRO D 536 -18.29 -45.31 -36.70
N LYS D 537 -17.92 -46.26 -37.55
CA LYS D 537 -16.58 -46.84 -37.54
C LYS D 537 -15.76 -46.49 -38.76
N THR D 538 -16.31 -45.68 -39.66
CA THR D 538 -15.58 -45.17 -40.83
C THR D 538 -16.02 -43.73 -41.05
N LEU D 539 -15.11 -42.80 -40.81
CA LEU D 539 -15.38 -41.39 -41.04
C LEU D 539 -14.41 -40.88 -42.09
N PHE D 540 -14.79 -39.79 -42.73
CA PHE D 540 -13.97 -39.20 -43.78
C PHE D 540 -13.76 -37.72 -43.45
N ARG D 541 -12.50 -37.29 -43.46
CA ARG D 541 -12.16 -35.91 -43.15
C ARG D 541 -11.44 -35.27 -44.32
N GLY D 542 -11.83 -34.05 -44.66
CA GLY D 542 -11.26 -33.34 -45.79
C GLY D 542 -10.28 -32.28 -45.33
N LEU D 543 -9.17 -32.19 -46.04
CA LEU D 543 -8.15 -31.19 -45.78
C LEU D 543 -7.64 -30.66 -47.10
N ASP D 544 -7.38 -29.36 -47.13
CA ASP D 544 -6.78 -28.72 -48.30
C ASP D 544 -5.39 -28.29 -47.83
N LEU D 545 -4.40 -29.16 -48.07
CA LEU D 545 -3.04 -28.93 -47.60
C LEU D 545 -2.15 -28.46 -48.74
N SER D 546 -1.01 -27.87 -48.37
CA SER D 546 -0.01 -27.52 -49.36
C SER D 546 0.61 -28.77 -49.93
N GLU D 547 1.06 -28.67 -51.19
CA GLU D 547 1.74 -29.80 -51.81
C GLU D 547 2.93 -30.24 -50.97
N GLU D 548 3.66 -29.28 -50.39
CA GLU D 548 4.80 -29.61 -49.55
C GLU D 548 4.37 -30.39 -48.30
N PHE D 549 3.35 -29.90 -47.61
CA PHE D 549 2.91 -30.57 -46.38
C PHE D 549 2.28 -31.93 -46.70
N LYS D 550 1.45 -31.99 -47.76
CA LYS D 550 0.86 -33.26 -48.15
C LYS D 550 1.94 -34.28 -48.49
N ASN D 551 2.97 -33.85 -49.21
CA ASN D 551 4.06 -34.76 -49.53
C ASN D 551 4.77 -35.23 -48.26
N LYS D 552 4.92 -34.34 -47.27
CA LYS D 552 5.47 -34.77 -45.98
C LYS D 552 4.61 -35.87 -45.39
N LEU D 553 3.30 -35.68 -45.40
CA LEU D 553 2.40 -36.68 -44.83
C LEU D 553 2.47 -38.00 -45.60
N ILE D 554 2.61 -37.90 -46.93
CA ILE D 554 2.75 -39.09 -47.77
C ILE D 554 4.00 -39.87 -47.38
N ASN D 555 5.13 -39.16 -47.22
CA ASN D 555 6.37 -39.83 -46.86
C ASN D 555 6.27 -40.47 -45.48
N GLN D 556 5.71 -39.75 -44.51
CA GLN D 556 5.56 -40.28 -43.17
C GLN D 556 4.70 -41.53 -43.17
N ALA D 557 3.56 -41.47 -43.87
CA ALA D 557 2.66 -42.61 -43.89
C ALA D 557 3.31 -43.81 -44.56
N GLU D 558 3.95 -43.57 -45.71
CA GLU D 558 4.54 -44.69 -46.43
C GLU D 558 5.67 -45.31 -45.62
N THR D 559 6.39 -44.50 -44.85
CA THR D 559 7.40 -45.02 -43.95
C THR D 559 6.78 -45.91 -42.88
N ILE D 560 5.73 -45.41 -42.25
CA ILE D 560 5.04 -46.20 -41.22
C ILE D 560 4.55 -47.52 -41.81
N ILE D 561 3.89 -47.46 -42.96
CA ILE D 561 3.39 -48.67 -43.60
C ILE D 561 4.53 -49.64 -43.89
N ALA D 562 5.68 -49.13 -44.38
CA ALA D 562 6.78 -50.02 -44.72
C ALA D 562 7.36 -50.69 -43.50
N ASN D 563 7.28 -50.04 -42.33
CA ASN D 563 7.74 -50.65 -41.09
C ASN D 563 6.60 -51.21 -40.26
N THR D 564 5.48 -51.52 -40.88
CA THR D 564 4.38 -52.20 -40.23
C THR D 564 4.14 -53.48 -41.02
N THR D 565 4.57 -54.60 -40.45
CA THR D 565 4.51 -55.87 -41.16
C THR D 565 4.04 -56.98 -40.24
N GLU D 566 3.40 -57.97 -40.82
CA GLU D 566 3.12 -59.20 -40.11
C GLU D 566 4.40 -60.01 -39.94
N HIS D 567 4.33 -61.01 -39.06
CA HIS D 567 5.50 -61.81 -38.78
C HIS D 567 5.05 -63.22 -38.45
N LEU D 568 5.99 -64.16 -38.55
CA LEU D 568 5.86 -65.51 -38.01
C LEU D 568 6.80 -65.75 -36.85
N PHE D 569 8.10 -65.50 -37.05
CA PHE D 569 9.13 -65.83 -36.09
C PHE D 569 9.88 -64.61 -35.56
N THR D 570 9.99 -63.56 -36.35
CA THR D 570 10.81 -62.40 -36.02
C THR D 570 9.89 -61.21 -35.81
N ASP D 571 9.74 -60.78 -34.56
CA ASP D 571 8.78 -59.74 -34.19
C ASP D 571 9.46 -58.38 -34.35
N LEU D 572 9.08 -57.63 -35.38
CA LEU D 572 9.63 -56.31 -35.62
C LEU D 572 8.78 -55.18 -35.00
N SER D 573 8.09 -55.47 -33.89
CA SER D 573 7.25 -54.46 -33.26
C SER D 573 8.05 -53.24 -32.87
N THR D 574 9.28 -53.44 -32.35
CA THR D 574 10.09 -52.32 -31.89
C THR D 574 10.29 -51.28 -32.98
N GLU D 575 10.52 -51.71 -34.23
CA GLU D 575 10.76 -50.75 -35.30
C GLU D 575 9.48 -50.07 -35.75
N ALA D 576 8.37 -50.80 -35.73
CA ALA D 576 7.09 -50.18 -36.00
C ALA D 576 6.82 -49.07 -34.99
N PHE D 577 7.03 -49.38 -33.71
CA PHE D 577 6.92 -48.39 -32.65
C PHE D 577 7.77 -47.17 -32.96
N LYS D 578 9.05 -47.41 -33.25
CA LYS D 578 10.00 -46.32 -33.48
C LYS D 578 9.56 -45.46 -34.65
N GLN D 579 9.20 -46.07 -35.78
CA GLN D 579 8.88 -45.31 -36.97
C GLN D 579 7.53 -44.61 -36.83
N ILE D 580 6.59 -45.22 -36.13
CA ILE D 580 5.29 -44.57 -35.94
C ILE D 580 5.45 -43.34 -35.07
N LYS D 581 6.21 -43.45 -33.99
CA LYS D 581 6.44 -42.28 -33.16
C LYS D 581 7.29 -41.23 -33.86
N LEU D 582 8.12 -41.62 -34.82
CA LEU D 582 8.88 -40.63 -35.57
C LEU D 582 8.02 -39.94 -36.62
N ASN D 583 7.08 -40.67 -37.21
CA ASN D 583 6.31 -40.21 -38.36
C ASN D 583 4.84 -40.01 -38.05
N ASP D 584 4.45 -39.96 -36.79
CA ASP D 584 3.05 -39.77 -36.46
C ASP D 584 2.58 -38.37 -36.88
N PHE D 585 1.43 -38.29 -37.54
CA PHE D 585 0.81 -37.00 -37.82
C PHE D 585 -0.62 -36.97 -37.29
N SER D 586 -0.85 -37.60 -36.14
CA SER D 586 -2.18 -37.56 -35.53
C SER D 586 -2.58 -36.14 -35.14
N GLN D 587 -1.61 -35.27 -34.84
CA GLN D 587 -1.95 -33.94 -34.37
C GLN D 587 -2.65 -33.10 -35.42
N VAL D 588 -2.55 -33.47 -36.70
CA VAL D 588 -3.27 -32.78 -37.74
C VAL D 588 -4.78 -32.87 -37.51
N SER D 589 -5.23 -33.86 -36.74
CA SER D 589 -6.64 -34.07 -36.44
C SER D 589 -6.91 -33.88 -34.94
N ALA D 590 -5.99 -33.22 -34.24
CA ALA D 590 -6.09 -33.06 -32.80
C ALA D 590 -6.46 -31.62 -32.41
N ARG D 591 -6.80 -31.47 -31.14
CA ARG D 591 -6.88 -30.22 -30.39
C ARG D 591 -8.16 -29.40 -30.65
N THR D 592 -8.95 -29.72 -31.68
CA THR D 592 -10.18 -28.99 -31.97
C THR D 592 -11.28 -29.98 -32.28
N CYS D 593 -12.50 -29.46 -32.46
CA CYS D 593 -13.65 -30.27 -32.86
C CYS D 593 -13.61 -30.43 -34.37
N ALA D 594 -12.80 -31.38 -34.80
CA ALA D 594 -12.56 -31.63 -36.23
C ALA D 594 -13.80 -32.19 -36.90
N SER D 595 -14.15 -31.61 -38.05
CA SER D 595 -15.33 -32.00 -38.79
C SER D 595 -15.04 -33.20 -39.68
N THR D 596 -15.98 -34.15 -39.68
CA THR D 596 -15.84 -35.38 -40.45
C THR D 596 -17.19 -35.69 -41.10
N SER D 597 -17.19 -36.66 -42.00
CA SER D 597 -18.44 -37.12 -42.57
C SER D 597 -18.34 -38.61 -42.85
N THR D 598 -19.50 -39.27 -42.86
CA THR D 598 -19.57 -40.67 -43.27
C THR D 598 -19.57 -40.82 -44.78
N ASN D 599 -19.83 -39.73 -45.50
CA ASN D 599 -19.91 -39.73 -46.96
C ASN D 599 -18.64 -39.07 -47.49
N ILE D 600 -17.76 -39.88 -48.10
CA ILE D 600 -16.50 -39.35 -48.60
C ILE D 600 -16.76 -38.29 -49.66
N GLU D 601 -17.96 -38.26 -50.24
CA GLU D 601 -18.28 -37.26 -51.24
C GLU D 601 -18.46 -35.88 -50.64
N VAL D 602 -18.62 -35.77 -49.33
CA VAL D 602 -18.69 -34.45 -48.70
C VAL D 602 -17.30 -33.82 -48.78
N PRO D 603 -16.24 -34.44 -48.26
CA PRO D 603 -14.91 -33.82 -48.40
C PRO D 603 -14.38 -33.89 -49.83
N ARG D 604 -14.69 -34.95 -50.58
CA ARG D 604 -14.12 -35.09 -51.91
C ARG D 604 -14.82 -34.24 -52.95
N THR D 605 -16.15 -34.35 -53.03
CA THR D 605 -16.91 -33.70 -54.09
C THR D 605 -17.39 -32.30 -53.72
N ILE D 606 -17.94 -32.13 -52.51
CA ILE D 606 -18.52 -30.83 -52.15
C ILE D 606 -17.42 -29.80 -51.92
N PHE D 607 -16.42 -30.16 -51.11
CA PHE D 607 -15.37 -29.21 -50.75
C PHE D 607 -14.10 -29.33 -51.56
N GLY D 608 -13.99 -30.34 -52.42
CA GLY D 608 -12.84 -30.44 -53.31
C GLY D 608 -11.52 -30.53 -52.58
N SER D 609 -11.52 -31.16 -51.42
CA SER D 609 -10.27 -31.32 -50.69
C SER D 609 -9.32 -32.22 -51.46
N ASN D 610 -8.04 -31.89 -51.40
CA ASN D 610 -6.98 -32.67 -52.01
C ASN D 610 -6.47 -33.75 -51.08
N THR D 611 -6.88 -33.72 -49.81
CA THR D 611 -6.45 -34.68 -48.81
C THR D 611 -7.68 -35.25 -48.11
N ILE D 612 -7.78 -36.57 -48.04
CA ILE D 612 -8.91 -37.20 -47.36
C ILE D 612 -8.39 -38.25 -46.39
N PHE D 613 -8.81 -38.15 -45.14
CA PHE D 613 -8.50 -39.14 -44.11
C PHE D 613 -9.68 -40.08 -44.02
N GLU D 614 -9.44 -41.34 -44.42
CA GLU D 614 -10.38 -42.43 -44.16
C GLU D 614 -10.03 -42.93 -42.77
N ILE D 615 -10.78 -42.45 -41.78
CA ILE D 615 -10.48 -42.75 -40.39
C ILE D 615 -11.32 -43.96 -39.99
N LEU D 616 -10.63 -45.03 -39.62
CA LEU D 616 -11.28 -46.26 -39.23
C LEU D 616 -11.21 -46.40 -37.72
N ASP D 617 -12.37 -46.55 -37.07
CA ASP D 617 -12.45 -46.69 -35.62
C ASP D 617 -13.16 -48.01 -35.32
N PRO D 618 -12.48 -49.13 -35.56
CA PRO D 618 -13.15 -50.43 -35.34
C PRO D 618 -13.29 -50.77 -33.86
N ASP D 619 -12.53 -50.10 -32.99
CA ASP D 619 -12.55 -50.35 -31.55
C ASP D 619 -13.19 -49.20 -30.78
N GLY D 620 -13.87 -48.28 -31.46
CA GLY D 620 -14.62 -47.21 -30.81
C GLY D 620 -13.85 -46.32 -29.86
N LEU D 621 -12.78 -45.71 -30.33
CA LEU D 621 -11.90 -44.92 -29.49
C LEU D 621 -12.02 -43.43 -29.73
N LEU D 622 -12.65 -43.02 -30.82
CA LEU D 622 -12.69 -41.62 -31.20
C LEU D 622 -13.87 -40.87 -30.61
N HIS D 623 -14.91 -41.57 -30.19
CA HIS D 623 -16.08 -40.94 -29.60
C HIS D 623 -16.65 -39.83 -30.48
N PRO D 624 -17.01 -40.13 -31.73
CA PRO D 624 -17.54 -39.07 -32.59
C PRO D 624 -18.94 -38.69 -32.13
N LYS D 625 -19.25 -37.41 -32.25
CA LYS D 625 -20.56 -36.91 -31.88
C LYS D 625 -21.24 -36.38 -33.12
N GLN D 626 -22.55 -36.61 -33.20
CA GLN D 626 -23.26 -36.20 -34.40
C GLN D 626 -23.47 -34.68 -34.42
N VAL D 627 -23.30 -34.09 -35.60
CA VAL D 627 -23.45 -32.67 -35.80
C VAL D 627 -24.66 -32.46 -36.71
N GLY D 628 -25.72 -31.84 -36.17
CA GLY D 628 -26.86 -31.49 -36.98
C GLY D 628 -27.72 -32.68 -37.37
N THR D 629 -28.39 -32.53 -38.52
CA THR D 629 -29.29 -33.55 -39.06
C THR D 629 -28.57 -34.40 -40.11
N HIS D 630 -29.10 -35.58 -40.35
CA HIS D 630 -28.54 -36.49 -41.32
C HIS D 630 -29.57 -36.87 -42.37
N VAL D 631 -30.36 -35.87 -42.79
CA VAL D 631 -31.29 -36.06 -43.89
C VAL D 631 -30.52 -36.29 -45.19
N SER D 632 -31.21 -36.85 -46.18
CA SER D 632 -30.61 -36.99 -47.50
C SER D 632 -30.25 -35.62 -48.06
N GLY D 633 -29.01 -35.48 -48.52
CA GLY D 633 -28.50 -34.21 -48.95
C GLY D 633 -27.77 -33.43 -47.88
N SER D 634 -27.71 -33.95 -46.65
CA SER D 634 -26.97 -33.30 -45.58
C SER D 634 -25.50 -33.68 -45.66
N GLU D 635 -24.70 -33.01 -44.82
CA GLU D 635 -23.27 -33.31 -44.79
C GLU D 635 -22.93 -34.53 -43.94
N SER D 636 -23.92 -35.16 -43.29
CA SER D 636 -23.70 -36.35 -42.47
C SER D 636 -22.51 -36.16 -41.54
N GLU D 637 -22.40 -34.97 -40.97
CA GLU D 637 -21.20 -34.56 -40.25
C GLU D 637 -21.17 -35.16 -38.86
N TYR D 638 -19.99 -35.67 -38.47
CA TYR D 638 -19.69 -36.04 -37.09
C TYR D 638 -18.45 -35.28 -36.67
N SER D 639 -18.31 -34.99 -35.38
CA SER D 639 -17.18 -34.19 -34.90
C SER D 639 -16.30 -35.04 -33.98
N ILE D 640 -14.99 -34.95 -34.21
CA ILE D 640 -14.02 -35.72 -33.46
C ILE D 640 -13.17 -34.73 -32.70
N TYR D 641 -13.06 -34.93 -31.37
CA TYR D 641 -12.05 -34.27 -30.56
C TYR D 641 -11.06 -35.35 -30.15
N LEU D 642 -9.89 -35.35 -30.78
CA LEU D 642 -8.98 -36.48 -30.65
C LEU D 642 -8.59 -36.70 -29.19
N PRO D 643 -8.80 -37.89 -28.64
CA PRO D 643 -8.29 -38.18 -27.29
C PRO D 643 -6.78 -38.17 -27.28
N GLU D 644 -6.21 -37.88 -26.10
CA GLU D 644 -4.77 -37.65 -26.01
C GLU D 644 -3.96 -38.92 -26.28
N ASP D 645 -4.53 -40.10 -26.02
CA ASP D 645 -3.82 -41.37 -26.14
C ASP D 645 -4.30 -42.19 -27.35
N VAL D 646 -4.93 -41.56 -28.33
CA VAL D 646 -5.36 -42.22 -29.54
C VAL D 646 -4.54 -41.69 -30.69
N ALA D 647 -4.01 -42.59 -31.51
CA ALA D 647 -3.22 -42.22 -32.67
C ALA D 647 -3.94 -42.66 -33.93
N LEU D 648 -3.90 -41.82 -34.96
CA LEU D 648 -4.45 -42.16 -36.27
C LEU D 648 -3.30 -42.69 -37.11
N VAL D 649 -3.13 -44.01 -37.07
CA VAL D 649 -1.96 -44.64 -37.68
C VAL D 649 -2.32 -45.00 -39.12
N PRO D 650 -1.51 -44.55 -40.10
CA PRO D 650 -1.81 -44.86 -41.51
C PRO D 650 -1.54 -46.32 -41.83
N ILE D 651 -2.45 -46.91 -42.61
CA ILE D 651 -2.23 -48.25 -43.14
C ILE D 651 -2.17 -48.26 -44.66
N LYS D 652 -2.59 -47.18 -45.32
CA LYS D 652 -2.68 -47.16 -46.78
C LYS D 652 -2.72 -45.71 -47.23
N VAL D 653 -2.00 -45.40 -48.30
CA VAL D 653 -2.07 -44.11 -48.99
C VAL D 653 -2.40 -44.38 -50.45
N SER D 654 -3.47 -43.75 -50.93
CA SER D 654 -3.92 -43.98 -52.30
C SER D 654 -4.03 -42.67 -53.05
N PHE D 655 -3.55 -42.66 -54.28
CA PHE D 655 -3.85 -41.53 -55.16
C PHE D 655 -5.26 -41.70 -55.72
N ASP D 656 -6.09 -40.68 -55.56
CA ASP D 656 -7.51 -40.78 -55.87
C ASP D 656 -7.92 -39.88 -57.04
N GLY D 657 -6.96 -39.33 -57.75
CA GLY D 657 -7.26 -38.46 -58.87
C GLY D 657 -7.06 -36.99 -58.53
N LYS D 658 -7.71 -36.15 -59.34
CA LYS D 658 -7.52 -34.71 -59.27
C LYS D 658 -8.81 -34.03 -58.84
N THR D 659 -8.64 -32.88 -58.18
CA THR D 659 -9.76 -32.07 -57.73
C THR D 659 -10.26 -31.18 -58.86
N GLY D 660 -11.24 -30.33 -58.53
CA GLY D 660 -11.69 -29.34 -59.49
C GLY D 660 -10.58 -28.39 -59.91
N LYS D 661 -9.71 -28.02 -58.96
CA LYS D 661 -8.56 -27.17 -59.25
C LYS D 661 -7.39 -27.93 -59.86
N GLY D 662 -7.57 -29.21 -60.17
CA GLY D 662 -6.52 -29.97 -60.81
C GLY D 662 -5.36 -30.34 -59.91
N LYS D 663 -5.51 -30.22 -58.58
CA LYS D 663 -4.46 -30.71 -57.69
C LYS D 663 -4.67 -32.19 -57.43
N ASP D 664 -3.58 -32.86 -57.09
CA ASP D 664 -3.65 -34.29 -56.84
C ASP D 664 -4.36 -34.52 -55.52
N ARG D 665 -5.20 -35.55 -55.49
CA ARG D 665 -5.95 -35.93 -54.29
C ARG D 665 -5.51 -37.32 -53.83
N HIS D 666 -5.19 -37.41 -52.54
CA HIS D 666 -4.80 -38.65 -51.92
C HIS D 666 -5.73 -38.96 -50.76
N ILE D 667 -5.87 -40.25 -50.47
CA ILE D 667 -6.66 -40.72 -49.35
C ILE D 667 -5.74 -41.49 -48.43
N PHE D 668 -5.57 -40.96 -47.22
CA PHE D 668 -4.85 -41.66 -46.16
C PHE D 668 -5.88 -42.44 -45.33
N THR D 669 -5.73 -43.76 -45.30
CA THR D 669 -6.57 -44.60 -44.45
C THR D 669 -5.89 -44.70 -43.08
N LEU D 670 -6.57 -44.24 -42.04
CA LEU D 670 -6.00 -44.20 -40.69
C LEU D 670 -6.85 -45.03 -39.74
N VAL D 671 -6.16 -45.81 -38.91
CA VAL D 671 -6.78 -46.65 -37.89
C VAL D 671 -6.49 -46.04 -36.53
N ALA D 672 -7.54 -45.82 -35.77
CA ALA D 672 -7.39 -45.26 -34.43
C ALA D 672 -6.83 -46.34 -33.51
N VAL D 673 -5.74 -46.02 -32.82
CA VAL D 673 -5.09 -46.93 -31.91
C VAL D 673 -4.93 -46.20 -30.59
N LYS D 674 -5.43 -46.81 -29.50
CA LYS D 674 -5.33 -46.21 -28.17
C LYS D 674 -4.25 -46.91 -27.37
N SER D 675 -3.39 -46.13 -26.72
CA SER D 675 -2.28 -46.70 -25.99
C SER D 675 -1.68 -45.70 -25.03
N PRO D 676 -1.27 -46.11 -23.84
CA PRO D 676 -0.50 -45.21 -22.97
C PRO D 676 0.76 -44.70 -23.63
N ASP D 677 1.26 -45.40 -24.63
CA ASP D 677 2.46 -44.96 -25.33
C ASP D 677 2.21 -43.65 -26.09
N PHE D 678 0.99 -43.41 -26.51
CA PHE D 678 0.65 -42.17 -27.20
C PHE D 678 0.30 -41.02 -26.27
N THR D 679 0.16 -41.28 -24.97
CA THR D 679 -0.07 -40.22 -24.00
C THR D 679 1.06 -39.18 -24.06
N PRO D 680 0.71 -37.90 -24.00
CA PRO D 680 1.75 -36.86 -23.97
C PRO D 680 2.14 -36.46 -22.56
N ARG D 681 3.38 -36.06 -22.41
CA ARG D 681 3.89 -35.63 -21.12
C ARG D 681 3.69 -34.13 -20.99
N HIS D 682 2.86 -33.74 -20.03
CA HIS D 682 2.61 -32.33 -19.75
C HIS D 682 2.96 -32.05 -18.30
N GLU D 683 3.29 -30.79 -18.02
CA GLU D 683 3.63 -30.37 -16.67
C GLU D 683 2.40 -29.76 -16.01
N SER D 684 2.05 -30.30 -14.85
CA SER D 684 0.91 -29.82 -14.09
C SER D 684 1.12 -28.37 -13.62
N GLY D 685 0.00 -27.71 -13.34
CA GLY D 685 -0.02 -26.43 -12.66
C GLY D 685 -0.38 -25.24 -13.50
N TYR D 686 -0.41 -25.38 -14.84
CA TYR D 686 -0.68 -24.22 -15.69
C TYR D 686 -2.04 -23.62 -15.41
N ALA D 687 -3.01 -24.44 -14.99
CA ALA D 687 -4.35 -23.95 -14.69
C ALA D 687 -4.66 -23.88 -13.21
N VAL D 688 -4.10 -24.78 -12.40
CA VAL D 688 -4.41 -24.77 -10.98
C VAL D 688 -3.95 -23.47 -10.33
N GLY D 689 -2.78 -22.98 -10.73
CA GLY D 689 -2.22 -21.77 -10.17
C GLY D 689 -3.18 -20.59 -10.16
N PRO D 690 -3.57 -20.11 -11.34
CA PRO D 690 -4.51 -18.97 -11.39
C PRO D 690 -5.78 -19.19 -10.59
N LEU D 691 -6.29 -20.41 -10.58
CA LEU D 691 -7.48 -20.72 -9.78
C LEU D 691 -7.19 -20.51 -8.30
N LEU D 692 -6.01 -20.94 -7.85
CA LEU D 692 -5.61 -20.72 -6.46
C LEU D 692 -5.49 -19.24 -6.14
N LYS D 693 -4.97 -18.46 -7.10
CA LYS D 693 -4.92 -17.01 -6.91
C LYS D 693 -6.30 -16.44 -6.74
N MSE D 694 -7.28 -17.00 -7.44
CA MSE D 694 -8.65 -16.50 -7.38
C MSE D 694 -9.33 -16.77 -6.05
O MSE D 694 -10.20 -16.01 -5.63
CB MSE D 694 -9.46 -17.13 -8.52
CG MSE D 694 -8.99 -16.63 -9.87
SE MSE D 694 -9.94 -17.49 -11.31
CE MSE D 694 -8.90 -16.88 -12.82
N GLN D 695 -8.94 -17.85 -5.35
CA GLN D 695 -9.47 -18.07 -4.02
C GLN D 695 -8.78 -17.23 -2.95
N THR D 696 -7.78 -16.46 -3.32
CA THR D 696 -7.11 -15.60 -2.36
C THR D 696 -8.02 -14.46 -1.93
N PRO D 697 -8.22 -14.27 -0.62
CA PRO D 697 -9.13 -13.21 -0.15
C PRO D 697 -8.51 -11.83 -0.27
N LYS D 698 -9.37 -10.83 -0.48
CA LYS D 698 -8.90 -9.45 -0.36
C LYS D 698 -8.83 -9.00 1.09
N LEU D 699 -9.75 -9.49 1.94
CA LEU D 699 -9.83 -9.14 3.36
C LEU D 699 -9.93 -7.62 3.54
N GLU D 700 -10.97 -7.05 2.94
CA GLU D 700 -11.16 -5.60 3.01
C GLU D 700 -11.49 -5.15 4.43
N GLU D 701 -12.23 -5.98 5.16
CA GLU D 701 -12.62 -5.64 6.53
C GLU D 701 -11.39 -5.49 7.42
N ILE D 702 -10.37 -6.33 7.21
CA ILE D 702 -9.14 -6.24 7.99
C ILE D 702 -8.34 -5.01 7.58
N GLN D 703 -8.29 -4.69 6.29
CA GLN D 703 -7.68 -3.44 5.84
C GLN D 703 -8.32 -2.24 6.52
N ARG D 704 -9.64 -2.27 6.68
CA ARG D 704 -10.30 -1.18 7.38
C ARG D 704 -10.03 -1.24 8.88
N LEU D 705 -9.75 -2.43 9.43
CA LEU D 705 -9.35 -2.52 10.83
C LEU D 705 -8.00 -1.85 11.07
N VAL D 706 -7.00 -2.10 10.20
CA VAL D 706 -5.69 -1.49 10.43
C VAL D 706 -5.72 0.00 10.08
N GLU D 707 -6.44 0.38 9.01
CA GLU D 707 -6.58 1.81 8.72
C GLU D 707 -7.28 2.54 9.85
N GLN D 708 -8.21 1.86 10.55
CA GLN D 708 -8.85 2.46 11.72
C GLN D 708 -7.93 2.46 12.94
N ALA D 709 -7.08 1.45 13.09
CA ALA D 709 -6.12 1.43 14.18
C ALA D 709 -4.93 2.35 13.93
N ARG D 710 -4.85 2.96 12.74
CA ARG D 710 -3.84 3.96 12.42
C ARG D 710 -4.39 5.39 12.48
N GLU D 711 -5.65 5.56 12.85
CA GLU D 711 -6.23 6.89 12.92
C GLU D 711 -5.57 7.68 14.04
N GLU D 712 -5.24 8.91 13.75
CA GLU D 712 -4.69 9.71 14.83
C GLU D 712 -5.82 10.12 15.78
N PRO D 713 -5.57 10.14 17.09
CA PRO D 713 -6.62 10.57 18.01
C PRO D 713 -6.92 12.06 17.82
N ASP D 714 -8.16 12.42 18.13
CA ASP D 714 -8.60 13.82 18.00
C ASP D 714 -8.31 14.52 19.33
N LEU D 715 -7.06 14.95 19.47
CA LEU D 715 -6.68 15.73 20.63
C LEU D 715 -7.29 17.11 20.61
N GLU D 716 -7.55 17.66 19.41
CA GLU D 716 -8.19 18.96 19.29
C GLU D 716 -9.48 19.03 20.11
N ARG D 717 -10.29 17.97 20.06
CA ARG D 717 -11.51 17.92 20.88
C ARG D 717 -11.17 17.91 22.36
N VAL D 718 -10.07 17.23 22.73
CA VAL D 718 -9.67 17.17 24.13
C VAL D 718 -9.26 18.55 24.62
N PHE D 719 -8.52 19.30 23.79
CA PHE D 719 -8.14 20.65 24.17
C PHE D 719 -9.35 21.56 24.26
N ASN D 720 -10.25 21.51 23.26
CA ASN D 720 -11.48 22.30 23.33
C ASN D 720 -12.24 22.03 24.63
N LEU D 721 -12.27 20.78 25.07
CA LEU D 721 -12.96 20.47 26.31
C LEU D 721 -12.19 20.97 27.53
N GLN D 722 -10.86 20.92 27.48
CA GLN D 722 -10.05 21.50 28.55
C GLN D 722 -10.27 23.00 28.65
N SER D 723 -10.41 23.67 27.50
CA SER D 723 -10.69 25.10 27.48
C SER D 723 -12.04 25.40 28.10
N ARG D 724 -13.05 24.59 27.75
CA ARG D 724 -14.38 24.79 28.33
C ARG D 724 -14.36 24.61 29.85
N VAL D 725 -13.75 23.51 30.33
CA VAL D 725 -13.65 23.26 31.76
C VAL D 725 -12.85 24.36 32.45
N ALA D 726 -11.84 24.88 31.77
CA ALA D 726 -11.02 25.95 32.32
C ALA D 726 -11.83 27.22 32.52
N ARG D 727 -12.46 27.70 31.44
CA ARG D 727 -13.22 28.94 31.51
C ARG D 727 -14.46 28.83 32.40
N GLN D 728 -14.93 27.61 32.67
CA GLN D 728 -16.05 27.51 33.60
C GLN D 728 -15.61 27.35 35.06
N ALA D 729 -14.53 26.61 35.31
CA ALA D 729 -14.10 26.44 36.70
C ALA D 729 -13.34 27.65 37.22
N LYS D 730 -12.73 28.46 36.36
CA LYS D 730 -12.16 29.71 36.85
C LYS D 730 -13.25 30.72 37.20
N PHE D 731 -14.38 30.67 36.51
CA PHE D 731 -15.49 31.57 36.77
C PHE D 731 -16.77 30.77 36.97
N SER D 732 -17.22 30.67 38.23
CA SER D 732 -18.41 29.92 38.61
C SER D 732 -18.70 30.22 40.07
N THR D 733 -19.95 30.59 40.39
CA THR D 733 -20.30 30.84 41.78
C THR D 733 -20.68 29.57 42.51
N GLU D 734 -21.01 28.50 41.78
CA GLU D 734 -21.31 27.22 42.40
C GLU D 734 -20.05 26.66 43.07
N SER D 735 -20.25 25.97 44.19
CA SER D 735 -19.13 25.39 44.94
C SER D 735 -18.82 23.96 44.52
N GLY D 736 -19.83 23.13 44.28
CA GLY D 736 -19.65 21.72 44.01
C GLY D 736 -19.51 21.45 42.53
N TYR D 737 -19.97 22.43 41.73
CA TYR D 737 -19.71 22.38 40.30
C TYR D 737 -18.30 22.84 39.99
N LYS D 738 -17.77 23.83 40.72
CA LYS D 738 -16.38 24.23 40.52
C LYS D 738 -15.42 23.21 41.11
N THR D 739 -15.69 22.73 42.34
CA THR D 739 -14.87 21.68 42.92
C THR D 739 -14.98 20.39 42.09
N PHE D 740 -16.20 20.10 41.62
CA PHE D 740 -16.39 18.94 40.76
C PHE D 740 -15.62 19.06 39.44
N LEU D 741 -15.66 20.24 38.82
CA LEU D 741 -14.96 20.42 37.55
C LEU D 741 -13.45 20.35 37.73
N ASN D 742 -12.91 21.10 38.71
CA ASN D 742 -11.47 21.17 38.90
C ASN D 742 -10.91 19.90 39.53
N GLU D 743 -11.75 19.08 40.15
CA GLU D 743 -11.28 17.89 40.86
C GLU D 743 -11.72 16.57 40.23
N LYS D 744 -12.83 16.54 39.50
CA LYS D 744 -13.33 15.30 38.93
C LYS D 744 -13.20 15.23 37.42
N VAL D 745 -13.20 16.37 36.73
CA VAL D 745 -13.23 16.40 35.27
C VAL D 745 -11.86 16.73 34.68
N ALA D 746 -11.33 17.92 35.02
CA ALA D 746 -10.03 18.35 34.49
C ALA D 746 -8.90 17.34 34.68
N PRO D 747 -8.78 16.61 35.81
CA PRO D 747 -7.75 15.56 35.88
C PRO D 747 -7.90 14.46 34.84
N VAL D 748 -9.13 13.98 34.62
CA VAL D 748 -9.33 12.93 33.63
C VAL D 748 -9.03 13.46 32.22
N LEU D 749 -9.22 14.76 32.00
CA LEU D 749 -8.89 15.33 30.69
C LEU D 749 -7.39 15.47 30.49
N GLU D 750 -6.66 15.90 31.53
CA GLU D 750 -5.21 15.98 31.43
C GLU D 750 -4.59 14.60 31.23
N GLN D 751 -4.99 13.65 32.09
CA GLN D 751 -4.51 12.28 31.96
C GLN D 751 -4.85 11.69 30.59
N SER D 752 -6.10 11.87 30.15
CA SER D 752 -6.50 11.34 28.85
C SER D 752 -5.68 11.96 27.73
N LEU D 753 -5.49 13.27 27.75
CA LEU D 753 -4.69 13.93 26.72
C LEU D 753 -3.30 13.34 26.68
N ASN D 754 -2.73 13.05 27.85
CA ASN D 754 -1.39 12.49 27.90
C ASN D 754 -1.38 11.05 27.39
N GLY D 755 -2.35 10.25 27.81
CA GLY D 755 -2.43 8.87 27.34
C GLY D 755 -2.61 8.75 25.84
N LEU D 756 -3.40 9.64 25.25
CA LEU D 756 -3.56 9.64 23.80
C LEU D 756 -2.31 10.17 23.10
N LEU D 757 -1.58 11.09 23.75
CA LEU D 757 -0.36 11.60 23.15
C LEU D 757 0.79 10.59 23.19
N ASP D 758 0.91 9.85 24.31
CA ASP D 758 1.93 8.82 24.50
C ASP D 758 1.49 7.40 24.16
N ASN D 759 0.20 7.16 23.97
CA ASN D 759 -0.35 5.86 23.56
C ASN D 759 -0.22 4.79 24.65
N ASN D 760 0.06 5.21 25.89
CA ASN D 760 0.22 4.27 27.00
C ASN D 760 -1.13 3.64 27.32
N VAL D 761 -1.27 2.33 27.06
CA VAL D 761 -2.55 1.68 27.28
C VAL D 761 -2.86 1.45 28.75
N THR D 762 -1.85 1.53 29.64
CA THR D 762 -2.11 1.34 31.06
C THR D 762 -2.89 2.52 31.65
N ILE D 763 -2.44 3.75 31.37
CA ILE D 763 -3.18 4.92 31.84
C ILE D 763 -4.57 4.97 31.21
N LEU D 764 -4.67 4.61 29.93
CA LEU D 764 -5.96 4.66 29.24
C LEU D 764 -6.96 3.69 29.85
N GLY D 765 -6.52 2.47 30.18
CA GLY D 765 -7.44 1.49 30.72
C GLY D 765 -8.11 1.93 32.02
N LYS D 766 -7.37 2.62 32.88
CA LYS D 766 -7.89 3.00 34.18
C LYS D 766 -8.50 4.40 34.23
N VAL D 767 -8.18 5.30 33.30
CA VAL D 767 -8.88 6.59 33.31
C VAL D 767 -10.36 6.42 33.00
N LEU D 768 -10.77 5.31 32.38
CA LEU D 768 -12.19 5.04 32.17
C LEU D 768 -12.97 5.02 33.49
N SER D 769 -12.42 4.39 34.53
CA SER D 769 -13.06 4.41 35.84
C SER D 769 -13.10 5.80 36.45
N ALA D 770 -12.25 6.72 35.98
CA ALA D 770 -12.15 8.06 36.55
C ALA D 770 -13.19 9.03 36.01
N PHE D 771 -13.79 8.72 34.86
CA PHE D 771 -14.81 9.58 34.29
C PHE D 771 -15.99 9.66 35.26
N PRO D 772 -16.62 10.83 35.41
CA PRO D 772 -17.78 10.92 36.30
C PRO D 772 -18.99 10.19 35.71
N SER D 773 -19.84 9.72 36.61
CA SER D 773 -21.07 9.06 36.19
C SER D 773 -22.03 10.08 35.59
N ASP D 774 -23.02 9.57 34.86
CA ASP D 774 -24.11 10.44 34.39
C ASP D 774 -24.86 11.04 35.56
N GLY D 775 -24.85 10.36 36.72
CA GLY D 775 -25.46 10.92 37.91
C GLY D 775 -24.63 12.01 38.57
N GLN D 776 -23.30 11.90 38.48
CA GLN D 776 -22.46 12.97 39.03
C GLN D 776 -22.58 14.25 38.20
N TRP D 777 -22.80 14.10 36.89
CA TRP D 777 -23.07 15.24 36.03
C TRP D 777 -24.50 15.74 36.19
N SER D 778 -25.44 14.82 36.38
CA SER D 778 -26.86 15.13 36.47
C SER D 778 -27.22 15.94 37.71
N ALA D 779 -26.32 16.00 38.70
CA ALA D 779 -26.59 16.85 39.86
C ALA D 779 -26.72 18.32 39.49
N PHE D 780 -26.36 18.70 38.27
CA PHE D 780 -26.30 20.09 37.82
C PHE D 780 -26.99 20.18 36.46
N ASN D 781 -28.11 20.91 36.42
CA ASN D 781 -28.94 21.00 35.22
C ASN D 781 -28.61 22.23 34.39
N SER D 782 -27.39 22.74 34.50
CA SER D 782 -27.01 23.88 33.69
C SER D 782 -26.96 23.47 32.22
N VAL D 783 -26.96 24.48 31.35
CA VAL D 783 -26.90 24.23 29.91
C VAL D 783 -25.50 23.74 29.53
N GLU D 784 -24.47 24.43 30.00
CA GLU D 784 -23.11 24.04 29.69
C GLU D 784 -22.72 22.72 30.34
N ALA D 785 -23.36 22.35 31.46
CA ALA D 785 -23.09 21.05 32.08
C ALA D 785 -23.50 19.92 31.15
N ARG D 786 -24.71 20.01 30.58
CA ARG D 786 -25.14 19.02 29.60
C ARG D 786 -24.28 19.09 28.34
N GLN D 787 -24.08 20.30 27.82
CA GLN D 787 -23.30 20.51 26.61
C GLN D 787 -21.89 19.95 26.73
N MSE D 788 -21.36 19.88 27.94
CA MSE D 788 -20.05 19.33 28.18
C MSE D 788 -20.09 17.84 28.42
O MSE D 788 -19.22 17.13 27.97
CB MSE D 788 -19.37 20.00 29.37
CG MSE D 788 -18.74 21.30 29.06
SE MSE D 788 -18.46 22.31 30.69
CE MSE D 788 -17.34 21.10 31.67
N LYS D 789 -21.13 17.39 29.14
CA LYS D 789 -21.32 15.96 29.38
C LYS D 789 -21.40 15.18 28.08
N ILE D 790 -21.97 15.79 27.03
CA ILE D 790 -22.00 15.14 25.72
C ILE D 790 -20.58 14.97 25.18
N GLN D 791 -19.71 15.95 25.45
CA GLN D 791 -18.33 15.92 24.95
C GLN D 791 -17.46 14.99 25.79
N MSE D 792 -17.70 14.95 27.10
CA MSE D 792 -16.99 14.07 28.01
C MSE D 792 -17.31 12.63 27.68
O MSE D 792 -16.46 11.75 27.78
CB MSE D 792 -17.35 14.39 29.46
CG MSE D 792 -16.40 13.79 30.48
SE MSE D 792 -14.64 14.62 30.33
CE MSE D 792 -13.76 13.97 31.97
N ASP D 793 -18.56 12.40 27.26
CA ASP D 793 -18.93 11.06 26.81
C ASP D 793 -18.31 10.74 25.46
N ALA D 794 -18.22 11.72 24.56
CA ALA D 794 -17.56 11.47 23.28
C ALA D 794 -16.08 11.11 23.47
N ILE D 795 -15.40 11.80 24.39
CA ILE D 795 -13.99 11.48 24.66
C ILE D 795 -13.87 10.15 25.39
N LYS D 796 -14.77 9.88 26.34
CA LYS D 796 -14.80 8.56 26.99
C LYS D 796 -14.91 7.45 25.97
N GLN D 797 -15.73 7.66 24.93
CA GLN D 797 -15.80 6.71 23.81
C GLN D 797 -14.47 6.63 23.08
N MSE D 798 -13.81 7.77 22.89
CA MSE D 798 -12.52 7.80 22.20
C MSE D 798 -11.46 6.93 22.91
O MSE D 798 -10.85 6.06 22.29
CB MSE D 798 -12.04 9.24 22.09
CG MSE D 798 -10.59 9.39 21.66
SE MSE D 798 -10.12 11.28 21.58
CE MSE D 798 -11.48 11.94 20.35
N VAL D 799 -11.25 7.19 24.21
CA VAL D 799 -10.22 6.47 24.95
C VAL D 799 -10.64 5.02 25.21
N GLU D 800 -11.93 4.76 25.40
CA GLU D 800 -12.37 3.37 25.52
C GLU D 800 -12.11 2.59 24.24
N LYS D 801 -12.37 3.21 23.08
CA LYS D 801 -12.07 2.59 21.81
C LYS D 801 -10.58 2.34 21.64
N LYS D 802 -9.75 3.31 22.02
CA LYS D 802 -8.32 3.16 21.79
C LYS D 802 -7.71 2.12 22.73
N ALA D 803 -8.06 2.15 24.01
CA ALA D 803 -7.51 1.22 24.99
C ALA D 803 -7.96 -0.22 24.76
N VAL D 804 -9.07 -0.42 24.04
CA VAL D 804 -9.57 -1.76 23.75
C VAL D 804 -8.84 -2.35 22.54
N LEU D 805 -8.61 -1.55 21.50
CA LEU D 805 -7.84 -2.03 20.36
C LEU D 805 -6.42 -2.39 20.80
N GLU D 806 -5.66 -1.40 21.24
CA GLU D 806 -4.27 -1.59 21.63
C GLU D 806 -4.13 -2.50 22.85
N GLY D 807 -5.11 -2.47 23.74
CA GLY D 807 -5.00 -3.22 24.98
C GLY D 807 -5.56 -4.62 24.93
N GLN D 808 -6.52 -4.86 24.04
CA GLN D 808 -7.20 -6.15 23.96
C GLN D 808 -7.13 -6.80 22.59
N ILE D 809 -7.47 -6.06 21.54
CA ILE D 809 -7.71 -6.67 20.23
C ILE D 809 -6.39 -6.95 19.52
N LEU D 810 -5.65 -5.90 19.15
CA LEU D 810 -4.38 -6.07 18.46
C LEU D 810 -3.43 -7.05 19.13
N PRO D 811 -3.25 -7.05 20.46
CA PRO D 811 -2.41 -8.09 21.07
C PRO D 811 -2.98 -9.49 20.86
N ALA D 812 -4.30 -9.64 20.93
CA ALA D 812 -4.93 -10.94 20.67
C ALA D 812 -4.77 -11.36 19.22
N LEU D 813 -4.74 -10.41 18.29
CA LEU D 813 -4.50 -10.75 16.89
C LEU D 813 -3.06 -11.16 16.66
N ALA D 814 -2.12 -10.51 17.36
CA ALA D 814 -0.73 -10.97 17.32
C ALA D 814 -0.60 -12.39 17.85
N GLN D 815 -1.23 -12.68 19.00
CA GLN D 815 -1.18 -14.04 19.56
C GLN D 815 -1.81 -15.04 18.60
N CYS D 816 -2.90 -14.66 17.94
CA CYS D 816 -3.52 -15.55 16.98
C CYS D 816 -2.57 -15.84 15.83
N GLN D 817 -1.98 -14.79 15.23
CA GLN D 817 -1.08 -14.99 14.09
C GLN D 817 0.11 -15.85 14.47
N ASN D 818 0.75 -15.53 15.60
CA ASN D 818 1.90 -16.29 16.06
C ASN D 818 1.52 -17.75 16.30
N ALA D 819 0.34 -17.98 16.89
CA ALA D 819 -0.16 -19.34 17.07
C ALA D 819 -0.53 -20.01 15.75
N LEU D 820 -0.65 -19.25 14.67
CA LEU D 820 -0.96 -19.82 13.36
C LEU D 820 0.29 -20.20 12.58
N GLU D 821 1.31 -19.32 12.56
CA GLU D 821 2.57 -19.66 11.92
C GLU D 821 3.27 -20.82 12.62
N LYS D 822 2.86 -21.13 13.85
CA LYS D 822 3.35 -22.26 14.62
C LYS D 822 2.49 -23.51 14.44
N GLN D 823 1.39 -23.42 13.68
CA GLN D 823 0.44 -24.52 13.46
C GLN D 823 -0.19 -25.00 14.78
N ASN D 824 -0.48 -24.06 15.66
CA ASN D 824 -1.25 -24.32 16.88
C ASN D 824 -2.61 -23.65 16.70
N ILE D 825 -3.50 -24.35 15.99
CA ILE D 825 -4.80 -23.80 15.66
C ILE D 825 -5.66 -23.60 16.91
N ALA D 826 -5.65 -24.57 17.83
CA ALA D 826 -6.45 -24.48 19.04
C ALA D 826 -6.03 -23.29 19.90
N GLY D 827 -4.72 -23.06 20.03
CA GLY D 827 -4.25 -21.87 20.73
C GLY D 827 -4.54 -20.59 19.97
N ALA D 828 -4.56 -20.67 18.64
CA ALA D 828 -4.92 -19.50 17.84
C ALA D 828 -6.34 -19.07 18.15
N LEU D 829 -7.27 -20.03 18.26
CA LEU D 829 -8.64 -19.68 18.64
C LEU D 829 -8.72 -19.28 20.11
N GLN D 830 -7.83 -19.81 20.97
CA GLN D 830 -7.76 -19.29 22.34
C GLN D 830 -7.38 -17.81 22.36
N ALA D 831 -6.49 -17.38 21.46
CA ALA D 831 -6.06 -15.98 21.44
C ALA D 831 -7.25 -15.04 21.27
N LEU D 832 -8.20 -15.41 20.41
CA LEU D 832 -9.38 -14.57 20.22
C LEU D 832 -10.45 -14.82 21.29
N ARG D 833 -10.55 -16.04 21.82
CA ARG D 833 -11.59 -16.31 22.81
C ARG D 833 -11.18 -15.82 24.19
N ASN D 834 -9.90 -16.03 24.55
CA ASN D 834 -9.38 -15.69 25.87
C ASN D 834 -8.76 -14.30 25.82
N ILE D 835 -9.62 -13.30 25.93
CA ILE D 835 -9.21 -11.91 25.95
C ILE D 835 -9.26 -11.44 27.40
N PRO D 836 -8.13 -11.07 28.00
CA PRO D 836 -8.18 -10.55 29.37
C PRO D 836 -8.82 -9.17 29.42
N SER D 837 -9.60 -8.93 30.48
CA SER D 837 -10.17 -7.62 30.70
C SER D 837 -9.14 -6.72 31.37
N LEU D 838 -9.54 -5.48 31.66
CA LEU D 838 -8.64 -4.51 32.26
C LEU D 838 -8.93 -4.31 33.74
PB ADP E . -5.44 78.96 54.28
O1B ADP E . -5.35 79.43 52.84
O2B ADP E . -5.21 80.06 55.30
O3B ADP E . -6.65 78.10 54.56
PA ADP E . -2.68 78.27 54.84
O1A ADP E . -2.09 77.11 55.61
O2A ADP E . -2.58 79.67 55.43
O3A ADP E . -4.21 77.91 54.44
O5' ADP E . -2.04 78.27 53.37
C5' ADP E . -1.97 79.45 52.57
C4' ADP E . -1.06 79.15 51.39
O4' ADP E . -1.70 78.30 50.43
C3' ADP E . -0.61 80.39 50.64
O3' ADP E . 0.63 80.89 51.16
C2' ADP E . -0.42 79.90 49.22
O2' ADP E . 0.96 79.63 48.99
C1' ADP E . -1.19 78.59 49.11
N9 ADP E . -2.31 78.87 48.18
C8 ADP E . -3.61 79.01 48.52
N7 ADP E . -4.38 79.30 47.43
C5 ADP E . -3.56 79.34 46.36
C6 ADP E . -3.73 79.61 44.91
N6 ADP E . -4.95 79.86 44.38
N1 ADP E . -2.61 79.59 44.14
C2 ADP E . -1.39 79.32 44.68
N3 ADP E . -1.16 79.08 45.98
C4 ADP E . -2.20 79.07 46.87
PB ADP F . 3.12 -80.65 -56.94
O1B ADP F . 3.09 -81.46 -58.22
O2B ADP F . 4.33 -79.75 -56.83
O3B ADP F . 2.81 -81.46 -55.70
PA ADP F . 1.45 -78.81 -58.36
O1A ADP F . 1.92 -79.52 -59.62
O2A ADP F . -0.01 -78.43 -58.23
O3A ADP F . 1.87 -79.62 -57.03
O5' ADP F . 2.30 -77.44 -58.24
C5' ADP F . 3.62 -77.31 -58.78
C4' ADP F . 3.86 -75.83 -59.05
O4' ADP F . 4.59 -75.22 -57.99
C3' ADP F . 4.66 -75.58 -60.32
O3' ADP F . 3.81 -75.26 -61.43
C2' ADP F . 5.54 -74.39 -59.98
O2' ADP F . 5.14 -73.22 -60.70
C1' ADP F . 5.37 -74.14 -58.50
N9 ADP F . 6.75 -74.13 -57.95
C8 ADP F . 7.38 -75.11 -57.26
N7 ADP F . 8.64 -74.75 -56.92
C5 ADP F . 8.83 -73.50 -57.41
C6 ADP F . 9.93 -72.50 -57.43
N6 ADP F . 11.12 -72.80 -56.83
N1 ADP F . 9.71 -71.31 -58.05
C2 ADP F . 8.54 -71.01 -58.65
N3 ADP F . 7.50 -71.87 -58.67
C4 ADP F . 7.58 -73.10 -58.08
#